data_3CIS
#
_entry.id   3CIS
#
_cell.length_a   172.975
_cell.length_b   241.480
_cell.length_c   241.659
_cell.angle_alpha   90.00
_cell.angle_beta   90.00
_cell.angle_gamma   90.00
#
_symmetry.space_group_name_H-M   'C 2 2 21'
#
loop_
_entity.id
_entity.type
_entity.pdbx_description
1 polymer 'Uncharacterized protein'
2 non-polymer 'MAGNESIUM ION'
3 non-polymer "ADENOSINE-5'-TRIPHOSPHATE"
4 water water
#
_entity_poly.entity_id   1
_entity_poly.type   'polypeptide(L)'
_entity_poly.pdbx_seq_one_letter_code
;MRGSHHHHHHGSMSSGNSSLGIIVGIDDSPAAQVAVRWAARDAELRKIPLTLVHAVSPEVATWLEVPLPPGVLRWQQDHG
RHLIDDALKVVEQASLRAGPPTVHSEIVPAAAVPTLVDMSKDAVLMVVGCLGSGRWPGRLLGSVSSGLLRHAHCPVVIIH
DEDSVMPHPQQAPVLVGVDGSSASELATAIAFDEASRRNVDLVALHAWSDVDVSEWPGIDWPATQSMAEQVLAERLAGWQ
ERYPNVAITRVVVRDQPARQLVQRSEEAQLVVVGSRGRGGYAGMLVGSVGETVAQLARTPVIVARESLT
;
_entity_poly.pdbx_strand_id   A,B,C,D,E,F,G,H
#
# COMPACT_ATOMS: atom_id res chain seq x y z
N SER A 18 16.94 30.39 25.41
CA SER A 18 16.93 28.98 25.93
C SER A 18 15.54 28.35 25.86
N SER A 19 14.66 28.94 25.06
CA SER A 19 13.28 28.47 24.92
C SER A 19 13.19 27.04 24.36
N LEU A 20 14.22 26.61 23.65
CA LEU A 20 14.23 25.27 23.07
C LEU A 20 14.70 24.19 24.06
N GLY A 21 15.26 24.63 25.19
CA GLY A 21 15.71 23.71 26.23
C GLY A 21 16.85 22.84 25.76
N ILE A 22 16.66 21.51 25.85
CA ILE A 22 17.67 20.59 25.38
C ILE A 22 17.34 20.06 23.99
N ILE A 23 18.23 20.32 23.04
CA ILE A 23 18.05 19.84 21.69
C ILE A 23 18.86 18.58 21.50
N VAL A 24 18.25 17.55 20.91
CA VAL A 24 19.00 16.36 20.55
C VAL A 24 18.79 16.04 19.08
N GLY A 25 19.90 15.89 18.35
CA GLY A 25 19.85 15.54 16.94
C GLY A 25 19.67 14.04 16.75
N ILE A 26 18.70 13.68 15.92
CA ILE A 26 18.30 12.30 15.71
C ILE A 26 18.74 11.81 14.33
N ASP A 27 19.30 10.61 14.28
CA ASP A 27 19.49 9.90 13.02
C ASP A 27 19.42 8.41 13.31
N ASP A 28 19.54 7.58 12.28
CA ASP A 28 19.41 6.15 12.48
C ASP A 28 20.74 5.52 12.89
N SER A 29 21.00 5.50 14.20
CA SER A 29 22.29 5.01 14.71
C SER A 29 22.22 4.74 16.21
N PRO A 30 23.01 3.76 16.68
CA PRO A 30 23.04 3.39 18.08
C PRO A 30 23.34 4.59 18.99
N ALA A 31 24.34 5.40 18.62
CA ALA A 31 24.72 6.55 19.43
C ALA A 31 23.58 7.56 19.58
N ALA A 32 22.88 7.82 18.48
CA ALA A 32 21.77 8.78 18.50
C ALA A 32 20.68 8.32 19.45
N GLN A 33 20.51 7.01 19.58
CA GLN A 33 19.49 6.48 20.46
C GLN A 33 19.85 6.73 21.93
N VAL A 34 21.08 6.41 22.32
CA VAL A 34 21.46 6.64 23.71
C VAL A 34 21.61 8.15 23.99
N ALA A 35 21.87 8.93 22.94
CA ALA A 35 21.84 10.38 23.05
C ALA A 35 20.47 10.89 23.49
N VAL A 36 19.42 10.29 22.94
CA VAL A 36 18.04 10.65 23.30
C VAL A 36 17.76 10.28 24.76
N ARG A 37 18.24 9.13 25.20
CA ARG A 37 18.09 8.71 26.58
C ARG A 37 18.73 9.75 27.50
N TRP A 38 19.98 10.13 27.21
CA TRP A 38 20.69 11.10 28.03
C TRP A 38 19.97 12.45 28.04
N ALA A 39 19.61 12.94 26.86
CA ALA A 39 18.93 14.23 26.74
C ALA A 39 17.61 14.25 27.51
N ALA A 40 16.85 13.16 27.41
CA ALA A 40 15.59 13.06 28.15
C ALA A 40 15.80 13.16 29.65
N ARG A 41 16.74 12.38 30.17
CA ARG A 41 17.08 12.42 31.60
C ARG A 41 17.46 13.84 32.02
N ASP A 42 18.31 14.48 31.23
CA ASP A 42 18.79 15.81 31.57
C ASP A 42 17.70 16.86 31.49
N ALA A 43 16.87 16.78 30.46
CA ALA A 43 15.76 17.72 30.31
C ALA A 43 14.78 17.56 31.46
N GLU A 44 14.57 16.31 31.88
CA GLU A 44 13.71 16.01 33.02
C GLU A 44 14.32 16.57 34.29
N LEU A 45 15.61 16.32 34.46
CA LEU A 45 16.33 16.76 35.65
C LEU A 45 16.26 18.27 35.83
N ARG A 46 16.51 19.01 34.77
CA ARG A 46 16.50 20.47 34.81
C ARG A 46 15.09 21.04 34.69
N LYS A 47 14.13 20.15 34.43
CA LYS A 47 12.76 20.55 34.14
C LYS A 47 12.69 21.63 33.06
N ILE A 48 13.28 21.34 31.91
CA ILE A 48 13.24 22.23 30.76
C ILE A 48 12.84 21.46 29.51
N PRO A 49 12.37 22.16 28.46
CA PRO A 49 11.91 21.53 27.23
C PRO A 49 12.93 20.59 26.58
N LEU A 50 12.44 19.50 26.01
CA LEU A 50 13.25 18.64 25.16
C LEU A 50 12.80 18.79 23.71
N THR A 51 13.75 18.98 22.81
CA THR A 51 13.47 19.16 21.40
C THR A 51 14.21 18.15 20.53
N LEU A 52 13.47 17.25 19.91
CA LEU A 52 14.08 16.28 19.00
C LEU A 52 14.10 16.86 17.60
N VAL A 53 15.25 16.75 16.93
CA VAL A 53 15.40 17.33 15.60
C VAL A 53 16.06 16.34 14.66
N HIS A 54 15.41 16.10 13.52
CA HIS A 54 16.00 15.34 12.44
C HIS A 54 16.05 16.21 11.21
N ALA A 55 17.23 16.33 10.60
CA ALA A 55 17.39 17.17 9.42
C ALA A 55 17.61 16.33 8.17
N VAL A 56 16.79 16.57 7.15
CA VAL A 56 16.97 15.91 5.86
C VAL A 56 17.28 16.97 4.83
N SER A 57 18.37 16.80 4.11
CA SER A 57 18.71 17.71 3.04
C SER A 57 17.97 17.28 1.78
N PRO A 58 16.99 18.08 1.35
CA PRO A 58 16.03 17.70 0.31
C PRO A 58 16.66 17.76 -1.08
N GLU A 59 17.87 18.31 -1.14
CA GLU A 59 18.56 18.49 -2.40
C GLU A 59 19.90 17.74 -2.38
N VAL A 60 20.26 17.15 -3.51
CA VAL A 60 21.54 16.45 -3.65
C VAL A 60 22.27 16.99 -4.88
N ALA A 61 22.92 18.14 -4.72
CA ALA A 61 23.64 18.79 -5.81
C ALA A 61 24.48 17.79 -6.63
N THR A 62 24.12 17.62 -7.89
CA THR A 62 24.82 16.69 -8.76
C THR A 62 25.27 17.39 -10.05
N TRP A 63 26.20 16.77 -10.78
CA TRP A 63 26.75 17.35 -12.00
C TRP A 63 25.69 17.51 -13.10
N LEU A 64 24.78 16.55 -13.19
CA LEU A 64 23.72 16.57 -14.19
C LEU A 64 22.69 17.67 -13.92
N GLU A 65 22.71 18.20 -12.70
CA GLU A 65 21.78 19.25 -12.28
C GLU A 65 20.31 18.81 -12.42
N VAL A 66 20.05 17.57 -12.02
CA VAL A 66 18.70 17.02 -11.97
C VAL A 66 18.25 16.98 -10.51
N PRO A 67 17.03 17.47 -10.22
CA PRO A 67 16.48 17.39 -8.86
C PRO A 67 16.16 15.95 -8.48
N LEU A 68 15.71 15.74 -7.24
CA LEU A 68 15.41 14.40 -6.75
C LEU A 68 14.02 13.94 -7.19
N PRO A 69 13.91 12.68 -7.62
CA PRO A 69 12.59 12.09 -7.87
C PRO A 69 11.69 12.33 -6.66
N PRO A 70 10.54 12.99 -6.87
CA PRO A 70 9.66 13.36 -5.76
C PRO A 70 9.27 12.16 -4.90
N GLY A 71 9.55 10.95 -5.40
CA GLY A 71 9.27 9.71 -4.68
C GLY A 71 10.29 9.46 -3.59
N VAL A 72 11.53 9.81 -3.88
CA VAL A 72 12.63 9.72 -2.91
C VAL A 72 12.45 10.77 -1.82
N LEU A 73 11.99 11.94 -2.22
CA LEU A 73 11.79 13.06 -1.32
C LEU A 73 10.72 12.73 -0.28
N ARG A 74 9.75 11.93 -0.68
CA ARG A 74 8.69 11.50 0.22
C ARG A 74 9.18 10.40 1.16
N TRP A 75 10.08 9.55 0.65
CA TRP A 75 10.62 8.45 1.43
C TRP A 75 11.38 8.93 2.66
N GLN A 76 12.14 10.01 2.51
CA GLN A 76 12.96 10.48 3.61
C GLN A 76 12.15 11.24 4.67
N GLN A 77 11.01 11.77 4.27
CA GLN A 77 10.06 12.32 5.22
C GLN A 77 9.43 11.18 6.00
N ASP A 78 9.22 10.07 5.30
CA ASP A 78 8.64 8.87 5.90
C ASP A 78 9.65 8.25 6.85
N HIS A 79 10.93 8.31 6.46
CA HIS A 79 12.03 7.80 7.28
C HIS A 79 12.24 8.64 8.54
N GLY A 80 12.18 9.96 8.39
CA GLY A 80 12.29 10.85 9.53
C GLY A 80 11.15 10.60 10.51
N ARG A 81 9.96 10.43 9.96
CA ARG A 81 8.76 10.17 10.76
C ARG A 81 8.94 8.95 11.66
N HIS A 82 9.55 7.90 11.11
CA HIS A 82 9.77 6.67 11.87
C HIS A 82 10.81 6.85 12.98
N LEU A 83 11.86 7.59 12.68
CA LEU A 83 12.88 7.93 13.68
C LEU A 83 12.25 8.64 14.86
N ILE A 84 11.49 9.69 14.58
CA ILE A 84 10.83 10.47 15.61
C ILE A 84 9.93 9.59 16.48
N ASP A 85 9.13 8.75 15.82
CA ASP A 85 8.22 7.85 16.55
C ASP A 85 8.98 6.99 17.55
N ASP A 86 10.06 6.35 17.07
CA ASP A 86 10.94 5.59 17.94
C ASP A 86 11.50 6.48 19.05
N ALA A 87 12.07 7.60 18.66
CA ALA A 87 12.68 8.52 19.60
C ALA A 87 11.70 8.92 20.71
N LEU A 88 10.48 9.29 20.33
CA LEU A 88 9.44 9.66 21.31
C LEU A 88 9.17 8.56 22.33
N LYS A 89 9.32 7.29 21.93
CA LYS A 89 9.11 6.18 22.84
C LYS A 89 10.29 6.06 23.78
N VAL A 90 11.48 6.31 23.25
CA VAL A 90 12.71 6.28 24.03
C VAL A 90 12.67 7.37 25.10
N VAL A 91 12.09 8.52 24.75
CA VAL A 91 11.98 9.61 25.70
C VAL A 91 11.18 9.21 26.94
N GLU A 92 10.08 8.49 26.75
CA GLU A 92 9.28 8.09 27.91
C GLU A 92 9.85 6.85 28.61
N GLN A 93 10.68 6.08 27.91
CA GLN A 93 11.39 4.97 28.55
C GLN A 93 12.48 5.52 29.47
N ALA A 94 13.06 6.65 29.09
CA ALA A 94 14.17 7.23 29.84
C ALA A 94 13.71 8.14 30.97
N SER A 95 12.46 8.61 30.90
CA SER A 95 11.90 9.43 31.96
C SER A 95 11.76 8.64 33.26
N LEU A 96 12.40 9.13 34.32
CA LEU A 96 12.30 8.50 35.64
C LEU A 96 10.95 8.77 36.29
N ARG A 97 10.48 10.01 36.19
CA ARG A 97 9.19 10.40 36.73
C ARG A 97 8.30 10.98 35.62
N ALA A 98 7.98 12.27 35.69
CA ALA A 98 7.08 12.87 34.70
C ALA A 98 7.77 13.24 33.37
N GLY A 99 9.09 13.10 33.35
CA GLY A 99 9.87 13.41 32.14
C GLY A 99 9.98 14.90 31.91
N PRO A 100 10.51 15.30 30.74
CA PRO A 100 10.62 16.72 30.44
C PRO A 100 9.24 17.36 30.42
N PRO A 101 9.15 18.65 30.79
CA PRO A 101 7.87 19.34 30.88
C PRO A 101 7.22 19.48 29.51
N THR A 102 8.04 19.44 28.46
CA THR A 102 7.58 19.61 27.09
C THR A 102 8.45 18.80 26.16
N VAL A 103 7.82 18.05 25.26
CA VAL A 103 8.54 17.28 24.26
C VAL A 103 8.13 17.68 22.85
N HIS A 104 9.11 18.08 22.04
CA HIS A 104 8.84 18.52 20.68
C HIS A 104 9.69 17.75 19.66
N SER A 105 9.12 17.51 18.49
CA SER A 105 9.88 16.96 17.38
C SER A 105 9.78 17.85 16.14
N GLU A 106 10.90 18.05 15.46
CA GLU A 106 10.91 18.80 14.22
C GLU A 106 11.66 17.99 13.17
N ILE A 107 11.13 17.99 11.94
CA ILE A 107 11.86 17.46 10.81
C ILE A 107 12.14 18.61 9.86
N VAL A 108 13.40 19.06 9.85
CA VAL A 108 13.80 20.23 9.07
C VAL A 108 14.42 19.83 7.73
N PRO A 109 13.87 20.37 6.64
CA PRO A 109 14.38 20.11 5.29
C PRO A 109 15.63 20.94 4.95
N ALA A 110 16.68 20.76 5.74
CA ALA A 110 17.95 21.44 5.49
C ALA A 110 19.08 20.54 6.00
N ALA A 111 20.32 20.99 5.84
CA ALA A 111 21.46 20.20 6.32
C ALA A 111 21.55 20.23 7.84
N ALA A 112 22.05 19.14 8.43
CA ALA A 112 22.08 19.00 9.89
C ALA A 112 22.89 20.08 10.60
N VAL A 113 24.15 20.25 10.24
CA VAL A 113 25.00 21.23 10.92
C VAL A 113 24.43 22.65 10.89
N PRO A 114 24.14 23.20 9.70
CA PRO A 114 23.58 24.55 9.68
C PRO A 114 22.29 24.64 10.50
N THR A 115 21.44 23.61 10.39
CA THR A 115 20.17 23.58 11.11
C THR A 115 20.38 23.58 12.63
N LEU A 116 21.23 22.68 13.11
CA LEU A 116 21.47 22.55 14.54
C LEU A 116 22.26 23.73 15.11
N VAL A 117 23.26 24.19 14.36
CA VAL A 117 24.03 25.36 14.78
C VAL A 117 23.11 26.56 14.99
N ASP A 118 22.16 26.76 14.08
CA ASP A 118 21.23 27.87 14.20
C ASP A 118 20.32 27.70 15.42
N MET A 119 19.85 26.48 15.65
CA MET A 119 18.91 26.22 16.74
C MET A 119 19.59 26.31 18.10
N SER A 120 20.91 26.08 18.12
CA SER A 120 21.68 26.16 19.35
C SER A 120 21.68 27.55 19.96
N LYS A 121 21.31 28.55 19.17
CA LYS A 121 21.19 29.92 19.66
C LYS A 121 20.10 30.03 20.72
N ASP A 122 19.22 29.04 20.76
CA ASP A 122 18.11 29.06 21.70
C ASP A 122 18.05 27.81 22.57
N ALA A 123 19.18 27.13 22.70
CA ALA A 123 19.25 25.91 23.48
C ALA A 123 20.12 26.06 24.72
N VAL A 124 19.80 25.29 25.75
CA VAL A 124 20.63 25.21 26.94
C VAL A 124 21.77 24.22 26.69
N LEU A 125 21.43 23.09 26.09
CA LEU A 125 22.41 22.09 25.70
C LEU A 125 22.08 21.51 24.33
N MET A 126 23.10 21.05 23.63
CA MET A 126 22.96 20.42 22.33
C MET A 126 23.54 19.01 22.43
N VAL A 127 22.71 18.01 22.23
CA VAL A 127 23.14 16.63 22.42
C VAL A 127 23.14 15.86 21.10
N VAL A 128 24.26 15.24 20.77
CA VAL A 128 24.35 14.38 19.59
C VAL A 128 25.25 13.20 19.87
N GLY A 129 25.09 12.14 19.08
CA GLY A 129 25.97 10.98 19.18
C GLY A 129 27.33 11.29 18.61
N CYS A 130 28.30 10.44 18.91
CA CYS A 130 29.65 10.63 18.42
C CYS A 130 29.74 10.25 16.96
N LEU A 131 29.20 9.08 16.64
CA LEU A 131 29.16 8.59 15.28
C LEU A 131 27.71 8.34 14.85
N GLY A 132 27.44 8.48 13.56
CA GLY A 132 26.08 8.34 13.06
C GLY A 132 25.88 7.15 12.13
N SER A 133 24.88 7.26 11.26
CA SER A 133 24.52 6.17 10.37
C SER A 133 25.55 5.96 9.28
N GLY A 134 26.38 6.97 9.03
CA GLY A 134 27.40 6.89 8.00
C GLY A 134 28.74 6.35 8.48
N ARG A 135 28.77 5.91 9.73
CA ARG A 135 30.02 5.49 10.36
C ARG A 135 30.65 4.30 9.66
N TRP A 136 31.98 4.23 9.70
CA TRP A 136 32.73 3.04 9.28
C TRP A 136 34.05 2.96 10.04
N PRO A 137 34.61 1.74 10.16
CA PRO A 137 35.76 1.49 11.03
C PRO A 137 36.90 2.47 10.81
N GLY A 138 37.39 3.07 11.88
CA GLY A 138 38.46 4.05 11.80
C GLY A 138 38.05 5.43 12.26
N ARG A 139 36.87 5.87 11.81
CA ARG A 139 36.39 7.20 12.14
C ARG A 139 35.96 7.32 13.60
N LEU A 140 36.33 8.43 14.24
CA LEU A 140 36.02 8.65 15.64
C LEU A 140 34.92 9.68 15.82
N LEU A 141 34.76 10.57 14.84
CA LEU A 141 33.80 11.63 14.93
C LEU A 141 33.10 11.83 13.59
N GLY A 142 31.79 12.04 13.62
CA GLY A 142 31.02 12.27 12.41
C GLY A 142 31.03 13.73 12.05
N SER A 143 30.56 14.07 10.86
CA SER A 143 30.60 15.46 10.41
C SER A 143 29.69 16.36 11.24
N VAL A 144 28.63 15.79 11.80
CA VAL A 144 27.66 16.59 12.55
C VAL A 144 28.17 16.88 13.95
N SER A 145 28.63 15.85 14.64
CA SER A 145 29.21 16.03 15.97
C SER A 145 30.43 16.94 15.89
N SER A 146 31.26 16.71 14.88
CA SER A 146 32.45 17.54 14.63
C SER A 146 32.09 19.00 14.37
N GLY A 147 31.13 19.23 13.49
CA GLY A 147 30.75 20.59 13.13
C GLY A 147 30.09 21.32 14.30
N LEU A 148 29.40 20.55 15.14
CA LEU A 148 28.70 21.11 16.27
C LEU A 148 29.72 21.52 17.34
N LEU A 149 30.75 20.70 17.50
CA LEU A 149 31.86 20.98 18.43
C LEU A 149 32.53 22.31 18.10
N ARG A 150 32.53 22.67 16.82
CA ARG A 150 33.27 23.84 16.36
C ARG A 150 32.45 25.12 16.23
N HIS A 151 31.14 24.98 16.19
CA HIS A 151 30.28 26.05 15.76
C HIS A 151 29.09 26.33 16.60
N ALA A 152 28.72 25.40 17.45
CA ALA A 152 27.52 25.52 18.25
C ALA A 152 27.54 26.75 19.16
N HIS A 153 26.37 27.32 19.40
CA HIS A 153 26.25 28.51 20.24
C HIS A 153 25.84 28.18 21.66
N CYS A 154 26.06 26.93 22.05
CA CYS A 154 25.83 26.48 23.42
C CYS A 154 26.68 25.23 23.64
N PRO A 155 26.78 24.78 24.90
CA PRO A 155 27.58 23.59 25.17
C PRO A 155 27.07 22.37 24.39
N VAL A 156 27.99 21.51 23.98
CA VAL A 156 27.65 20.34 23.17
C VAL A 156 27.95 19.06 23.93
N VAL A 157 26.98 18.17 24.01
CA VAL A 157 27.16 16.88 24.68
C VAL A 157 27.37 15.78 23.65
N ILE A 158 28.49 15.07 23.77
CA ILE A 158 28.81 13.99 22.84
C ILE A 158 28.56 12.64 23.51
N ILE A 159 27.63 11.87 22.95
CA ILE A 159 27.30 10.56 23.51
C ILE A 159 27.89 9.43 22.68
N HIS A 160 28.39 8.41 23.35
CA HIS A 160 28.95 7.22 22.69
C HIS A 160 28.02 6.05 22.91
N ASP A 161 27.91 5.16 21.93
CA ASP A 161 26.90 4.10 21.98
C ASP A 161 27.06 3.11 23.13
N GLU A 162 28.23 3.11 23.76
CA GLU A 162 28.44 2.26 24.92
C GLU A 162 28.42 3.04 26.25
N ASP A 163 27.98 4.29 26.19
CA ASP A 163 27.85 5.11 27.39
C ASP A 163 26.70 4.61 28.25
N SER A 164 26.99 4.41 29.53
CA SER A 164 25.99 4.00 30.50
C SER A 164 25.06 5.18 30.84
N VAL A 165 23.80 5.10 30.41
CA VAL A 165 22.85 6.18 30.64
C VAL A 165 21.63 5.76 31.45
N MET A 166 21.12 4.56 31.17
CA MET A 166 19.87 4.10 31.79
C MET A 166 19.96 3.75 33.28
N PRO A 167 21.05 3.06 33.71
CA PRO A 167 21.17 2.68 35.12
C PRO A 167 20.97 3.85 36.09
N HIS A 168 20.08 3.66 37.05
CA HIS A 168 19.79 4.68 38.06
C HIS A 168 19.35 4.01 39.35
N PRO A 169 19.77 4.56 40.51
CA PRO A 169 20.61 5.75 40.62
C PRO A 169 22.05 5.50 40.16
N GLN A 170 22.71 6.54 39.66
CA GLN A 170 24.11 6.45 39.26
C GLN A 170 24.94 7.41 40.10
N GLN A 171 25.81 6.85 40.95
CA GLN A 171 26.49 7.65 41.97
C GLN A 171 27.92 8.07 41.59
N ALA A 172 28.40 7.60 40.44
CA ALA A 172 29.70 7.99 39.93
C ALA A 172 29.80 9.51 39.87
N PRO A 173 31.00 10.04 40.14
CA PRO A 173 31.21 11.49 40.14
C PRO A 173 31.14 12.13 38.74
N VAL A 174 31.14 13.46 38.71
CA VAL A 174 31.31 14.22 37.48
C VAL A 174 32.77 14.66 37.41
N LEU A 175 33.45 14.31 36.32
CA LEU A 175 34.84 14.67 36.12
C LEU A 175 34.94 15.94 35.27
N VAL A 176 35.72 16.91 35.73
CA VAL A 176 35.93 18.14 34.97
C VAL A 176 37.40 18.50 34.88
N GLY A 177 37.85 18.89 33.69
CA GLY A 177 39.22 19.34 33.48
C GLY A 177 39.32 20.85 33.59
N VAL A 178 40.17 21.31 34.51
CA VAL A 178 40.34 22.74 34.71
C VAL A 178 41.74 23.17 34.31
N ASP A 179 41.86 24.28 33.58
CA ASP A 179 43.18 24.78 33.19
C ASP A 179 43.34 26.28 33.45
N GLY A 180 42.31 26.90 34.00
CA GLY A 180 42.39 28.31 34.37
C GLY A 180 41.80 29.27 33.37
N SER A 181 41.67 28.83 32.12
CA SER A 181 41.12 29.71 31.07
C SER A 181 39.66 30.06 31.34
N SER A 182 39.17 31.07 30.62
CA SER A 182 37.79 31.52 30.79
C SER A 182 36.81 30.47 30.30
N ALA A 183 37.19 29.73 29.26
CA ALA A 183 36.35 28.66 28.73
C ALA A 183 36.28 27.51 29.72
N SER A 184 37.40 27.29 30.41
CA SER A 184 37.47 26.26 31.45
C SER A 184 36.58 26.65 32.64
N GLU A 185 36.46 27.94 32.87
CA GLU A 185 35.60 28.46 33.93
C GLU A 185 34.14 28.09 33.66
N LEU A 186 33.74 28.18 32.40
CA LEU A 186 32.41 27.78 31.99
C LEU A 186 32.21 26.28 32.22
N ALA A 187 33.20 25.49 31.82
CA ALA A 187 33.16 24.05 32.05
C ALA A 187 32.90 23.74 33.53
N THR A 188 33.65 24.42 34.40
CA THR A 188 33.47 24.26 35.84
C THR A 188 32.03 24.57 36.27
N ALA A 189 31.49 25.68 35.78
CA ALA A 189 30.13 26.07 36.10
C ALA A 189 29.12 24.95 35.84
N ILE A 190 29.15 24.37 34.64
CA ILE A 190 28.21 23.30 34.32
C ILE A 190 28.53 21.99 35.02
N ALA A 191 29.82 21.73 35.23
CA ALA A 191 30.22 20.54 35.98
C ALA A 191 29.60 20.55 37.37
N PHE A 192 29.65 21.68 38.05
CA PHE A 192 29.07 21.81 39.39
C PHE A 192 27.55 21.80 39.34
N ASP A 193 26.98 22.50 38.36
CA ASP A 193 25.55 22.51 38.18
C ASP A 193 25.06 21.09 37.99
N GLU A 194 25.73 20.37 37.09
CA GLU A 194 25.35 19.03 36.73
C GLU A 194 25.50 18.07 37.93
N ALA A 195 26.61 18.18 38.65
CA ALA A 195 26.87 17.34 39.82
C ALA A 195 25.88 17.61 40.95
N SER A 196 25.56 18.87 41.15
CA SER A 196 24.61 19.29 42.16
C SER A 196 23.24 18.67 41.93
N ARG A 197 22.73 18.82 40.70
CA ARG A 197 21.41 18.29 40.34
C ARG A 197 21.33 16.77 40.38
N ARG A 198 22.44 16.10 40.07
CA ARG A 198 22.47 14.65 40.07
C ARG A 198 22.75 14.07 41.45
N ASN A 199 22.99 14.95 42.43
CA ASN A 199 23.35 14.55 43.78
C ASN A 199 24.57 13.63 43.85
N VAL A 200 25.59 13.97 43.07
CA VAL A 200 26.81 13.18 43.05
C VAL A 200 28.02 14.07 43.33
N ASP A 201 29.19 13.46 43.41
CA ASP A 201 30.39 14.21 43.73
C ASP A 201 31.13 14.69 42.48
N LEU A 202 32.15 15.52 42.69
CA LEU A 202 32.86 16.12 41.57
C LEU A 202 34.36 15.88 41.68
N VAL A 203 34.98 15.49 40.57
CA VAL A 203 36.43 15.37 40.51
C VAL A 203 36.99 16.43 39.57
N ALA A 204 37.73 17.37 40.13
CA ALA A 204 38.39 18.41 39.33
C ALA A 204 39.84 18.04 39.06
N LEU A 205 40.18 17.86 37.78
CA LEU A 205 41.53 17.49 37.41
C LEU A 205 42.26 18.61 36.69
N HIS A 206 43.49 18.87 37.09
CA HIS A 206 44.35 19.84 36.41
C HIS A 206 45.70 19.22 36.08
N ALA A 207 46.12 19.38 34.84
CA ALA A 207 47.47 19.00 34.44
C ALA A 207 48.33 20.24 34.52
N TRP A 208 49.44 20.13 35.26
CA TRP A 208 50.34 21.27 35.46
C TRP A 208 50.86 21.81 34.13
N SER A 209 51.26 20.92 33.23
CA SER A 209 51.77 21.30 31.93
C SER A 209 50.91 20.78 30.78
N ASP A 210 50.61 21.64 29.81
CA ASP A 210 49.84 21.25 28.64
C ASP A 210 50.65 20.38 27.69
N VAL A 211 51.97 20.58 27.68
CA VAL A 211 52.86 19.80 26.83
C VAL A 211 53.57 18.71 27.63
N ASP A 212 54.04 17.68 26.92
CA ASP A 212 54.72 16.57 27.59
C ASP A 212 56.00 17.03 28.30
N VAL A 213 56.27 16.42 29.45
CA VAL A 213 57.30 16.90 30.36
C VAL A 213 58.26 15.79 30.81
N SER A 214 57.92 14.55 30.47
CA SER A 214 58.68 13.38 30.93
C SER A 214 60.20 13.51 30.86
N GLU A 215 60.72 14.07 29.76
CA GLU A 215 62.17 14.12 29.52
C GLU A 215 62.84 15.40 30.01
N TRP A 216 62.07 16.27 30.67
CA TRP A 216 62.59 17.56 31.12
C TRP A 216 63.42 17.42 32.40
N PRO A 217 64.60 18.06 32.42
CA PRO A 217 65.54 17.94 33.53
C PRO A 217 65.26 18.91 34.68
N GLY A 218 65.52 18.45 35.91
CA GLY A 218 65.46 19.29 37.11
C GLY A 218 64.10 19.91 37.39
N ILE A 219 63.11 19.07 37.66
CA ILE A 219 61.74 19.54 37.90
C ILE A 219 61.40 19.73 39.38
N ASP A 220 61.49 18.63 40.15
CA ASP A 220 61.02 18.63 41.54
C ASP A 220 59.49 18.61 41.51
N TRP A 221 58.93 17.45 41.21
CA TRP A 221 57.48 17.31 41.03
C TRP A 221 56.69 17.51 42.34
N PRO A 222 57.07 16.78 43.42
CA PRO A 222 56.35 16.86 44.69
C PRO A 222 56.11 18.28 45.20
N ALA A 223 57.08 19.16 45.05
CA ALA A 223 56.94 20.54 45.52
C ALA A 223 56.05 21.37 44.58
N THR A 224 56.15 21.08 43.28
CA THR A 224 55.33 21.75 42.28
C THR A 224 53.88 21.29 42.38
N GLN A 225 53.69 19.99 42.57
CA GLN A 225 52.37 19.40 42.74
C GLN A 225 51.65 20.01 43.94
N SER A 226 52.36 20.14 45.07
CA SER A 226 51.78 20.68 46.30
C SER A 226 51.35 22.12 46.14
N MET A 227 52.15 22.91 45.43
CA MET A 227 51.85 24.32 45.19
C MET A 227 50.64 24.42 44.28
N ALA A 228 50.58 23.55 43.28
CA ALA A 228 49.46 23.52 42.34
C ALA A 228 48.17 23.14 43.04
N GLU A 229 48.22 22.04 43.79
CA GLU A 229 47.05 21.58 44.54
C GLU A 229 46.47 22.67 45.42
N GLN A 230 47.35 23.55 45.91
CA GLN A 230 46.96 24.65 46.77
C GLN A 230 46.22 25.72 45.98
N VAL A 231 46.65 25.96 44.74
CA VAL A 231 46.02 26.95 43.88
C VAL A 231 44.69 26.42 43.35
N LEU A 232 44.67 25.12 43.04
CA LEU A 232 43.45 24.47 42.59
C LEU A 232 42.37 24.66 43.65
N ALA A 233 42.67 24.22 44.86
CA ALA A 233 41.74 24.36 45.99
C ALA A 233 41.25 25.78 46.13
N GLU A 234 42.15 26.74 45.97
CA GLU A 234 41.82 28.15 46.09
C GLU A 234 40.77 28.57 45.05
N ARG A 235 41.01 28.20 43.79
CA ARG A 235 40.07 28.55 42.71
C ARG A 235 38.72 27.89 42.91
N LEU A 236 38.73 26.67 43.43
CA LEU A 236 37.50 25.90 43.63
C LEU A 236 36.70 26.37 44.83
N ALA A 237 37.36 26.98 45.81
CA ALA A 237 36.65 27.67 46.87
C ALA A 237 35.78 28.73 46.20
N GLY A 238 34.57 28.91 46.70
CA GLY A 238 33.62 29.79 46.02
C GLY A 238 32.59 28.94 45.30
N TRP A 239 33.07 28.04 44.46
CA TRP A 239 32.20 27.02 43.89
C TRP A 239 31.71 26.12 45.01
N GLN A 240 32.65 25.68 45.85
CA GLN A 240 32.34 24.90 47.04
C GLN A 240 31.35 25.63 47.93
N GLU A 241 31.53 26.94 48.07
CA GLU A 241 30.64 27.75 48.89
C GLU A 241 29.28 27.95 48.25
N ARG A 242 29.21 27.87 46.93
CA ARG A 242 27.94 27.95 46.23
C ARG A 242 27.28 26.58 46.25
N TYR A 243 28.10 25.53 46.28
CA TYR A 243 27.60 24.16 46.23
C TYR A 243 28.12 23.34 47.40
N PRO A 244 27.58 23.62 48.61
CA PRO A 244 28.06 22.97 49.83
C PRO A 244 27.87 21.45 49.82
N ASN A 245 26.88 20.97 49.08
CA ASN A 245 26.56 19.54 49.09
C ASN A 245 27.35 18.66 48.11
N VAL A 246 28.14 19.27 47.23
CA VAL A 246 28.95 18.47 46.31
C VAL A 246 30.38 18.34 46.83
N ALA A 247 30.77 17.11 47.13
CA ALA A 247 32.10 16.84 47.64
C ALA A 247 33.13 16.88 46.53
N ILE A 248 34.04 17.86 46.61
CA ILE A 248 35.07 18.03 45.60
C ILE A 248 36.25 17.09 45.86
N THR A 249 36.86 16.60 44.79
CA THR A 249 38.10 15.87 44.87
C THR A 249 39.08 16.46 43.87
N ARG A 250 40.21 16.94 44.36
CA ARG A 250 41.19 17.58 43.48
C ARG A 250 42.31 16.64 43.10
N VAL A 251 42.58 16.56 41.80
CA VAL A 251 43.67 15.75 41.30
C VAL A 251 44.57 16.60 40.42
N VAL A 252 45.84 16.69 40.79
CA VAL A 252 46.82 17.41 39.97
C VAL A 252 47.81 16.41 39.37
N VAL A 253 47.90 16.42 38.04
CA VAL A 253 48.82 15.53 37.35
C VAL A 253 49.93 16.33 36.67
N ARG A 254 50.98 15.62 36.26
CA ARG A 254 52.15 16.26 35.67
C ARG A 254 51.80 16.95 34.35
N ASP A 255 51.34 16.15 33.40
CA ASP A 255 51.05 16.63 32.06
C ASP A 255 49.98 15.76 31.41
N GLN A 256 49.88 15.84 30.09
CA GLN A 256 48.96 15.01 29.31
C GLN A 256 47.52 15.04 29.82
N PRO A 257 46.88 16.22 29.79
CA PRO A 257 45.53 16.34 30.35
C PRO A 257 44.49 15.54 29.58
N ALA A 258 44.63 15.49 28.26
CA ALA A 258 43.67 14.74 27.42
C ALA A 258 43.67 13.25 27.78
N ARG A 259 44.86 12.64 27.82
CA ARG A 259 44.95 11.22 28.11
C ARG A 259 44.54 10.92 29.56
N GLN A 260 44.80 11.87 30.45
CA GLN A 260 44.42 11.72 31.86
C GLN A 260 42.91 11.75 32.03
N LEU A 261 42.25 12.67 31.34
CA LEU A 261 40.79 12.80 31.40
C LEU A 261 40.11 11.56 30.82
N VAL A 262 40.58 11.13 29.65
CA VAL A 262 40.02 9.95 29.00
C VAL A 262 40.14 8.71 29.89
N GLN A 263 41.31 8.50 30.48
CA GLN A 263 41.55 7.34 31.33
C GLN A 263 40.65 7.36 32.57
N ARG A 264 40.48 8.54 33.17
CA ARG A 264 39.71 8.69 34.39
C ARG A 264 38.19 8.74 34.16
N SER A 265 37.79 8.91 32.91
CA SER A 265 36.36 8.96 32.59
C SER A 265 35.69 7.64 32.91
N GLU A 266 36.46 6.55 32.86
CA GLU A 266 35.93 5.21 33.13
C GLU A 266 35.23 5.10 34.47
N GLU A 267 35.54 6.01 35.38
CA GLU A 267 34.97 5.97 36.72
C GLU A 267 34.15 7.21 37.05
N ALA A 268 33.66 7.88 36.02
CA ALA A 268 32.73 8.99 36.17
C ALA A 268 31.50 8.70 35.32
N GLN A 269 30.42 9.43 35.55
CA GLN A 269 29.24 9.28 34.69
C GLN A 269 29.20 10.40 33.66
N LEU A 270 30.09 11.37 33.83
CA LEU A 270 30.07 12.55 32.99
C LEU A 270 31.42 13.26 33.03
N VAL A 271 31.88 13.71 31.87
CA VAL A 271 33.10 14.50 31.78
C VAL A 271 32.76 15.86 31.19
N VAL A 272 33.32 16.92 31.76
CA VAL A 272 33.08 18.26 31.25
C VAL A 272 34.40 18.96 30.97
N VAL A 273 34.53 19.49 29.75
CA VAL A 273 35.70 20.30 29.37
C VAL A 273 35.22 21.50 28.57
N GLY A 274 36.09 22.50 28.44
CA GLY A 274 35.77 23.67 27.62
C GLY A 274 36.07 23.38 26.17
N SER A 275 35.58 24.22 25.27
CA SER A 275 35.90 24.08 23.85
C SER A 275 37.30 24.65 23.59
N ARG A 276 37.67 25.65 24.38
CA ARG A 276 38.97 26.29 24.27
C ARG A 276 39.72 26.24 25.60
N GLY A 277 41.03 26.40 25.54
CA GLY A 277 41.86 26.40 26.76
C GLY A 277 42.76 27.61 26.85
N ARG A 278 43.84 27.47 27.60
CA ARG A 278 44.79 28.57 27.78
C ARG A 278 45.82 28.59 26.67
N GLY A 279 45.88 27.51 25.88
CA GLY A 279 46.78 27.42 24.75
C GLY A 279 46.11 27.84 23.45
N GLY A 280 46.31 27.05 22.40
CA GLY A 280 45.68 27.30 21.12
C GLY A 280 46.19 28.53 20.39
N TYR A 281 45.44 28.96 19.38
CA TYR A 281 45.80 30.11 18.56
C TYR A 281 44.54 30.82 18.07
N ALA A 282 44.72 31.94 17.39
CA ALA A 282 43.59 32.67 16.82
C ALA A 282 43.01 31.87 15.66
N GLY A 283 41.68 31.78 15.61
CA GLY A 283 40.99 31.06 14.55
C GLY A 283 40.69 29.61 14.87
N MET A 284 41.23 29.12 15.98
CA MET A 284 40.96 27.76 16.42
C MET A 284 39.55 27.66 16.96
N LEU A 285 38.80 26.69 16.47
CA LEU A 285 37.39 26.54 16.84
C LEU A 285 37.22 25.58 18.01
N VAL A 286 38.10 24.58 18.11
CA VAL A 286 38.08 23.67 19.24
C VAL A 286 39.48 23.16 19.58
N GLY A 287 39.83 23.18 20.86
CA GLY A 287 41.15 22.76 21.33
C GLY A 287 41.36 21.28 21.14
N SER A 288 42.62 20.85 21.15
CA SER A 288 42.94 19.46 20.89
C SER A 288 42.58 18.56 22.07
N VAL A 289 42.59 19.12 23.28
CA VAL A 289 42.19 18.38 24.45
C VAL A 289 40.67 18.22 24.45
N GLY A 290 39.97 19.33 24.20
CA GLY A 290 38.52 19.32 24.11
C GLY A 290 38.01 18.28 23.13
N GLU A 291 38.64 18.22 21.95
CA GLU A 291 38.23 17.30 20.91
C GLU A 291 38.59 15.85 21.22
N THR A 292 39.81 15.62 21.68
CA THR A 292 40.29 14.28 21.95
C THR A 292 39.49 13.62 23.07
N VAL A 293 39.16 14.39 24.11
CA VAL A 293 38.31 13.89 25.18
C VAL A 293 36.93 13.54 24.63
N ALA A 294 36.38 14.44 23.83
CA ALA A 294 35.07 14.23 23.22
C ALA A 294 34.98 12.92 22.46
N GLN A 295 36.04 12.59 21.71
CA GLN A 295 36.00 11.39 20.87
C GLN A 295 36.51 10.09 21.52
N LEU A 296 37.37 10.19 22.54
CA LEU A 296 37.93 8.99 23.16
C LEU A 296 37.35 8.64 24.54
N ALA A 297 36.63 9.57 25.15
CA ALA A 297 36.10 9.36 26.51
C ALA A 297 35.13 8.19 26.59
N ARG A 298 35.03 7.61 27.78
CA ARG A 298 34.20 6.43 28.00
C ARG A 298 32.86 6.76 28.65
N THR A 299 32.53 8.04 28.67
CA THR A 299 31.23 8.49 29.17
C THR A 299 30.78 9.71 28.38
N PRO A 300 29.53 10.16 28.58
CA PRO A 300 29.09 11.40 27.97
C PRO A 300 30.07 12.54 28.24
N VAL A 301 30.31 13.37 27.24
CA VAL A 301 31.23 14.49 27.37
C VAL A 301 30.52 15.79 27.01
N ILE A 302 30.49 16.74 27.95
CA ILE A 302 30.00 18.08 27.65
C ILE A 302 31.17 18.97 27.29
N VAL A 303 31.12 19.58 26.11
CA VAL A 303 32.13 20.55 25.69
C VAL A 303 31.54 21.95 25.76
N ALA A 304 32.08 22.80 26.62
CA ALA A 304 31.49 24.10 26.90
C ALA A 304 31.75 25.13 25.80
N ARG A 305 30.69 25.77 25.33
CA ARG A 305 30.80 26.84 24.35
C ARG A 305 29.95 28.03 24.79
N GLU A 306 30.47 29.24 24.62
CA GLU A 306 29.82 30.46 25.13
C GLU A 306 28.56 30.84 24.34
N ASN B 17 55.28 34.59 -1.91
CA ASN B 17 56.34 34.57 -2.97
C ASN B 17 56.79 33.14 -3.30
N SER B 18 56.42 32.19 -2.43
CA SER B 18 56.77 30.77 -2.61
C SER B 18 58.28 30.50 -2.71
N SER B 19 59.10 31.37 -2.12
CA SER B 19 60.55 31.23 -2.16
C SER B 19 61.07 30.19 -1.17
N LEU B 20 60.30 29.92 -0.13
CA LEU B 20 60.68 28.92 0.87
C LEU B 20 60.57 27.50 0.32
N GLY B 21 59.92 27.37 -0.83
CA GLY B 21 59.77 26.08 -1.50
C GLY B 21 58.90 25.09 -0.73
N ILE B 22 59.49 23.97 -0.36
CA ILE B 22 58.78 22.92 0.36
C ILE B 22 59.17 22.88 1.83
N ILE B 23 58.30 23.43 2.68
CA ILE B 23 58.50 23.42 4.12
C ILE B 23 58.09 22.07 4.72
N VAL B 24 58.83 21.60 5.71
CA VAL B 24 58.48 20.37 6.41
C VAL B 24 58.68 20.49 7.91
N GLY B 25 57.59 20.38 8.67
CA GLY B 25 57.62 20.47 10.12
C GLY B 25 58.21 19.21 10.71
N ILE B 26 59.04 19.39 11.75
CA ILE B 26 59.80 18.28 12.30
C ILE B 26 59.59 18.16 13.80
N ASP B 27 59.48 16.93 14.27
CA ASP B 27 59.45 16.62 15.69
C ASP B 27 59.94 15.21 15.92
N ASP B 28 59.96 14.77 17.18
CA ASP B 28 60.47 13.44 17.51
C ASP B 28 59.41 12.37 17.29
N SER B 29 59.22 11.98 16.02
CA SER B 29 58.19 11.00 15.67
C SER B 29 58.49 10.35 14.32
N PRO B 30 58.15 9.06 14.19
CA PRO B 30 58.34 8.29 12.96
C PRO B 30 57.74 8.99 11.75
N ALA B 31 56.49 9.45 11.88
CA ALA B 31 55.79 10.11 10.79
C ALA B 31 56.59 11.29 10.24
N ALA B 32 57.14 12.10 11.15
CA ALA B 32 57.92 13.27 10.77
C ALA B 32 59.18 12.87 9.99
N GLN B 33 59.79 11.76 10.38
CA GLN B 33 60.98 11.28 9.68
C GLN B 33 60.65 10.93 8.24
N VAL B 34 59.66 10.05 8.04
CA VAL B 34 59.25 9.66 6.69
C VAL B 34 58.62 10.83 5.95
N ALA B 35 58.12 11.81 6.69
CA ALA B 35 57.64 13.05 6.08
C ALA B 35 58.79 13.81 5.44
N VAL B 36 59.96 13.77 6.08
CA VAL B 36 61.16 14.42 5.56
C VAL B 36 61.64 13.74 4.29
N ARG B 37 61.64 12.40 4.29
CA ARG B 37 61.97 11.63 3.10
C ARG B 37 61.15 12.06 1.90
N TRP B 38 59.84 12.20 2.10
CA TRP B 38 58.93 12.61 1.04
C TRP B 38 59.22 14.03 0.58
N ALA B 39 59.37 14.94 1.55
CA ALA B 39 59.59 16.35 1.25
C ALA B 39 60.90 16.57 0.50
N ALA B 40 61.90 15.77 0.83
CA ALA B 40 63.20 15.84 0.16
C ALA B 40 63.08 15.46 -1.31
N ARG B 41 62.48 14.30 -1.57
CA ARG B 41 62.25 13.81 -2.92
C ARG B 41 61.53 14.81 -3.79
N ASP B 42 60.45 15.39 -3.26
CA ASP B 42 59.62 16.32 -4.03
C ASP B 42 60.37 17.62 -4.32
N ALA B 43 61.16 18.08 -3.35
CA ALA B 43 61.95 19.29 -3.53
C ALA B 43 63.04 19.05 -4.58
N GLU B 44 63.65 17.88 -4.53
CA GLU B 44 64.63 17.47 -5.52
C GLU B 44 63.97 17.36 -6.88
N LEU B 45 62.89 16.62 -6.94
CA LEU B 45 62.13 16.40 -8.17
C LEU B 45 61.66 17.71 -8.80
N ARG B 46 61.18 18.63 -7.98
CA ARG B 46 60.65 19.89 -8.48
C ARG B 46 61.76 20.94 -8.63
N LYS B 47 62.95 20.59 -8.12
CA LYS B 47 64.11 21.49 -8.13
C LYS B 47 63.84 22.84 -7.46
N ILE B 48 63.39 22.78 -6.22
CA ILE B 48 63.14 23.99 -5.43
C ILE B 48 63.65 23.81 -3.99
N PRO B 49 63.73 24.92 -3.25
CA PRO B 49 64.24 24.91 -1.86
C PRO B 49 63.49 23.96 -0.94
N LEU B 50 64.21 23.38 0.02
CA LEU B 50 63.60 22.52 1.03
C LEU B 50 63.84 23.09 2.43
N THR B 51 62.84 23.77 2.99
CA THR B 51 62.95 24.37 4.33
C THR B 51 62.55 23.39 5.44
N LEU B 52 63.43 23.22 6.42
CA LEU B 52 63.13 22.37 7.58
C LEU B 52 62.86 23.24 8.80
N VAL B 53 61.66 23.13 9.36
CA VAL B 53 61.30 23.94 10.51
C VAL B 53 60.97 23.08 11.73
N HIS B 54 61.47 23.49 12.89
CA HIS B 54 61.10 22.88 14.16
C HIS B 54 60.76 23.97 15.15
N ALA B 55 59.54 23.93 15.69
CA ALA B 55 59.06 25.00 16.56
C ALA B 55 59.17 24.63 18.03
N VAL B 56 59.52 25.62 18.85
CA VAL B 56 59.58 25.45 20.30
C VAL B 56 58.98 26.71 20.93
N SER B 57 57.84 26.58 21.59
CA SER B 57 57.19 27.75 22.18
C SER B 57 57.85 28.18 23.49
N PRO B 58 58.33 29.43 23.55
CA PRO B 58 59.03 29.96 24.70
C PRO B 58 58.11 30.79 25.61
N GLU B 59 56.80 30.63 25.44
CA GLU B 59 55.83 31.36 26.27
C GLU B 59 55.61 30.67 27.61
N VAL B 60 55.21 31.45 28.61
CA VAL B 60 54.86 30.91 29.91
C VAL B 60 53.59 30.07 29.78
N ALA B 61 53.70 28.77 30.06
CA ALA B 61 52.59 27.85 29.81
C ALA B 61 52.01 27.21 31.09
N THR B 62 52.46 27.67 32.26
CA THR B 62 51.92 27.16 33.51
C THR B 62 51.48 28.28 34.44
N TRP B 63 50.68 27.93 35.45
CA TRP B 63 50.21 28.90 36.43
C TRP B 63 51.41 29.64 37.04
N LEU B 64 51.34 30.96 37.06
CA LEU B 64 52.49 31.78 37.47
C LEU B 64 53.05 31.45 38.85
N GLU B 65 52.18 31.02 39.75
CA GLU B 65 52.63 30.63 41.10
C GLU B 65 53.42 29.32 41.07
N VAL B 66 53.49 28.70 39.90
CA VAL B 66 54.32 27.51 39.72
C VAL B 66 55.09 27.59 38.39
N PRO B 67 56.16 28.40 38.35
CA PRO B 67 56.95 28.60 37.13
C PRO B 67 57.75 27.36 36.75
N LEU B 68 58.44 27.44 35.61
CA LEU B 68 59.31 26.35 35.15
C LEU B 68 60.76 26.69 35.44
N PRO B 69 61.60 25.65 35.66
CA PRO B 69 63.03 25.82 35.85
C PRO B 69 63.69 26.47 34.63
N PRO B 70 64.79 27.22 34.84
CA PRO B 70 65.46 27.92 33.75
C PRO B 70 66.23 26.97 32.82
N GLY B 71 66.64 25.82 33.35
CA GLY B 71 67.43 24.87 32.58
C GLY B 71 66.64 24.05 31.58
N VAL B 72 65.37 24.40 31.42
CA VAL B 72 64.46 23.61 30.59
C VAL B 72 64.30 24.20 29.18
N LEU B 73 64.32 25.53 29.09
CA LEU B 73 64.16 26.20 27.81
C LEU B 73 65.38 25.93 26.93
N ARG B 74 66.54 25.81 27.56
CA ARG B 74 67.79 25.51 26.83
C ARG B 74 67.81 24.06 26.37
N TRP B 75 67.24 23.17 27.18
CA TRP B 75 67.21 21.74 26.84
C TRP B 75 66.42 21.51 25.54
N GLN B 76 65.37 22.29 25.35
CA GLN B 76 64.53 22.18 24.17
C GLN B 76 65.29 22.62 22.91
N GLN B 77 66.10 23.67 23.05
CA GLN B 77 66.95 24.14 21.96
C GLN B 77 67.92 23.03 21.54
N ASP B 78 68.56 22.40 22.53
CA ASP B 78 69.51 21.33 22.27
C ASP B 78 68.81 20.11 21.67
N HIS B 79 67.64 19.79 22.20
CA HIS B 79 66.84 18.71 21.64
C HIS B 79 66.48 19.03 20.20
N GLY B 80 66.03 20.26 19.98
CA GLY B 80 65.67 20.72 18.64
C GLY B 80 66.83 20.62 17.66
N ARG B 81 68.00 21.07 18.09
CA ARG B 81 69.17 21.07 17.23
C ARG B 81 69.58 19.64 16.90
N HIS B 82 69.37 18.73 17.85
CA HIS B 82 69.71 17.33 17.64
C HIS B 82 68.73 16.67 16.66
N LEU B 83 67.51 17.19 16.62
CA LEU B 83 66.50 16.72 15.66
C LEU B 83 66.86 17.16 14.25
N ILE B 84 66.91 18.48 14.04
CA ILE B 84 67.34 19.03 12.76
C ILE B 84 68.60 18.33 12.24
N ASP B 85 69.47 17.96 13.17
CA ASP B 85 70.69 17.24 12.84
C ASP B 85 70.36 15.96 12.09
N ASP B 86 69.56 15.10 12.72
CA ASP B 86 69.16 13.83 12.12
C ASP B 86 68.33 14.03 10.86
N ALA B 87 67.50 15.07 10.87
CA ALA B 87 66.68 15.41 9.72
C ALA B 87 67.54 15.68 8.50
N LEU B 88 68.58 16.50 8.68
CA LEU B 88 69.50 16.83 7.59
C LEU B 88 70.24 15.59 7.09
N LYS B 89 70.45 14.61 7.95
CA LYS B 89 71.04 13.35 7.55
C LYS B 89 70.08 12.56 6.67
N VAL B 90 68.79 12.62 7.01
CA VAL B 90 67.76 11.93 6.25
C VAL B 90 67.58 12.54 4.86
N VAL B 91 67.69 13.87 4.78
CA VAL B 91 67.59 14.57 3.50
C VAL B 91 68.60 14.03 2.51
N GLU B 92 69.70 13.51 3.03
CA GLU B 92 70.77 12.96 2.20
C GLU B 92 70.39 11.59 1.64
N GLN B 93 70.03 10.67 2.55
CA GLN B 93 69.65 9.30 2.14
C GLN B 93 68.49 9.31 1.15
N ALA B 94 67.65 10.33 1.24
CA ALA B 94 66.44 10.42 0.43
C ALA B 94 66.74 10.86 -1.00
N SER B 95 67.70 11.76 -1.16
CA SER B 95 68.04 12.28 -2.48
C SER B 95 68.37 11.17 -3.47
N LEU B 96 67.81 11.25 -4.66
CA LEU B 96 68.14 10.30 -5.72
C LEU B 96 69.56 10.56 -6.20
N ARG B 97 69.87 11.82 -6.45
CA ARG B 97 71.22 12.21 -6.84
C ARG B 97 71.58 13.62 -6.35
N ALA B 98 71.17 14.63 -7.11
CA ALA B 98 71.53 16.01 -6.81
C ALA B 98 71.10 16.48 -5.41
N GLY B 99 69.85 16.22 -5.06
CA GLY B 99 69.25 16.76 -3.85
C GLY B 99 68.68 18.12 -4.16
N PRO B 100 67.82 18.65 -3.26
CA PRO B 100 67.27 19.97 -3.54
C PRO B 100 68.36 21.04 -3.59
N PRO B 101 68.15 22.08 -4.42
CA PRO B 101 69.09 23.19 -4.60
C PRO B 101 69.49 23.82 -3.27
N THR B 102 68.52 24.45 -2.61
CA THR B 102 68.71 25.02 -1.29
C THR B 102 68.19 24.04 -0.24
N VAL B 103 68.91 23.95 0.87
CA VAL B 103 68.50 23.07 1.97
C VAL B 103 68.48 23.83 3.30
N HIS B 104 67.34 24.41 3.64
CA HIS B 104 67.26 25.40 4.70
C HIS B 104 66.77 24.79 6.00
N SER B 105 67.20 25.36 7.12
CA SER B 105 67.02 24.73 8.42
C SER B 105 66.84 25.77 9.52
N GLU B 106 65.88 25.55 10.40
CA GLU B 106 65.45 26.56 11.35
C GLU B 106 64.87 25.97 12.64
N ILE B 107 65.12 26.63 13.76
CA ILE B 107 64.46 26.31 15.02
C ILE B 107 63.78 27.56 15.54
N VAL B 108 62.48 27.67 15.29
CA VAL B 108 61.73 28.88 15.64
C VAL B 108 61.24 28.82 17.08
N PRO B 109 61.44 29.92 17.83
CA PRO B 109 60.95 30.04 19.19
C PRO B 109 59.51 30.54 19.21
N ALA B 110 58.60 29.73 18.69
CA ALA B 110 57.17 30.04 18.69
C ALA B 110 56.37 28.76 18.62
N ALA B 111 55.04 28.87 18.76
CA ALA B 111 54.15 27.71 18.70
C ALA B 111 54.07 27.14 17.28
N ALA B 112 54.06 25.81 17.19
CA ALA B 112 54.16 25.11 15.90
C ALA B 112 53.17 25.56 14.83
N VAL B 113 51.88 25.63 15.17
CA VAL B 113 50.87 25.96 14.17
C VAL B 113 50.98 27.39 13.68
N PRO B 114 50.96 28.38 14.59
CA PRO B 114 51.03 29.78 14.17
C PRO B 114 52.25 30.06 13.29
N THR B 115 53.39 29.45 13.62
CA THR B 115 54.61 29.68 12.87
C THR B 115 54.55 29.02 11.48
N LEU B 116 54.14 27.76 11.45
CA LEU B 116 54.01 27.04 10.18
C LEU B 116 52.93 27.62 9.27
N VAL B 117 51.82 28.07 9.85
CA VAL B 117 50.76 28.71 9.09
C VAL B 117 51.27 30.00 8.45
N ASP B 118 52.03 30.78 9.21
CA ASP B 118 52.57 32.03 8.71
C ASP B 118 53.59 31.79 7.60
N MET B 119 54.42 30.78 7.78
CA MET B 119 55.46 30.45 6.80
C MET B 119 54.90 29.89 5.50
N SER B 120 53.68 29.34 5.57
CA SER B 120 53.05 28.75 4.40
C SER B 120 52.66 29.79 3.36
N LYS B 121 52.63 31.05 3.78
CA LYS B 121 52.34 32.16 2.87
C LYS B 121 53.40 32.27 1.78
N ASP B 122 54.59 31.76 2.06
CA ASP B 122 55.70 31.85 1.11
C ASP B 122 56.20 30.46 0.73
N ALA B 123 55.31 29.47 0.77
CA ALA B 123 55.69 28.10 0.44
C ALA B 123 54.91 27.57 -0.75
N VAL B 124 55.46 26.54 -1.39
CA VAL B 124 54.79 25.84 -2.47
C VAL B 124 53.97 24.70 -1.88
N LEU B 125 54.61 23.88 -1.06
CA LEU B 125 53.95 22.80 -0.36
C LEU B 125 54.29 22.84 1.13
N MET B 126 53.34 22.45 1.97
CA MET B 126 53.57 22.31 3.40
C MET B 126 53.45 20.85 3.78
N VAL B 127 54.54 20.27 4.29
CA VAL B 127 54.58 18.84 4.56
C VAL B 127 54.76 18.56 6.05
N VAL B 128 53.85 17.79 6.63
CA VAL B 128 53.98 17.37 8.02
C VAL B 128 53.52 15.94 8.19
N GLY B 129 54.01 15.29 9.24
CA GLY B 129 53.51 13.98 9.61
C GLY B 129 52.07 14.11 10.07
N CYS B 130 51.37 12.99 10.12
CA CYS B 130 49.96 13.03 10.47
C CYS B 130 49.79 12.87 11.98
N LEU B 131 50.65 12.06 12.58
CA LEU B 131 50.71 11.93 14.04
C LEU B 131 52.10 12.29 14.55
N GLY B 132 52.17 12.98 15.69
CA GLY B 132 53.45 13.45 16.21
C GLY B 132 53.98 12.67 17.41
N SER B 133 54.68 13.37 18.29
CA SER B 133 55.29 12.74 19.46
C SER B 133 54.30 12.55 20.61
N GLY B 134 53.29 13.41 20.65
CA GLY B 134 52.26 13.33 21.69
C GLY B 134 51.08 12.48 21.27
N ARG B 135 51.35 11.43 20.50
CA ARG B 135 50.31 10.56 19.97
C ARG B 135 50.07 9.37 20.88
N TRP B 136 48.89 8.79 20.77
CA TRP B 136 48.56 7.54 21.46
C TRP B 136 47.42 6.81 20.74
N PRO B 137 47.33 5.48 20.94
CA PRO B 137 46.46 4.53 20.25
C PRO B 137 45.21 5.12 19.60
N GLY B 138 44.43 5.89 20.36
CA GLY B 138 43.14 6.38 19.88
C GLY B 138 43.18 7.39 18.75
N ARG B 139 43.97 8.46 18.94
CA ARG B 139 43.99 9.60 18.00
C ARG B 139 44.42 9.22 16.59
N LEU B 140 44.06 10.05 15.62
CA LEU B 140 44.46 9.82 14.24
C LEU B 140 44.88 11.11 13.51
N LEU B 141 44.96 12.20 14.26
CA LEU B 141 45.44 13.47 13.72
C LEU B 141 45.84 14.40 14.87
N GLY B 142 47.10 14.84 14.87
CA GLY B 142 47.60 15.70 15.93
C GLY B 142 47.19 17.14 15.76
N SER B 143 47.50 17.98 16.74
CA SER B 143 47.07 19.38 16.71
C SER B 143 47.75 20.19 15.62
N VAL B 144 48.99 19.82 15.28
CA VAL B 144 49.74 20.54 14.24
C VAL B 144 49.19 20.24 12.86
N SER B 145 49.11 18.95 12.52
CA SER B 145 48.56 18.54 11.24
C SER B 145 47.12 19.02 11.06
N SER B 146 46.34 18.93 12.13
CA SER B 146 44.96 19.37 12.13
C SER B 146 44.82 20.87 11.87
N GLY B 147 45.60 21.66 12.61
CA GLY B 147 45.54 23.12 12.48
C GLY B 147 46.05 23.59 11.13
N LEU B 148 47.05 22.87 10.63
CA LEU B 148 47.66 23.18 9.35
C LEU B 148 46.65 22.87 8.25
N LEU B 149 45.93 21.77 8.42
CA LEU B 149 44.90 21.33 7.47
C LEU B 149 43.77 22.34 7.37
N ARG B 150 43.61 23.17 8.40
CA ARG B 150 42.50 24.11 8.49
C ARG B 150 42.87 25.55 8.20
N HIS B 151 44.16 25.87 8.27
CA HIS B 151 44.59 27.27 8.21
C HIS B 151 45.70 27.58 7.20
N ALA B 152 46.45 26.56 6.78
CA ALA B 152 47.58 26.77 5.88
C ALA B 152 47.21 27.57 4.64
N HIS B 153 48.15 28.38 4.17
CA HIS B 153 47.92 29.19 2.97
C HIS B 153 48.52 28.54 1.72
N CYS B 154 48.80 27.24 1.82
CA CYS B 154 49.23 26.47 0.67
C CYS B 154 48.85 25.01 0.86
N PRO B 155 48.86 24.21 -0.23
CA PRO B 155 48.58 22.78 -0.13
C PRO B 155 49.34 22.15 1.03
N VAL B 156 48.68 21.24 1.74
CA VAL B 156 49.30 20.57 2.88
C VAL B 156 49.44 19.08 2.60
N VAL B 157 50.65 18.56 2.77
CA VAL B 157 50.87 17.14 2.53
C VAL B 157 50.93 16.38 3.85
N ILE B 158 50.03 15.42 4.01
CA ILE B 158 49.97 14.61 5.21
C ILE B 158 50.63 13.26 4.97
N ILE B 159 51.62 12.93 5.79
CA ILE B 159 52.35 11.67 5.66
C ILE B 159 52.07 10.74 6.84
N HIS B 160 51.95 9.46 6.56
CA HIS B 160 51.71 8.46 7.60
C HIS B 160 52.96 7.59 7.77
N ASP B 161 53.24 7.18 9.00
CA ASP B 161 54.52 6.53 9.31
C ASP B 161 54.68 5.13 8.70
N GLU B 162 53.82 4.79 7.76
CA GLU B 162 53.91 3.52 7.06
C GLU B 162 53.75 3.72 5.55
N ASP B 163 53.73 4.98 5.13
CA ASP B 163 53.67 5.33 3.72
C ASP B 163 54.93 4.87 3.00
N SER B 164 54.78 4.48 1.74
CA SER B 164 55.92 4.04 0.95
C SER B 164 56.54 5.22 0.19
N VAL B 165 57.72 5.65 0.64
CA VAL B 165 58.39 6.79 0.06
C VAL B 165 59.78 6.45 -0.51
N MET B 166 60.35 5.35 -0.04
CA MET B 166 61.70 4.95 -0.45
C MET B 166 61.83 4.38 -1.86
N PRO B 167 60.92 3.49 -2.28
CA PRO B 167 61.00 2.83 -3.59
C PRO B 167 61.09 3.80 -4.77
N HIS B 168 61.90 3.44 -5.76
CA HIS B 168 62.05 4.22 -6.99
C HIS B 168 62.55 3.33 -8.13
N PRO B 169 61.97 3.49 -9.33
CA PRO B 169 60.89 4.44 -9.60
C PRO B 169 59.53 3.88 -9.21
N GLN B 170 58.73 4.68 -8.51
CA GLN B 170 57.41 4.25 -8.07
C GLN B 170 56.44 4.23 -9.25
N GLN B 171 55.89 3.05 -9.52
CA GLN B 171 54.99 2.86 -10.66
C GLN B 171 53.55 3.23 -10.33
N ALA B 172 53.19 3.15 -9.06
CA ALA B 172 51.83 3.45 -8.62
C ALA B 172 51.38 4.83 -9.10
N PRO B 173 50.15 4.93 -9.62
CA PRO B 173 49.63 6.18 -10.18
C PRO B 173 49.21 7.20 -9.11
N VAL B 174 48.79 8.38 -9.56
CA VAL B 174 48.33 9.43 -8.67
C VAL B 174 46.80 9.49 -8.67
N LEU B 175 46.20 9.31 -7.50
CA LEU B 175 44.76 9.32 -7.35
C LEU B 175 44.26 10.70 -6.94
N VAL B 176 43.22 11.20 -7.63
CA VAL B 176 42.65 12.49 -7.29
C VAL B 176 41.11 12.44 -7.26
N GLY B 177 40.53 13.10 -6.25
CA GLY B 177 39.09 13.19 -6.14
C GLY B 177 38.59 14.52 -6.67
N VAL B 178 37.74 14.48 -7.69
CA VAL B 178 37.18 15.69 -8.27
C VAL B 178 35.69 15.79 -7.94
N ASP B 179 35.19 17.01 -7.76
CA ASP B 179 33.77 17.21 -7.49
C ASP B 179 33.23 18.48 -8.13
N GLY B 180 34.06 19.17 -8.91
CA GLY B 180 33.63 20.33 -9.67
C GLY B 180 33.86 21.67 -9.00
N SER B 181 34.08 21.66 -7.69
CA SER B 181 34.29 22.89 -6.94
C SER B 181 35.61 23.57 -7.30
N SER B 182 35.74 24.84 -6.96
CA SER B 182 36.97 25.58 -7.22
C SER B 182 38.16 24.98 -6.48
N ALA B 183 37.92 24.57 -5.24
CA ALA B 183 38.96 23.92 -4.43
C ALA B 183 39.37 22.59 -5.06
N SER B 184 38.47 22.00 -5.84
CA SER B 184 38.74 20.72 -6.49
C SER B 184 39.57 20.92 -7.76
N GLU B 185 39.41 22.09 -8.39
CA GLU B 185 40.21 22.43 -9.56
C GLU B 185 41.68 22.56 -9.18
N LEU B 186 41.93 23.24 -8.08
CA LEU B 186 43.28 23.36 -7.56
C LEU B 186 43.87 21.97 -7.34
N ALA B 187 43.11 21.10 -6.69
CA ALA B 187 43.55 19.74 -6.44
C ALA B 187 43.90 19.01 -7.74
N THR B 188 43.11 19.25 -8.79
CA THR B 188 43.35 18.62 -10.07
C THR B 188 44.69 19.08 -10.65
N ALA B 189 44.89 20.40 -10.70
CA ALA B 189 46.14 20.97 -11.17
C ALA B 189 47.34 20.30 -10.49
N ILE B 190 47.30 20.24 -9.16
CA ILE B 190 48.35 19.60 -8.39
C ILE B 190 48.55 18.16 -8.81
N ALA B 191 47.43 17.44 -8.99
CA ALA B 191 47.47 16.02 -9.31
C ALA B 191 48.16 15.75 -10.64
N PHE B 192 47.87 16.57 -11.65
CA PHE B 192 48.50 16.43 -12.96
C PHE B 192 49.96 16.85 -12.92
N ASP B 193 50.20 18.03 -12.37
CA ASP B 193 51.55 18.55 -12.16
C ASP B 193 52.42 17.47 -11.53
N GLU B 194 51.93 16.92 -10.43
CA GLU B 194 52.68 15.91 -9.69
C GLU B 194 52.83 14.61 -10.47
N ALA B 195 51.84 14.33 -11.33
CA ALA B 195 51.81 13.08 -12.07
C ALA B 195 52.83 13.04 -13.21
N SER B 196 52.90 14.13 -13.99
CA SER B 196 53.84 14.20 -15.10
C SER B 196 55.28 14.23 -14.61
N ARG B 197 55.53 15.03 -13.56
CA ARG B 197 56.86 15.14 -12.97
C ARG B 197 57.40 13.80 -12.49
N ARG B 198 56.53 12.98 -11.92
CA ARG B 198 56.91 11.64 -11.48
C ARG B 198 56.87 10.65 -12.63
N ASN B 199 56.31 11.10 -13.76
CA ASN B 199 56.16 10.26 -14.94
C ASN B 199 55.33 9.00 -14.64
N VAL B 200 54.15 9.21 -14.06
CA VAL B 200 53.24 8.11 -13.78
C VAL B 200 51.83 8.46 -14.25
N ASP B 201 50.90 7.52 -14.08
CA ASP B 201 49.53 7.71 -14.54
C ASP B 201 48.66 8.42 -13.49
N LEU B 202 47.48 8.85 -13.91
CA LEU B 202 46.56 9.55 -13.03
C LEU B 202 45.20 8.88 -13.02
N VAL B 203 44.64 8.71 -11.82
CA VAL B 203 43.30 8.16 -11.68
C VAL B 203 42.36 9.23 -11.13
N ALA B 204 41.46 9.73 -11.97
CA ALA B 204 40.46 10.70 -11.53
C ALA B 204 39.21 9.96 -11.05
N LEU B 205 38.76 10.28 -9.85
CA LEU B 205 37.58 9.62 -9.28
C LEU B 205 36.51 10.63 -8.87
N HIS B 206 35.28 10.35 -9.27
CA HIS B 206 34.15 11.19 -8.88
C HIS B 206 33.01 10.34 -8.33
N ALA B 207 32.56 10.69 -7.13
CA ALA B 207 31.35 10.09 -6.59
C ALA B 207 30.18 10.94 -7.02
N TRP B 208 29.25 10.33 -7.75
CA TRP B 208 28.07 11.03 -8.25
C TRP B 208 27.35 11.79 -7.13
N SER B 209 27.15 11.11 -6.01
CA SER B 209 26.47 11.71 -4.86
C SER B 209 27.42 11.89 -3.67
N ASP B 210 27.36 13.07 -3.06
CA ASP B 210 28.08 13.33 -1.81
C ASP B 210 27.40 12.59 -0.67
N VAL B 211 26.08 12.47 -0.78
CA VAL B 211 25.26 11.82 0.24
C VAL B 211 25.22 10.31 0.03
N ASP B 212 25.19 9.57 1.13
CA ASP B 212 25.09 8.12 1.08
C ASP B 212 23.69 7.71 0.65
N VAL B 213 23.57 7.06 -0.51
CA VAL B 213 22.27 6.72 -1.07
C VAL B 213 21.97 5.23 -1.07
N SER B 214 22.40 4.54 -0.01
CA SER B 214 22.21 3.10 0.12
C SER B 214 20.74 2.67 0.10
N GLU B 215 19.92 3.28 0.96
CA GLU B 215 18.51 2.87 1.09
C GLU B 215 17.57 3.63 0.14
N TRP B 216 18.10 4.63 -0.55
CA TRP B 216 17.34 5.39 -1.54
C TRP B 216 16.65 4.45 -2.55
N PRO B 217 15.32 4.56 -2.67
CA PRO B 217 14.57 3.71 -3.59
C PRO B 217 14.38 4.36 -4.96
N GLY B 218 14.35 3.54 -6.00
CA GLY B 218 14.12 4.03 -7.36
C GLY B 218 15.27 4.84 -7.92
N ILE B 219 16.48 4.30 -7.81
CA ILE B 219 17.68 4.98 -8.32
C ILE B 219 17.97 4.59 -9.77
N ASP B 220 18.28 3.31 -9.99
CA ASP B 220 18.73 2.84 -11.30
C ASP B 220 20.14 3.37 -11.58
N TRP B 221 21.12 2.77 -10.91
CA TRP B 221 22.51 3.23 -10.98
C TRP B 221 23.18 2.99 -12.35
N PRO B 222 23.08 1.76 -12.87
CA PRO B 222 23.73 1.45 -14.15
C PRO B 222 23.44 2.47 -15.25
N ALA B 223 22.23 3.04 -15.23
CA ALA B 223 21.87 4.07 -16.21
C ALA B 223 22.56 5.39 -15.91
N THR B 224 22.60 5.75 -14.62
CA THR B 224 23.17 7.03 -14.20
C THR B 224 24.69 7.04 -14.32
N GLN B 225 25.30 5.88 -14.13
CA GLN B 225 26.76 5.74 -14.18
C GLN B 225 27.32 6.05 -15.56
N SER B 226 26.64 5.55 -16.59
CA SER B 226 27.07 5.77 -17.97
C SER B 226 27.02 7.25 -18.36
N MET B 227 26.02 7.96 -17.85
CA MET B 227 25.87 9.39 -18.14
C MET B 227 26.92 10.24 -17.44
N ALA B 228 27.32 9.81 -16.25
CA ALA B 228 28.32 10.53 -15.45
C ALA B 228 29.71 10.44 -16.05
N GLU B 229 30.10 9.21 -16.42
CA GLU B 229 31.41 8.95 -17.00
C GLU B 229 31.69 9.84 -18.21
N GLN B 230 30.64 10.29 -18.87
CA GLN B 230 30.77 11.17 -20.02
C GLN B 230 31.09 12.59 -19.58
N VAL B 231 30.35 13.10 -18.61
CA VAL B 231 30.57 14.45 -18.09
C VAL B 231 31.96 14.55 -17.45
N LEU B 232 32.41 13.46 -16.84
CA LEU B 232 33.74 13.40 -16.25
C LEU B 232 34.77 13.63 -17.35
N ALA B 233 34.61 12.89 -18.44
CA ALA B 233 35.52 12.98 -19.59
C ALA B 233 35.54 14.36 -20.21
N GLU B 234 34.39 15.03 -20.23
CA GLU B 234 34.28 16.37 -20.79
C GLU B 234 35.02 17.39 -19.93
N ARG B 235 34.92 17.24 -18.61
CA ARG B 235 35.58 18.17 -17.69
C ARG B 235 37.10 17.97 -17.64
N LEU B 236 37.55 16.76 -17.98
CA LEU B 236 38.97 16.44 -18.00
C LEU B 236 39.60 16.59 -19.40
N ALA B 237 38.85 17.15 -20.34
CA ALA B 237 39.34 17.34 -21.70
C ALA B 237 40.44 18.39 -21.74
N GLY B 238 40.20 19.53 -21.11
CA GLY B 238 41.18 20.61 -21.03
C GLY B 238 42.47 20.16 -20.37
N TRP B 239 42.35 19.25 -19.40
CA TRP B 239 43.51 18.76 -18.67
C TRP B 239 44.28 17.69 -19.44
N GLN B 240 43.57 16.89 -20.23
CA GLN B 240 44.22 15.87 -21.04
C GLN B 240 45.02 16.52 -22.16
N GLU B 241 44.47 17.57 -22.75
CA GLU B 241 45.12 18.30 -23.82
C GLU B 241 46.38 19.02 -23.31
N ARG B 242 46.28 19.55 -22.09
CA ARG B 242 47.39 20.28 -21.48
C ARG B 242 48.48 19.33 -20.98
N TYR B 243 48.11 18.10 -20.68
CA TYR B 243 49.08 17.08 -20.24
C TYR B 243 48.98 15.81 -21.07
N PRO B 244 49.42 15.87 -22.33
CA PRO B 244 49.29 14.73 -23.25
C PRO B 244 50.15 13.52 -22.83
N ASN B 245 51.19 13.77 -22.05
CA ASN B 245 52.13 12.72 -21.66
C ASN B 245 51.62 11.78 -20.56
N VAL B 246 50.57 12.20 -19.87
CA VAL B 246 50.05 11.41 -18.74
C VAL B 246 48.70 10.76 -19.06
N ALA B 247 48.59 9.45 -18.80
CA ALA B 247 47.42 8.66 -19.16
C ALA B 247 46.32 8.67 -18.09
N ILE B 248 45.20 9.31 -18.41
CA ILE B 248 44.08 9.42 -17.49
C ILE B 248 43.23 8.14 -17.43
N THR B 249 42.86 7.74 -16.21
CA THR B 249 41.91 6.66 -16.00
C THR B 249 40.74 7.19 -15.20
N ARG B 250 39.58 7.33 -15.85
CA ARG B 250 38.40 7.88 -15.21
C ARG B 250 37.59 6.80 -14.49
N VAL B 251 37.13 7.11 -13.30
CA VAL B 251 36.29 6.20 -12.53
C VAL B 251 35.15 6.96 -11.86
N VAL B 252 33.92 6.52 -12.13
CA VAL B 252 32.75 7.10 -11.46
C VAL B 252 32.10 6.10 -10.52
N VAL B 253 31.98 6.49 -9.26
CA VAL B 253 31.28 5.67 -8.28
C VAL B 253 30.01 6.38 -7.83
N ARG B 254 29.14 5.65 -7.14
CA ARG B 254 27.82 6.16 -6.80
C ARG B 254 27.88 7.22 -5.72
N ASP B 255 28.46 6.87 -4.57
CA ASP B 255 28.53 7.76 -3.43
C ASP B 255 29.71 7.40 -2.55
N GLN B 256 29.79 8.06 -1.39
CA GLN B 256 30.85 7.80 -0.41
C GLN B 256 32.25 8.05 -0.98
N PRO B 257 32.54 9.29 -1.37
CA PRO B 257 33.84 9.58 -1.98
C PRO B 257 35.00 9.35 -1.01
N ALA B 258 34.84 9.76 0.24
CA ALA B 258 35.88 9.58 1.24
C ALA B 258 36.31 8.12 1.34
N ARG B 259 35.36 7.25 1.64
CA ARG B 259 35.65 5.84 1.81
C ARG B 259 36.16 5.19 0.52
N GLN B 260 35.67 5.69 -0.62
CA GLN B 260 36.14 5.21 -1.92
C GLN B 260 37.61 5.57 -2.15
N LEU B 261 37.96 6.83 -1.90
CA LEU B 261 39.32 7.30 -2.05
C LEU B 261 40.28 6.59 -1.10
N VAL B 262 39.85 6.44 0.16
CA VAL B 262 40.69 5.78 1.16
C VAL B 262 41.02 4.34 0.80
N GLN B 263 40.07 3.62 0.21
CA GLN B 263 40.31 2.23 -0.14
C GLN B 263 41.18 2.13 -1.38
N ARG B 264 40.93 3.00 -2.35
CA ARG B 264 41.67 3.00 -3.61
C ARG B 264 43.05 3.63 -3.46
N SER B 265 43.34 4.18 -2.28
CA SER B 265 44.63 4.78 -2.01
C SER B 265 45.71 3.71 -1.89
N GLU B 266 45.30 2.48 -1.63
CA GLU B 266 46.24 1.37 -1.54
C GLU B 266 46.90 1.04 -2.87
N GLU B 267 46.24 1.42 -3.97
CA GLU B 267 46.77 1.18 -5.30
C GLU B 267 47.28 2.47 -5.93
N ALA B 268 47.66 3.42 -5.08
CA ALA B 268 48.22 4.70 -5.55
C ALA B 268 49.38 5.12 -4.65
N GLN B 269 50.31 5.91 -5.19
CA GLN B 269 51.44 6.39 -4.40
C GLN B 269 51.16 7.74 -3.78
N LEU B 270 50.19 8.45 -4.34
CA LEU B 270 49.80 9.78 -3.87
C LEU B 270 48.33 10.05 -4.11
N VAL B 271 47.65 10.57 -3.09
CA VAL B 271 46.24 10.96 -3.22
C VAL B 271 46.11 12.47 -3.08
N VAL B 272 45.32 13.09 -3.95
CA VAL B 272 45.11 14.54 -3.90
C VAL B 272 43.63 14.90 -3.83
N VAL B 273 43.28 15.75 -2.87
CA VAL B 273 41.92 16.25 -2.74
C VAL B 273 41.97 17.73 -2.35
N GLY B 274 40.87 18.43 -2.58
CA GLY B 274 40.76 19.82 -2.15
C GLY B 274 40.50 19.88 -0.65
N SER B 275 40.47 21.08 -0.10
CA SER B 275 40.15 21.26 1.32
C SER B 275 38.67 21.55 1.48
N ARG B 276 38.01 21.87 0.37
CA ARG B 276 36.59 22.15 0.34
C ARG B 276 35.96 21.53 -0.91
N GLY B 277 34.63 21.53 -0.98
CA GLY B 277 33.93 20.95 -2.11
C GLY B 277 32.59 21.59 -2.41
N ARG B 278 31.70 20.81 -3.02
CA ARG B 278 30.35 21.25 -3.34
C ARG B 278 29.56 21.59 -2.10
N GLY B 279 29.76 20.81 -1.04
CA GLY B 279 28.93 20.92 0.16
C GLY B 279 29.48 21.87 1.20
N GLY B 280 29.52 21.41 2.44
CA GLY B 280 30.01 22.22 3.55
C GLY B 280 29.04 23.30 3.97
N TYR B 281 29.54 24.26 4.74
CA TYR B 281 28.74 25.34 5.29
C TYR B 281 29.62 26.53 5.62
N ALA B 282 28.99 27.64 5.98
CA ALA B 282 29.73 28.84 6.34
C ALA B 282 30.57 28.62 7.59
N GLY B 283 31.86 28.94 7.49
CA GLY B 283 32.76 28.83 8.63
C GLY B 283 33.56 27.55 8.66
N MET B 284 33.17 26.58 7.83
CA MET B 284 33.91 25.32 7.76
C MET B 284 35.29 25.58 7.19
N LEU B 285 36.31 25.04 7.84
CA LEU B 285 37.68 25.28 7.42
C LEU B 285 38.22 24.14 6.56
N VAL B 286 37.86 22.92 6.90
CA VAL B 286 38.21 21.76 6.09
C VAL B 286 37.01 20.82 5.96
N GLY B 287 36.74 20.35 4.73
CA GLY B 287 35.63 19.45 4.47
C GLY B 287 35.86 18.06 5.06
N SER B 288 34.78 17.29 5.17
CA SER B 288 34.85 15.99 5.82
C SER B 288 35.54 14.94 4.94
N VAL B 289 35.43 15.08 3.64
CA VAL B 289 36.11 14.16 2.74
C VAL B 289 37.60 14.44 2.81
N GLY B 290 37.96 15.71 2.72
CA GLY B 290 39.36 16.12 2.84
C GLY B 290 39.97 15.62 4.13
N GLU B 291 39.30 15.91 5.24
CA GLU B 291 39.79 15.50 6.54
C GLU B 291 39.89 13.98 6.67
N THR B 292 38.85 13.26 6.23
CA THR B 292 38.81 11.81 6.38
C THR B 292 39.84 11.10 5.51
N VAL B 293 40.02 11.57 4.29
CA VAL B 293 41.03 11.00 3.41
C VAL B 293 42.42 11.22 4.00
N ALA B 294 42.66 12.43 4.51
CA ALA B 294 43.94 12.76 5.14
C ALA B 294 44.22 11.85 6.33
N GLN B 295 43.19 11.54 7.12
CA GLN B 295 43.33 10.69 8.29
C GLN B 295 43.57 9.22 7.96
N LEU B 296 42.72 8.67 7.09
CA LEU B 296 42.67 7.22 6.91
C LEU B 296 43.40 6.67 5.69
N ALA B 297 43.76 7.54 4.74
CA ALA B 297 44.41 7.07 3.51
C ALA B 297 45.68 6.29 3.80
N ARG B 298 46.02 5.38 2.89
CA ARG B 298 47.18 4.51 3.09
C ARG B 298 48.46 5.05 2.46
N THR B 299 48.37 6.22 1.84
CA THR B 299 49.55 6.85 1.23
C THR B 299 49.58 8.35 1.51
N PRO B 300 50.66 9.03 1.09
CA PRO B 300 50.71 10.48 1.22
C PRO B 300 49.47 11.16 0.64
N VAL B 301 48.97 12.17 1.34
CA VAL B 301 47.77 12.89 0.91
C VAL B 301 48.06 14.37 0.80
N ILE B 302 47.73 14.96 -0.35
CA ILE B 302 47.83 16.40 -0.53
C ILE B 302 46.45 17.04 -0.47
N VAL B 303 46.24 17.88 0.53
CA VAL B 303 44.98 18.61 0.67
C VAL B 303 45.15 20.03 0.15
N ALA B 304 44.55 20.31 -1.01
CA ALA B 304 44.74 21.57 -1.70
C ALA B 304 44.09 22.75 -1.00
N ARG B 305 44.90 23.73 -0.61
CA ARG B 305 44.40 24.97 -0.01
C ARG B 305 44.83 26.18 -0.83
N GLU B 306 43.91 27.12 -1.05
CA GLU B 306 44.17 28.28 -1.88
C GLU B 306 45.21 29.21 -1.25
N SER C 18 -4.77 4.18 -6.98
CA SER C 18 -4.44 2.98 -6.17
C SER C 18 -4.17 3.30 -4.69
N SER C 19 -2.97 2.99 -4.22
CA SER C 19 -2.68 2.88 -2.78
C SER C 19 -2.88 4.16 -1.95
N LEU C 20 -2.66 5.33 -2.54
CA LEU C 20 -2.80 6.57 -1.80
C LEU C 20 -4.26 6.99 -1.60
N GLY C 21 -5.17 6.32 -2.31
CA GLY C 21 -6.60 6.61 -2.19
C GLY C 21 -6.96 8.01 -2.66
N ILE C 22 -7.58 8.78 -1.77
CA ILE C 22 -7.93 10.15 -2.08
C ILE C 22 -6.92 11.12 -1.50
N ILE C 23 -6.26 11.88 -2.37
CA ILE C 23 -5.30 12.87 -1.95
C ILE C 23 -5.98 14.23 -1.92
N VAL C 24 -5.79 14.97 -0.84
CA VAL C 24 -6.27 16.34 -0.79
C VAL C 24 -5.12 17.30 -0.44
N GLY C 25 -4.94 18.32 -1.27
CA GLY C 25 -3.90 19.31 -1.02
C GLY C 25 -4.38 20.35 -0.04
N ILE C 26 -3.57 20.61 0.98
CA ILE C 26 -3.91 21.51 2.08
C ILE C 26 -3.12 22.81 1.99
N ASP C 27 -3.80 23.93 2.18
CA ASP C 27 -3.14 25.20 2.44
C ASP C 27 -4.05 26.05 3.31
N ASP C 28 -3.62 27.24 3.67
CA ASP C 28 -4.41 28.07 4.58
C ASP C 28 -5.44 28.88 3.82
N SER C 29 -6.62 28.29 3.59
CA SER C 29 -7.66 28.95 2.79
C SER C 29 -9.02 28.28 2.98
N PRO C 30 -10.10 29.07 2.86
CA PRO C 30 -11.46 28.55 3.02
C PRO C 30 -11.74 27.36 2.11
N ALA C 31 -11.38 27.47 0.83
CA ALA C 31 -11.62 26.40 -0.13
C ALA C 31 -10.92 25.09 0.25
N ALA C 32 -9.67 25.20 0.70
CA ALA C 32 -8.91 24.02 1.10
C ALA C 32 -9.59 23.29 2.26
N GLN C 33 -10.25 24.06 3.13
CA GLN C 33 -10.94 23.45 4.26
C GLN C 33 -12.15 22.64 3.81
N VAL C 34 -12.99 23.21 2.96
CA VAL C 34 -14.16 22.46 2.49
C VAL C 34 -13.75 21.33 1.54
N ALA C 35 -12.59 21.49 0.91
CA ALA C 35 -12.00 20.41 0.11
C ALA C 35 -11.70 19.18 0.98
N VAL C 36 -11.22 19.42 2.20
CA VAL C 36 -10.94 18.33 3.13
C VAL C 36 -12.23 17.64 3.55
N ARG C 37 -13.27 18.43 3.80
CA ARG C 37 -14.58 17.87 4.12
C ARG C 37 -15.05 16.95 3.01
N TRP C 38 -15.00 17.43 1.78
CA TRP C 38 -15.45 16.63 0.64
C TRP C 38 -14.62 15.35 0.49
N ALA C 39 -13.30 15.50 0.53
CA ALA C 39 -12.40 14.37 0.36
C ALA C 39 -12.62 13.31 1.44
N ALA C 40 -12.83 13.75 2.69
CA ALA C 40 -13.09 12.84 3.79
C ALA C 40 -14.37 12.04 3.54
N ARG C 41 -15.46 12.73 3.20
CA ARG C 41 -16.72 12.06 2.89
C ARG C 41 -16.52 11.02 1.78
N ASP C 42 -15.83 11.41 0.71
CA ASP C 42 -15.64 10.54 -0.43
C ASP C 42 -14.76 9.34 -0.09
N ALA C 43 -13.68 9.59 0.64
CA ALA C 43 -12.80 8.50 1.06
C ALA C 43 -13.55 7.52 1.94
N GLU C 44 -14.42 8.05 2.80
CA GLU C 44 -15.24 7.23 3.68
C GLU C 44 -16.22 6.41 2.85
N LEU C 45 -16.87 7.09 1.92
CA LEU C 45 -17.87 6.45 1.06
C LEU C 45 -17.28 5.28 0.28
N ARG C 46 -16.13 5.49 -0.34
CA ARG C 46 -15.49 4.45 -1.14
C ARG C 46 -14.71 3.48 -0.28
N LYS C 47 -14.61 3.78 1.01
CA LYS C 47 -13.77 3.02 1.94
C LYS C 47 -12.36 2.85 1.40
N ILE C 48 -11.72 3.96 1.08
CA ILE C 48 -10.32 3.96 0.64
C ILE C 48 -9.53 5.02 1.42
N PRO C 49 -8.19 4.89 1.44
CA PRO C 49 -7.31 5.78 2.19
C PRO C 49 -7.50 7.26 1.87
N LEU C 50 -7.38 8.10 2.88
CA LEU C 50 -7.33 9.54 2.68
C LEU C 50 -5.91 10.03 2.99
N THR C 51 -5.36 10.85 2.09
CA THR C 51 -4.01 11.37 2.25
C THR C 51 -3.99 12.89 2.19
N LEU C 52 -3.66 13.52 3.31
CA LEU C 52 -3.54 14.97 3.35
C LEU C 52 -2.10 15.36 3.01
N VAL C 53 -1.95 16.33 2.12
CA VAL C 53 -0.63 16.75 1.69
C VAL C 53 -0.49 18.26 1.71
N HIS C 54 0.54 18.74 2.40
CA HIS C 54 0.91 20.15 2.33
C HIS C 54 2.34 20.25 1.82
N ALA C 55 2.54 21.04 0.77
CA ALA C 55 3.86 21.20 0.18
C ALA C 55 4.45 22.57 0.48
N VAL C 56 5.64 22.59 1.04
CA VAL C 56 6.36 23.84 1.26
C VAL C 56 7.63 23.82 0.44
N SER C 57 7.81 24.86 -0.38
CA SER C 57 9.03 24.97 -1.15
C SER C 57 10.11 25.62 -0.30
N PRO C 58 11.16 24.84 0.03
CA PRO C 58 12.18 25.24 0.99
C PRO C 58 13.16 26.25 0.41
N GLU C 59 13.11 26.42 -0.91
CA GLU C 59 13.98 27.36 -1.62
C GLU C 59 13.20 28.57 -2.12
N VAL C 60 13.85 29.73 -2.11
CA VAL C 60 13.29 30.93 -2.72
C VAL C 60 14.32 31.53 -3.67
N ALA C 61 14.33 31.02 -4.90
CA ALA C 61 15.26 31.50 -5.93
C ALA C 61 15.27 33.02 -5.99
N THR C 62 16.42 33.62 -5.69
CA THR C 62 16.54 35.07 -5.65
C THR C 62 17.76 35.54 -6.44
N TRP C 63 17.79 36.82 -6.79
CA TRP C 63 18.90 37.41 -7.53
C TRP C 63 20.18 37.47 -6.71
N LEU C 64 20.03 37.66 -5.40
CA LEU C 64 21.16 37.72 -4.48
C LEU C 64 21.75 36.33 -4.23
N GLU C 65 21.01 35.30 -4.65
CA GLU C 65 21.41 33.91 -4.49
C GLU C 65 21.74 33.53 -3.04
N VAL C 66 20.98 34.07 -2.11
CA VAL C 66 21.11 33.75 -0.69
C VAL C 66 19.98 32.80 -0.28
N PRO C 67 20.33 31.65 0.31
CA PRO C 67 19.33 30.72 0.83
C PRO C 67 18.50 31.33 1.95
N LEU C 68 17.43 30.66 2.35
CA LEU C 68 16.53 31.17 3.38
C LEU C 68 17.16 31.07 4.76
N PRO C 69 16.93 32.10 5.61
CA PRO C 69 17.32 32.00 7.01
C PRO C 69 16.73 30.72 7.61
N PRO C 70 17.54 29.96 8.37
CA PRO C 70 17.09 28.69 8.93
C PRO C 70 15.86 28.82 9.83
N GLY C 71 15.62 30.03 10.33
CA GLY C 71 14.47 30.31 11.18
C GLY C 71 13.16 30.36 10.41
N VAL C 72 13.22 30.92 9.20
CA VAL C 72 12.07 30.93 8.30
C VAL C 72 11.73 29.51 7.87
N LEU C 73 12.78 28.72 7.68
CA LEU C 73 12.66 27.34 7.22
C LEU C 73 11.93 26.47 8.24
N ARG C 74 12.05 26.84 9.52
CA ARG C 74 11.38 26.13 10.60
C ARG C 74 9.97 26.67 10.81
N TRP C 75 9.80 27.96 10.52
CA TRP C 75 8.50 28.60 10.65
C TRP C 75 7.48 27.97 9.72
N GLN C 76 7.91 27.59 8.52
CA GLN C 76 6.99 27.01 7.57
C GLN C 76 6.69 25.54 7.87
N GLN C 77 7.62 24.87 8.53
CA GLN C 77 7.36 23.51 9.00
C GLN C 77 6.38 23.54 10.16
N ASP C 78 6.48 24.57 10.98
CA ASP C 78 5.57 24.78 12.08
C ASP C 78 4.17 25.14 11.56
N HIS C 79 4.13 25.95 10.51
CA HIS C 79 2.88 26.38 9.89
C HIS C 79 2.16 25.21 9.23
N GLY C 80 2.93 24.31 8.64
CA GLY C 80 2.37 23.11 8.02
C GLY C 80 1.86 22.12 9.05
N ARG C 81 2.48 22.12 10.22
CA ARG C 81 2.06 21.25 11.31
C ARG C 81 0.70 21.70 11.82
N HIS C 82 0.52 23.02 11.95
CA HIS C 82 -0.77 23.55 12.40
C HIS C 82 -1.87 23.27 11.39
N LEU C 83 -1.56 23.41 10.11
CA LEU C 83 -2.49 23.08 9.05
C LEU C 83 -2.99 21.64 9.16
N ILE C 84 -2.07 20.68 9.24
CA ILE C 84 -2.44 19.29 9.38
C ILE C 84 -3.33 19.06 10.60
N ASP C 85 -2.94 19.62 11.75
CA ASP C 85 -3.72 19.50 12.98
C ASP C 85 -5.17 19.90 12.77
N ASP C 86 -5.37 21.06 12.15
CA ASP C 86 -6.71 21.53 11.86
C ASP C 86 -7.42 20.57 10.91
N ALA C 87 -6.71 20.14 9.86
CA ALA C 87 -7.31 19.29 8.83
C ALA C 87 -7.71 17.91 9.36
N LEU C 88 -6.89 17.34 10.24
CA LEU C 88 -7.23 16.08 10.91
C LEU C 88 -8.51 16.19 11.73
N LYS C 89 -8.75 17.35 12.32
CA LYS C 89 -9.99 17.59 13.05
C LYS C 89 -11.18 17.66 12.12
N VAL C 90 -11.01 18.38 11.01
CA VAL C 90 -12.04 18.52 10.00
C VAL C 90 -12.40 17.15 9.43
N VAL C 91 -11.38 16.31 9.24
CA VAL C 91 -11.60 14.95 8.75
C VAL C 91 -12.56 14.17 9.64
N GLU C 92 -12.44 14.29 10.95
CA GLU C 92 -13.35 13.54 11.82
C GLU C 92 -14.72 14.17 11.98
N GLN C 93 -14.80 15.50 11.86
CA GLN C 93 -16.08 16.20 11.86
C GLN C 93 -16.88 15.82 10.62
N ALA C 94 -16.18 15.55 9.53
CA ALA C 94 -16.82 15.28 8.25
C ALA C 94 -17.08 13.79 8.06
N SER C 95 -16.60 12.98 9.00
CA SER C 95 -16.85 11.54 8.95
C SER C 95 -18.24 11.22 9.51
N LEU C 96 -19.11 10.68 8.66
CA LEU C 96 -20.46 10.28 9.07
C LEU C 96 -20.43 9.11 10.03
N ARG C 97 -19.61 8.12 9.71
CA ARG C 97 -19.51 6.93 10.53
C ARG C 97 -18.07 6.71 10.99
N ALA C 98 -17.45 5.63 10.53
CA ALA C 98 -16.08 5.31 10.95
C ALA C 98 -15.00 6.12 10.20
N GLY C 99 -15.42 6.89 9.19
CA GLY C 99 -14.50 7.70 8.40
C GLY C 99 -13.68 6.85 7.46
N PRO C 100 -12.71 7.48 6.76
CA PRO C 100 -11.83 6.72 5.89
C PRO C 100 -11.09 5.64 6.68
N PRO C 101 -10.78 4.52 6.04
CA PRO C 101 -10.14 3.39 6.72
C PRO C 101 -8.75 3.74 7.20
N THR C 102 -8.15 4.72 6.53
CA THR C 102 -6.80 5.15 6.85
C THR C 102 -6.67 6.64 6.59
N VAL C 103 -6.13 7.36 7.56
CA VAL C 103 -5.93 8.80 7.43
C VAL C 103 -4.47 9.18 7.69
N HIS C 104 -3.90 9.97 6.79
CA HIS C 104 -2.46 10.04 6.66
C HIS C 104 -2.01 11.40 6.11
N SER C 105 -1.02 12.00 6.76
CA SER C 105 -0.63 13.37 6.46
C SER C 105 0.86 13.45 6.10
N GLU C 106 1.17 14.21 5.06
CA GLU C 106 2.54 14.41 4.63
C GLU C 106 2.83 15.90 4.49
N ILE C 107 4.01 16.32 4.94
CA ILE C 107 4.50 17.65 4.63
C ILE C 107 5.74 17.52 3.74
N VAL C 108 5.57 17.82 2.46
CA VAL C 108 6.64 17.62 1.49
C VAL C 108 7.39 18.92 1.21
N PRO C 109 8.72 18.89 1.38
CA PRO C 109 9.57 20.05 1.12
C PRO C 109 9.86 20.23 -0.38
N ALA C 110 8.80 20.42 -1.17
CA ALA C 110 8.94 20.69 -2.60
C ALA C 110 7.76 21.55 -3.04
N ALA C 111 7.73 21.92 -4.33
CA ALA C 111 6.63 22.71 -4.86
C ALA C 111 5.34 21.89 -4.96
N ALA C 112 4.20 22.55 -4.77
CA ALA C 112 2.91 21.87 -4.73
C ALA C 112 2.58 21.09 -6.00
N VAL C 113 2.59 21.77 -7.15
CA VAL C 113 2.21 21.11 -8.41
C VAL C 113 3.07 19.87 -8.72
N PRO C 114 4.41 20.03 -8.77
CA PRO C 114 5.21 18.83 -9.05
C PRO C 114 4.97 17.72 -8.02
N THR C 115 4.82 18.10 -6.76
CA THR C 115 4.59 17.14 -5.69
C THR C 115 3.28 16.39 -5.88
N LEU C 116 2.20 17.15 -6.09
CA LEU C 116 0.88 16.55 -6.23
C LEU C 116 0.73 15.80 -7.55
N VAL C 117 1.26 16.35 -8.63
CA VAL C 117 1.21 15.68 -9.91
C VAL C 117 1.87 14.29 -9.81
N ASP C 118 3.00 14.22 -9.11
CA ASP C 118 3.69 12.96 -8.97
C ASP C 118 2.89 11.97 -8.14
N MET C 119 2.27 12.46 -7.07
CA MET C 119 1.51 11.61 -6.16
C MET C 119 0.22 11.11 -6.80
N SER C 120 -0.29 11.86 -7.77
CA SER C 120 -1.53 11.49 -8.46
C SER C 120 -1.39 10.19 -9.24
N LYS C 121 -0.15 9.76 -9.47
CA LYS C 121 0.11 8.50 -10.14
C LYS C 121 -0.38 7.33 -9.29
N ASP C 122 -0.62 7.57 -8.01
CA ASP C 122 -1.06 6.52 -7.11
C ASP C 122 -2.35 6.87 -6.37
N ALA C 123 -3.10 7.80 -6.94
CA ALA C 123 -4.34 8.25 -6.33
C ALA C 123 -5.58 7.86 -7.15
N VAL C 124 -6.69 7.68 -6.46
CA VAL C 124 -7.97 7.46 -7.12
C VAL C 124 -8.55 8.82 -7.52
N LEU C 125 -8.49 9.77 -6.60
CA LEU C 125 -8.93 11.13 -6.85
C LEU C 125 -7.96 12.13 -6.24
N MET C 126 -7.90 13.32 -6.85
CA MET C 126 -7.06 14.40 -6.37
C MET C 126 -7.96 15.58 -6.07
N VAL C 127 -8.01 16.00 -4.80
CA VAL C 127 -8.94 17.05 -4.40
C VAL C 127 -8.20 18.32 -3.97
N VAL C 128 -8.56 19.45 -4.56
CA VAL C 128 -8.00 20.74 -4.15
C VAL C 128 -9.05 21.83 -4.25
N GLY C 129 -8.84 22.92 -3.53
CA GLY C 129 -9.73 24.06 -3.61
C GLY C 129 -9.51 24.80 -4.91
N CYS C 130 -10.45 25.68 -5.24
CA CYS C 130 -10.36 26.45 -6.48
C CYS C 130 -9.34 27.57 -6.33
N LEU C 131 -9.46 28.30 -5.23
CA LEU C 131 -8.54 29.37 -4.91
C LEU C 131 -7.87 29.11 -3.56
N GLY C 132 -6.65 29.61 -3.40
CA GLY C 132 -5.86 29.35 -2.20
C GLY C 132 -5.59 30.58 -1.37
N SER C 133 -4.53 30.52 -0.57
CA SER C 133 -4.18 31.59 0.34
C SER C 133 -3.67 32.83 -0.39
N GLY C 134 -3.25 32.64 -1.65
CA GLY C 134 -2.73 33.74 -2.45
C GLY C 134 -3.79 34.48 -3.25
N ARG C 135 -5.05 34.11 -3.05
CA ARG C 135 -6.14 34.63 -3.85
C ARG C 135 -6.31 36.14 -3.72
N TRP C 136 -6.77 36.77 -4.80
CA TRP C 136 -7.19 38.18 -4.76
C TRP C 136 -8.26 38.43 -5.82
N PRO C 137 -9.09 39.47 -5.62
CA PRO C 137 -10.28 39.69 -6.43
C PRO C 137 -9.99 39.67 -7.92
N GLY C 138 -10.76 38.89 -8.68
CA GLY C 138 -10.54 38.76 -10.11
C GLY C 138 -10.16 37.35 -10.53
N ARG C 139 -9.23 36.75 -9.79
CA ARG C 139 -8.73 35.42 -10.13
C ARG C 139 -9.77 34.34 -9.87
N LEU C 140 -9.88 33.39 -10.80
CA LEU C 140 -10.87 32.32 -10.67
C LEU C 140 -10.20 31.00 -10.31
N LEU C 141 -8.94 30.85 -10.66
CA LEU C 141 -8.23 29.61 -10.46
C LEU C 141 -6.82 29.89 -9.97
N GLY C 142 -6.35 29.13 -8.98
CA GLY C 142 -4.99 29.28 -8.48
C GLY C 142 -4.02 28.47 -9.31
N SER C 143 -2.73 28.67 -9.09
CA SER C 143 -1.72 27.98 -9.88
C SER C 143 -1.71 26.47 -9.63
N VAL C 144 -2.11 26.05 -8.43
CA VAL C 144 -2.09 24.63 -8.08
C VAL C 144 -3.28 23.90 -8.68
N SER C 145 -4.48 24.45 -8.49
CA SER C 145 -5.68 23.87 -9.08
C SER C 145 -5.56 23.85 -10.61
N SER C 146 -5.07 24.96 -11.16
CA SER C 146 -4.83 25.08 -12.60
C SER C 146 -3.83 24.04 -13.11
N GLY C 147 -2.69 23.92 -12.44
CA GLY C 147 -1.65 23.00 -12.86
C GLY C 147 -2.09 21.56 -12.73
N LEU C 148 -2.92 21.30 -11.74
CA LEU C 148 -3.42 19.96 -11.47
C LEU C 148 -4.41 19.55 -12.56
N LEU C 149 -5.25 20.51 -12.95
CA LEU C 149 -6.21 20.32 -14.06
C LEU C 149 -5.52 19.90 -15.35
N ARG C 150 -4.29 20.35 -15.53
CA ARG C 150 -3.58 20.15 -16.80
C ARG C 150 -2.63 18.96 -16.83
N HIS C 151 -2.22 18.50 -15.66
CA HIS C 151 -1.13 17.57 -15.52
C HIS C 151 -1.36 16.36 -14.68
N ALA C 152 -2.41 16.34 -13.91
CA ALA C 152 -2.66 15.25 -12.97
C ALA C 152 -2.84 13.92 -13.68
N HIS C 153 -2.43 12.84 -13.00
CA HIS C 153 -2.53 11.49 -13.56
C HIS C 153 -3.75 10.74 -13.04
N CYS C 154 -4.73 11.49 -12.56
CA CYS C 154 -6.01 10.94 -12.13
C CYS C 154 -7.02 12.07 -12.13
N PRO C 155 -8.31 11.75 -11.99
CA PRO C 155 -9.32 12.81 -12.01
C PRO C 155 -9.09 13.83 -10.90
N VAL C 156 -9.43 15.09 -11.18
CA VAL C 156 -9.18 16.18 -10.24
C VAL C 156 -10.51 16.79 -9.78
N VAL C 157 -10.69 16.90 -8.48
CA VAL C 157 -11.90 17.50 -7.92
C VAL C 157 -11.62 18.93 -7.49
N ILE C 158 -12.38 19.88 -8.03
CA ILE C 158 -12.21 21.29 -7.69
C ILE C 158 -13.32 21.74 -6.73
N ILE C 159 -12.95 22.14 -5.53
CA ILE C 159 -13.92 22.59 -4.54
C ILE C 159 -13.93 24.10 -4.41
N HIS C 160 -15.12 24.67 -4.29
CA HIS C 160 -15.27 26.09 -4.08
C HIS C 160 -15.68 26.33 -2.64
N ASP C 161 -15.25 27.44 -2.06
CA ASP C 161 -15.49 27.65 -0.63
C ASP C 161 -16.93 27.94 -0.27
N GLU C 162 -17.80 28.07 -1.26
CA GLU C 162 -19.23 28.17 -1.00
C GLU C 162 -19.99 26.90 -1.36
N ASP C 163 -19.23 25.85 -1.70
CA ASP C 163 -19.83 24.56 -1.99
C ASP C 163 -20.41 23.92 -0.73
N SER C 164 -21.62 23.39 -0.85
CA SER C 164 -22.27 22.68 0.24
C SER C 164 -21.77 21.24 0.29
N VAL C 165 -21.11 20.87 1.39
CA VAL C 165 -20.61 19.51 1.54
C VAL C 165 -21.16 18.80 2.78
N MET C 166 -21.20 19.51 3.90
CA MET C 166 -21.59 18.94 5.19
C MET C 166 -23.01 18.36 5.24
N PRO C 167 -24.02 19.13 4.76
CA PRO C 167 -25.40 18.68 4.84
C PRO C 167 -25.62 17.25 4.35
N HIS C 168 -26.21 16.41 5.19
CA HIS C 168 -26.49 15.02 4.85
C HIS C 168 -27.78 14.56 5.53
N PRO C 169 -28.61 13.77 4.81
CA PRO C 169 -28.32 13.24 3.48
C PRO C 169 -28.62 14.22 2.34
N GLN C 170 -27.65 14.38 1.44
CA GLN C 170 -27.84 15.24 0.28
C GLN C 170 -28.44 14.43 -0.87
N GLN C 171 -29.60 14.88 -1.35
CA GLN C 171 -30.37 14.10 -2.33
C GLN C 171 -30.28 14.62 -3.77
N ALA C 172 -29.76 15.84 -3.95
CA ALA C 172 -29.60 16.41 -5.27
C ALA C 172 -28.79 15.47 -6.18
N PRO C 173 -29.12 15.45 -7.47
CA PRO C 173 -28.49 14.54 -8.42
C PRO C 173 -27.03 14.86 -8.74
N VAL C 174 -26.38 13.96 -9.46
CA VAL C 174 -25.05 14.19 -10.02
C VAL C 174 -25.22 14.60 -11.48
N LEU C 175 -24.68 15.76 -11.84
CA LEU C 175 -24.77 16.28 -13.19
C LEU C 175 -23.51 15.92 -13.97
N VAL C 176 -23.67 15.38 -15.17
CA VAL C 176 -22.53 15.03 -16.01
C VAL C 176 -22.73 15.51 -17.45
N GLY C 177 -21.68 16.10 -18.03
CA GLY C 177 -21.72 16.54 -19.40
C GLY C 177 -21.15 15.49 -20.32
N VAL C 178 -21.94 15.06 -21.30
CA VAL C 178 -21.52 14.04 -22.24
C VAL C 178 -21.40 14.63 -23.63
N ASP C 179 -20.31 14.31 -24.34
CA ASP C 179 -20.15 14.79 -25.71
C ASP C 179 -19.71 13.70 -26.68
N GLY C 180 -19.60 12.47 -26.18
CA GLY C 180 -19.26 11.34 -27.04
C GLY C 180 -17.80 10.96 -27.07
N SER C 181 -16.92 11.89 -26.72
CA SER C 181 -15.48 11.61 -26.72
C SER C 181 -15.09 10.53 -25.70
N SER C 182 -13.88 10.00 -25.85
CA SER C 182 -13.40 8.96 -24.94
C SER C 182 -13.17 9.50 -23.54
N ALA C 183 -12.76 10.77 -23.44
CA ALA C 183 -12.57 11.41 -22.15
C ALA C 183 -13.92 11.62 -21.45
N SER C 184 -14.93 11.92 -22.26
CA SER C 184 -16.28 12.08 -21.77
C SER C 184 -16.83 10.74 -21.24
N GLU C 185 -16.39 9.65 -21.86
CA GLU C 185 -16.78 8.32 -21.45
C GLU C 185 -16.29 8.05 -20.02
N LEU C 186 -15.07 8.51 -19.73
CA LEU C 186 -14.51 8.38 -18.39
C LEU C 186 -15.35 9.20 -17.41
N ALA C 187 -15.67 10.42 -17.79
CA ALA C 187 -16.53 11.28 -16.96
C ALA C 187 -17.82 10.55 -16.60
N THR C 188 -18.47 9.94 -17.59
CA THR C 188 -19.69 9.17 -17.37
C THR C 188 -19.47 8.05 -16.34
N ALA C 189 -18.36 7.31 -16.51
CA ALA C 189 -18.05 6.22 -15.59
C ALA C 189 -18.05 6.67 -14.13
N ILE C 190 -17.34 7.75 -13.82
CA ILE C 190 -17.28 8.23 -12.45
C ILE C 190 -18.58 8.88 -11.99
N ALA C 191 -19.26 9.55 -12.92
CA ALA C 191 -20.55 10.15 -12.61
C ALA C 191 -21.53 9.09 -12.10
N PHE C 192 -21.57 7.95 -12.77
CA PHE C 192 -22.45 6.85 -12.37
C PHE C 192 -21.97 6.18 -11.10
N ASP C 193 -20.65 5.98 -11.02
CA ASP C 193 -20.06 5.40 -9.83
C ASP C 193 -20.41 6.25 -8.62
N GLU C 194 -20.20 7.55 -8.77
CA GLU C 194 -20.42 8.51 -7.70
C GLU C 194 -21.89 8.58 -7.31
N ALA C 195 -22.78 8.63 -8.31
CA ALA C 195 -24.23 8.69 -8.07
C ALA C 195 -24.75 7.42 -7.42
N SER C 196 -24.22 6.28 -7.84
CA SER C 196 -24.59 4.98 -7.29
C SER C 196 -24.27 4.92 -5.81
N ARG C 197 -23.04 5.26 -5.46
CA ARG C 197 -22.57 5.21 -4.08
C ARG C 197 -23.30 6.18 -3.17
N ARG C 198 -23.69 7.32 -3.72
CA ARG C 198 -24.38 8.35 -2.94
C ARG C 198 -25.87 8.11 -2.85
N ASN C 199 -26.35 7.08 -3.55
CA ASN C 199 -27.78 6.78 -3.63
C ASN C 199 -28.61 7.94 -4.14
N VAL C 200 -28.12 8.62 -5.17
CA VAL C 200 -28.84 9.74 -5.75
C VAL C 200 -29.03 9.52 -7.25
N ASP C 201 -29.71 10.46 -7.90
CA ASP C 201 -30.00 10.33 -9.31
C ASP C 201 -28.95 11.03 -10.18
N LEU C 202 -29.05 10.83 -11.48
CA LEU C 202 -28.07 11.35 -12.41
C LEU C 202 -28.72 12.15 -13.53
N VAL C 203 -28.16 13.31 -13.83
CA VAL C 203 -28.60 14.11 -14.96
C VAL C 203 -27.49 14.15 -16.00
N ALA C 204 -27.75 13.55 -17.16
CA ALA C 204 -26.79 13.57 -18.25
C ALA C 204 -27.17 14.65 -19.26
N LEU C 205 -26.30 15.64 -19.43
CA LEU C 205 -26.56 16.73 -20.35
C LEU C 205 -25.65 16.68 -21.57
N HIS C 206 -26.25 16.87 -22.74
CA HIS C 206 -25.48 16.98 -23.98
C HIS C 206 -25.90 18.21 -24.75
N ALA C 207 -24.91 18.99 -25.18
CA ALA C 207 -25.16 20.10 -26.08
C ALA C 207 -24.90 19.62 -27.50
N TRP C 208 -25.90 19.78 -28.36
CA TRP C 208 -25.82 19.31 -29.74
C TRP C 208 -24.60 19.90 -30.46
N SER C 209 -24.40 21.20 -30.28
CA SER C 209 -23.28 21.90 -30.93
C SER C 209 -22.32 22.51 -29.90
N ASP C 210 -21.01 22.30 -30.13
CA ASP C 210 -19.98 22.86 -29.26
C ASP C 210 -19.85 24.37 -29.44
N VAL C 211 -20.13 24.85 -30.65
CA VAL C 211 -20.05 26.28 -30.96
C VAL C 211 -21.44 26.91 -30.95
N ASP C 212 -21.49 28.23 -30.77
CA ASP C 212 -22.77 28.94 -30.72
C ASP C 212 -23.52 28.81 -32.04
N VAL C 213 -24.84 28.74 -31.94
CA VAL C 213 -25.69 28.38 -33.08
C VAL C 213 -26.89 29.33 -33.25
N SER C 214 -27.15 30.14 -32.24
CA SER C 214 -28.36 30.98 -32.21
C SER C 214 -28.69 31.70 -33.53
N GLU C 215 -27.66 32.12 -34.25
CA GLU C 215 -27.84 32.98 -35.41
C GLU C 215 -27.79 32.21 -36.73
N TRP C 216 -27.92 30.89 -36.66
CA TRP C 216 -27.82 30.04 -37.83
C TRP C 216 -29.18 29.79 -38.49
N PRO C 217 -29.20 29.78 -39.84
CA PRO C 217 -30.44 29.67 -40.60
C PRO C 217 -30.90 28.24 -40.86
N GLY C 218 -32.21 28.02 -40.71
CA GLY C 218 -32.85 26.74 -41.08
C GLY C 218 -32.27 25.52 -40.39
N ILE C 219 -32.59 25.36 -39.11
CA ILE C 219 -32.08 24.22 -38.35
C ILE C 219 -33.15 23.17 -38.06
N ASP C 220 -34.32 23.61 -37.60
CA ASP C 220 -35.37 22.70 -37.15
C ASP C 220 -34.93 22.00 -35.86
N TRP C 221 -35.17 22.66 -34.73
CA TRP C 221 -34.67 22.18 -33.44
C TRP C 221 -35.41 20.94 -32.92
N PRO C 222 -36.75 21.02 -32.80
CA PRO C 222 -37.51 19.90 -32.26
C PRO C 222 -37.13 18.56 -32.88
N ALA C 223 -36.87 18.56 -34.19
CA ALA C 223 -36.51 17.34 -34.90
C ALA C 223 -35.08 16.90 -34.57
N THR C 224 -34.18 17.86 -34.50
CA THR C 224 -32.78 17.58 -34.20
C THR C 224 -32.60 17.16 -32.74
N GLN C 225 -33.35 17.80 -31.85
CA GLN C 225 -33.31 17.46 -30.44
C GLN C 225 -33.80 16.04 -30.17
N SER C 226 -34.91 15.68 -30.80
CA SER C 226 -35.50 14.35 -30.62
C SER C 226 -34.55 13.24 -31.03
N MET C 227 -33.80 13.47 -32.11
CA MET C 227 -32.83 12.47 -32.56
C MET C 227 -31.67 12.37 -31.60
N ALA C 228 -31.23 13.51 -31.07
CA ALA C 228 -30.15 13.55 -30.11
C ALA C 228 -30.53 12.84 -28.81
N GLU C 229 -31.73 13.14 -28.31
CA GLU C 229 -32.25 12.53 -27.09
C GLU C 229 -32.28 11.01 -27.19
N GLN C 230 -32.47 10.52 -28.40
CA GLN C 230 -32.59 9.10 -28.65
C GLN C 230 -31.21 8.43 -28.72
N VAL C 231 -30.25 9.12 -29.32
CA VAL C 231 -28.88 8.62 -29.38
C VAL C 231 -28.26 8.64 -27.98
N LEU C 232 -28.60 9.68 -27.21
CA LEU C 232 -28.15 9.79 -25.84
C LEU C 232 -28.63 8.59 -25.03
N ALA C 233 -29.93 8.33 -25.10
CA ALA C 233 -30.53 7.19 -24.40
C ALA C 233 -29.86 5.89 -24.82
N GLU C 234 -29.48 5.82 -26.09
CA GLU C 234 -28.85 4.63 -26.65
C GLU C 234 -27.42 4.50 -26.13
N ARG C 235 -26.76 5.62 -25.90
CA ARG C 235 -25.40 5.63 -25.37
C ARG C 235 -25.39 5.30 -23.88
N LEU C 236 -26.36 5.86 -23.16
CA LEU C 236 -26.45 5.66 -21.71
C LEU C 236 -26.98 4.29 -21.33
N ALA C 237 -27.76 3.67 -22.22
CA ALA C 237 -28.16 2.29 -22.03
C ALA C 237 -26.90 1.45 -21.90
N GLY C 238 -26.83 0.59 -20.90
CA GLY C 238 -25.61 -0.14 -20.61
C GLY C 238 -25.06 0.32 -19.27
N TRP C 239 -25.00 1.64 -19.09
CA TRP C 239 -24.73 2.21 -17.78
C TRP C 239 -25.98 2.02 -16.93
N GLN C 240 -27.13 2.35 -17.50
CA GLN C 240 -28.41 2.13 -16.84
C GLN C 240 -28.54 0.65 -16.52
N GLU C 241 -28.05 -0.17 -17.44
CA GLU C 241 -28.06 -1.61 -17.29
C GLU C 241 -27.12 -2.04 -16.17
N ARG C 242 -25.99 -1.34 -16.03
CA ARG C 242 -25.02 -1.65 -14.99
C ARG C 242 -25.44 -1.03 -13.65
N TYR C 243 -26.19 0.06 -13.71
CA TYR C 243 -26.62 0.76 -12.53
C TYR C 243 -28.13 0.92 -12.50
N PRO C 244 -28.85 -0.18 -12.22
CA PRO C 244 -30.31 -0.19 -12.28
C PRO C 244 -30.96 0.77 -11.28
N ASN C 245 -30.27 1.06 -10.18
CA ASN C 245 -30.84 1.90 -9.12
C ASN C 245 -30.67 3.40 -9.28
N VAL C 246 -29.88 3.83 -10.26
CA VAL C 246 -29.73 5.26 -10.49
C VAL C 246 -30.64 5.74 -11.62
N ALA C 247 -31.60 6.60 -11.26
CA ALA C 247 -32.54 7.13 -12.23
C ALA C 247 -31.91 8.21 -13.10
N ILE C 248 -31.78 7.90 -14.38
CA ILE C 248 -31.19 8.83 -15.33
C ILE C 248 -32.20 9.87 -15.81
N THR C 249 -31.72 11.09 -16.03
CA THR C 249 -32.50 12.13 -16.66
C THR C 249 -31.68 12.74 -17.77
N ARG C 250 -32.20 12.66 -19.00
CA ARG C 250 -31.47 13.15 -20.16
C ARG C 250 -31.92 14.54 -20.57
N VAL C 251 -30.96 15.44 -20.73
CA VAL C 251 -31.25 16.78 -21.19
C VAL C 251 -30.39 17.10 -22.41
N VAL C 252 -31.04 17.42 -23.52
CA VAL C 252 -30.32 17.85 -24.72
C VAL C 252 -30.57 19.32 -24.99
N VAL C 253 -29.49 20.09 -25.05
CA VAL C 253 -29.60 21.52 -25.32
C VAL C 253 -28.99 21.86 -26.68
N ARG C 254 -29.30 23.06 -27.16
CA ARG C 254 -28.87 23.48 -28.49
C ARG C 254 -27.35 23.60 -28.57
N ASP C 255 -26.80 24.45 -27.72
CA ASP C 255 -25.37 24.73 -27.73
C ASP C 255 -24.90 25.17 -26.35
N GLN C 256 -23.73 25.81 -26.31
CA GLN C 256 -23.19 26.39 -25.08
C GLN C 256 -23.17 25.42 -23.90
N PRO C 257 -22.40 24.31 -24.02
CA PRO C 257 -22.41 23.30 -22.98
C PRO C 257 -21.82 23.79 -21.66
N ALA C 258 -20.79 24.63 -21.72
CA ALA C 258 -20.15 25.16 -20.53
C ALA C 258 -21.12 25.99 -19.69
N ARG C 259 -21.80 26.94 -20.33
CA ARG C 259 -22.75 27.80 -19.62
C ARG C 259 -23.96 27.03 -19.12
N GLN C 260 -24.35 25.99 -19.87
CA GLN C 260 -25.46 25.14 -19.49
C GLN C 260 -25.14 24.33 -18.25
N LEU C 261 -23.94 23.74 -18.21
CA LEU C 261 -23.50 22.95 -17.06
C LEU C 261 -23.38 23.81 -15.81
N VAL C 262 -22.75 24.97 -15.95
CA VAL C 262 -22.59 25.88 -14.82
C VAL C 262 -23.93 26.31 -14.25
N GLN C 263 -24.87 26.63 -15.12
CA GLN C 263 -26.21 27.06 -14.69
C GLN C 263 -26.94 25.95 -13.94
N ARG C 264 -26.92 24.75 -14.51
CA ARG C 264 -27.63 23.61 -13.93
C ARG C 264 -26.95 23.04 -12.70
N SER C 265 -25.71 23.43 -12.46
CA SER C 265 -24.94 22.91 -11.33
C SER C 265 -25.58 23.30 -10.00
N GLU C 266 -26.37 24.38 -10.04
CA GLU C 266 -26.99 24.93 -8.84
C GLU C 266 -28.03 24.00 -8.21
N GLU C 267 -28.41 22.95 -8.94
CA GLU C 267 -29.35 21.97 -8.42
C GLU C 267 -28.80 20.55 -8.48
N ALA C 268 -27.48 20.47 -8.57
CA ALA C 268 -26.77 19.21 -8.42
C ALA C 268 -25.86 19.32 -7.20
N GLN C 269 -25.42 18.18 -6.67
CA GLN C 269 -24.48 18.20 -5.57
C GLN C 269 -23.07 17.93 -6.09
N LEU C 270 -22.98 17.64 -7.38
CA LEU C 270 -21.72 17.28 -8.01
C LEU C 270 -21.84 17.40 -9.53
N VAL C 271 -20.78 17.93 -10.16
CA VAL C 271 -20.71 17.99 -11.61
C VAL C 271 -19.49 17.21 -12.06
N VAL C 272 -19.65 16.43 -13.12
CA VAL C 272 -18.53 15.68 -13.67
C VAL C 272 -18.36 15.97 -15.16
N VAL C 273 -17.14 16.34 -15.56
CA VAL C 273 -16.80 16.52 -16.96
C VAL C 273 -15.43 15.91 -17.24
N GLY C 274 -15.12 15.70 -18.51
CA GLY C 274 -13.80 15.20 -18.88
C GLY C 274 -12.82 16.35 -18.94
N SER C 275 -11.52 16.03 -19.03
CA SER C 275 -10.50 17.06 -19.20
C SER C 275 -10.44 17.46 -20.65
N ARG C 276 -10.76 16.51 -21.53
CA ARG C 276 -10.75 16.73 -22.96
C ARG C 276 -12.10 16.37 -23.57
N GLY C 277 -12.38 16.92 -24.75
CA GLY C 277 -13.63 16.62 -25.45
C GLY C 277 -13.41 16.16 -26.87
N ARG C 278 -14.43 16.33 -27.71
CA ARG C 278 -14.36 15.92 -29.11
C ARG C 278 -13.73 17.02 -29.96
N GLY C 279 -13.60 18.21 -29.40
CA GLY C 279 -12.96 19.32 -30.10
C GLY C 279 -11.48 19.43 -29.76
N GLY C 280 -11.05 20.66 -29.47
CA GLY C 280 -9.67 20.92 -29.08
C GLY C 280 -8.63 20.70 -30.18
N TYR C 281 -7.37 20.61 -29.78
CA TYR C 281 -6.27 20.44 -30.71
C TYR C 281 -5.15 19.64 -30.05
N ALA C 282 -4.12 19.31 -30.81
CA ALA C 282 -2.97 18.59 -30.27
C ALA C 282 -2.19 19.50 -29.33
N GLY C 283 -1.81 18.97 -28.17
CA GLY C 283 -1.05 19.74 -27.19
C GLY C 283 -1.90 20.42 -26.15
N MET C 284 -3.21 20.41 -26.34
CA MET C 284 -4.13 20.99 -25.36
C MET C 284 -4.19 20.09 -24.14
N LEU C 285 -4.01 20.69 -22.96
CA LEU C 285 -3.97 19.94 -21.73
C LEU C 285 -5.32 19.87 -21.04
N VAL C 286 -6.14 20.91 -21.23
CA VAL C 286 -7.50 20.91 -20.72
C VAL C 286 -8.43 21.73 -21.62
N GLY C 287 -9.59 21.16 -21.92
CA GLY C 287 -10.56 21.83 -22.80
C GLY C 287 -11.17 23.05 -22.14
N SER C 288 -11.76 23.92 -22.96
CA SER C 288 -12.30 25.18 -22.46
C SER C 288 -13.59 24.96 -21.66
N VAL C 289 -14.34 23.91 -22.01
CA VAL C 289 -15.54 23.59 -21.26
C VAL C 289 -15.16 22.98 -19.91
N GLY C 290 -14.23 22.04 -19.94
CA GLY C 290 -13.72 21.43 -18.72
C GLY C 290 -13.23 22.45 -17.72
N GLU C 291 -12.47 23.43 -18.20
CA GLU C 291 -11.90 24.45 -17.33
C GLU C 291 -12.94 25.45 -16.83
N THR C 292 -13.80 25.92 -17.73
CA THR C 292 -14.79 26.92 -17.38
C THR C 292 -15.79 26.39 -16.35
N VAL C 293 -16.19 25.13 -16.51
CA VAL C 293 -17.08 24.49 -15.55
C VAL C 293 -16.35 24.40 -14.21
N ALA C 294 -15.10 23.94 -14.24
CA ALA C 294 -14.31 23.81 -13.03
C ALA C 294 -14.25 25.11 -12.22
N GLN C 295 -14.11 26.24 -12.90
CA GLN C 295 -13.95 27.51 -12.19
C GLN C 295 -15.24 28.29 -11.92
N LEU C 296 -16.30 28.06 -12.69
CA LEU C 296 -17.55 28.80 -12.51
C LEU C 296 -18.68 28.02 -11.83
N ALA C 297 -18.55 26.69 -11.76
CA ALA C 297 -19.61 25.86 -11.22
C ALA C 297 -19.93 26.17 -9.76
N ARG C 298 -21.17 25.86 -9.37
CA ARG C 298 -21.65 26.17 -8.03
C ARG C 298 -21.65 24.95 -7.10
N THR C 299 -20.96 23.90 -7.53
CA THR C 299 -20.78 22.72 -6.70
C THR C 299 -19.43 22.08 -7.01
N PRO C 300 -19.01 21.10 -6.21
CA PRO C 300 -17.79 20.37 -6.52
C PRO C 300 -17.78 19.89 -7.97
N VAL C 301 -16.62 19.99 -8.62
CA VAL C 301 -16.48 19.56 -10.00
C VAL C 301 -15.37 18.53 -10.15
N ILE C 302 -15.70 17.35 -10.65
CA ILE C 302 -14.68 16.36 -10.97
C ILE C 302 -14.33 16.48 -12.45
N VAL C 303 -13.04 16.69 -12.72
CA VAL C 303 -12.54 16.72 -14.10
C VAL C 303 -11.75 15.44 -14.39
N ALA C 304 -12.27 14.63 -15.31
CA ALA C 304 -11.71 13.30 -15.55
C ALA C 304 -10.39 13.31 -16.33
N ARG C 305 -9.39 12.63 -15.79
CA ARG C 305 -8.10 12.50 -16.46
C ARG C 305 -7.64 11.06 -16.42
N GLU C 306 -7.02 10.59 -17.51
CA GLU C 306 -6.60 9.19 -17.62
C GLU C 306 -5.23 8.95 -16.98
N SER C 307 -4.61 7.83 -17.36
CA SER C 307 -3.30 7.42 -16.86
C SER C 307 -3.37 7.02 -15.39
N SER D 18 8.32 36.17 -40.10
CA SER D 18 8.80 37.51 -40.56
C SER D 18 7.85 38.12 -41.58
N SER D 19 7.58 37.38 -42.65
CA SER D 19 6.83 37.88 -43.79
C SER D 19 5.42 38.39 -43.46
N LEU D 20 4.67 37.62 -42.66
CA LEU D 20 3.28 37.95 -42.38
C LEU D 20 3.12 39.18 -41.48
N GLY D 21 4.22 39.61 -40.86
CA GLY D 21 4.21 40.80 -40.02
C GLY D 21 3.38 40.65 -38.77
N ILE D 22 2.38 41.51 -38.63
CA ILE D 22 1.51 41.49 -37.47
C ILE D 22 0.15 40.88 -37.77
N ILE D 23 -0.03 39.63 -37.35
CA ILE D 23 -1.30 38.93 -37.52
C ILE D 23 -2.28 39.33 -36.42
N VAL D 24 -3.56 39.44 -36.78
CA VAL D 24 -4.60 39.75 -35.81
C VAL D 24 -5.86 38.91 -36.06
N GLY D 25 -6.20 38.07 -35.09
CA GLY D 25 -7.38 37.22 -35.17
C GLY D 25 -8.64 38.04 -34.98
N ILE D 26 -9.67 37.73 -35.77
CA ILE D 26 -10.88 38.53 -35.78
C ILE D 26 -12.12 37.69 -35.53
N ASP D 27 -13.05 38.22 -34.75
CA ASP D 27 -14.36 37.63 -34.58
C ASP D 27 -15.36 38.71 -34.19
N ASP D 28 -16.61 38.32 -33.97
CA ASP D 28 -17.65 39.28 -33.67
C ASP D 28 -17.65 39.66 -32.18
N SER D 29 -16.72 40.53 -31.81
CA SER D 29 -16.57 40.93 -30.41
C SER D 29 -15.84 42.27 -30.28
N PRO D 30 -16.22 43.07 -29.28
CA PRO D 30 -15.60 44.38 -29.01
C PRO D 30 -14.10 44.29 -28.88
N ALA D 31 -13.62 43.31 -28.11
CA ALA D 31 -12.19 43.14 -27.89
C ALA D 31 -11.44 42.99 -29.21
N ALA D 32 -11.99 42.19 -30.12
CA ALA D 32 -11.36 41.98 -31.43
C ALA D 32 -11.28 43.25 -32.24
N GLN D 33 -12.31 44.09 -32.13
CA GLN D 33 -12.32 45.37 -32.84
C GLN D 33 -11.18 46.26 -32.37
N VAL D 34 -11.11 46.51 -31.07
CA VAL D 34 -10.05 47.34 -30.50
C VAL D 34 -8.69 46.66 -30.63
N ALA D 35 -8.70 45.34 -30.77
CA ALA D 35 -7.47 44.60 -31.05
C ALA D 35 -6.94 44.96 -32.43
N VAL D 36 -7.85 45.18 -33.37
CA VAL D 36 -7.48 45.57 -34.73
C VAL D 36 -6.88 46.97 -34.74
N ARG D 37 -7.50 47.89 -34.00
CA ARG D 37 -6.97 49.24 -33.86
C ARG D 37 -5.52 49.23 -33.39
N TRP D 38 -5.23 48.40 -32.38
CA TRP D 38 -3.87 48.30 -31.85
C TRP D 38 -2.92 47.69 -32.89
N ALA D 39 -3.35 46.61 -33.51
CA ALA D 39 -2.51 45.90 -34.48
C ALA D 39 -2.19 46.78 -35.69
N ALA D 40 -3.15 47.62 -36.08
CA ALA D 40 -2.96 48.53 -37.20
C ALA D 40 -1.87 49.56 -36.87
N ARG D 41 -2.01 50.22 -35.73
CA ARG D 41 -1.05 51.22 -35.26
C ARG D 41 0.37 50.67 -35.21
N ASP D 42 0.51 49.47 -34.64
CA ASP D 42 1.83 48.86 -34.48
C ASP D 42 2.46 48.48 -35.82
N ALA D 43 1.63 47.98 -36.73
CA ALA D 43 2.09 47.62 -38.07
C ALA D 43 2.52 48.87 -38.84
N GLU D 44 1.74 49.94 -38.68
CA GLU D 44 2.08 51.23 -39.27
C GLU D 44 3.37 51.76 -38.66
N LEU D 45 3.41 51.80 -37.33
CA LEU D 45 4.56 52.28 -36.58
C LEU D 45 5.83 51.52 -36.92
N ARG D 46 5.73 50.20 -37.02
CA ARG D 46 6.89 49.36 -37.30
C ARG D 46 7.15 49.25 -38.80
N LYS D 47 6.21 49.75 -39.59
CA LYS D 47 6.27 49.68 -41.06
C LYS D 47 6.42 48.25 -41.59
N ILE D 48 5.51 47.38 -41.18
CA ILE D 48 5.48 45.99 -41.65
C ILE D 48 4.06 45.55 -41.99
N PRO D 49 3.91 44.42 -42.69
CA PRO D 49 2.61 43.90 -43.11
C PRO D 49 1.63 43.68 -41.95
N LEU D 50 0.35 43.87 -42.22
CA LEU D 50 -0.72 43.62 -41.25
C LEU D 50 -1.69 42.57 -41.77
N THR D 51 -1.52 41.32 -41.32
CA THR D 51 -2.40 40.23 -41.75
C THR D 51 -3.65 40.10 -40.89
N LEU D 52 -4.82 40.09 -41.52
CA LEU D 52 -6.08 39.89 -40.80
C LEU D 52 -6.62 38.48 -41.07
N VAL D 53 -6.77 37.69 -40.01
CA VAL D 53 -7.24 36.31 -40.16
C VAL D 53 -8.54 36.08 -39.42
N HIS D 54 -9.47 35.39 -40.08
CA HIS D 54 -10.70 34.93 -39.43
C HIS D 54 -10.90 33.47 -39.75
N ALA D 55 -11.00 32.63 -38.72
CA ALA D 55 -11.08 31.19 -38.92
C ALA D 55 -12.51 30.69 -38.81
N VAL D 56 -12.85 29.71 -39.65
CA VAL D 56 -14.13 29.04 -39.62
C VAL D 56 -13.89 27.55 -39.83
N SER D 57 -14.12 26.73 -38.81
CA SER D 57 -13.87 25.29 -38.95
C SER D 57 -14.96 24.59 -39.74
N PRO D 58 -14.56 23.88 -40.82
CA PRO D 58 -15.50 23.20 -41.71
C PRO D 58 -15.73 21.74 -41.31
N GLU D 59 -15.05 21.29 -40.26
CA GLU D 59 -15.14 19.89 -39.84
C GLU D 59 -16.52 19.55 -39.29
N VAL D 60 -16.92 18.29 -39.47
CA VAL D 60 -18.17 17.80 -38.89
C VAL D 60 -17.97 17.70 -37.37
N ALA D 61 -18.70 18.52 -36.63
CA ALA D 61 -18.50 18.64 -35.20
C ALA D 61 -19.74 18.26 -34.37
N THR D 62 -20.69 17.60 -35.00
CA THR D 62 -21.85 17.08 -34.29
C THR D 62 -21.99 15.58 -34.54
N TRP D 63 -22.86 14.93 -33.78
CA TRP D 63 -23.05 13.49 -33.91
C TRP D 63 -23.50 13.10 -35.31
N LEU D 64 -22.95 12.00 -35.81
CA LEU D 64 -23.19 11.55 -37.19
C LEU D 64 -24.66 11.56 -37.59
N GLU D 65 -25.51 10.97 -36.76
CA GLU D 65 -26.93 10.88 -37.07
C GLU D 65 -27.68 12.17 -36.77
N VAL D 66 -26.94 13.25 -36.53
CA VAL D 66 -27.55 14.57 -36.33
C VAL D 66 -26.71 15.67 -36.98
N PRO D 67 -26.58 15.63 -38.32
CA PRO D 67 -25.71 16.59 -39.01
C PRO D 67 -26.38 17.95 -39.17
N LEU D 68 -25.59 18.93 -39.62
CA LEU D 68 -26.08 20.28 -39.83
C LEU D 68 -26.61 20.45 -41.26
N PRO D 69 -27.50 21.42 -41.47
CA PRO D 69 -28.00 21.80 -42.79
C PRO D 69 -26.85 22.25 -43.70
N PRO D 70 -26.99 22.05 -45.02
CA PRO D 70 -25.91 22.38 -45.94
C PRO D 70 -25.69 23.88 -46.10
N GLY D 71 -26.74 24.67 -45.86
CA GLY D 71 -26.66 26.12 -46.06
C GLY D 71 -26.10 26.88 -44.87
N VAL D 72 -25.50 26.15 -43.93
CA VAL D 72 -24.99 26.77 -42.70
C VAL D 72 -23.50 27.08 -42.80
N LEU D 73 -22.76 26.24 -43.51
CA LEU D 73 -21.33 26.44 -43.71
C LEU D 73 -21.08 27.70 -44.53
N ARG D 74 -21.95 27.94 -45.51
CA ARG D 74 -21.85 29.11 -46.37
C ARG D 74 -22.15 30.37 -45.57
N TRP D 75 -23.07 30.26 -44.61
CA TRP D 75 -23.47 31.40 -43.79
C TRP D 75 -22.28 31.94 -43.00
N GLN D 76 -21.46 31.02 -42.50
CA GLN D 76 -20.27 31.38 -41.74
C GLN D 76 -19.21 32.07 -42.60
N GLN D 77 -19.13 31.67 -43.86
CA GLN D 77 -18.23 32.31 -44.81
C GLN D 77 -18.64 33.76 -45.02
N ASP D 78 -19.92 33.98 -45.31
CA ASP D 78 -20.43 35.31 -45.57
C ASP D 78 -20.45 36.17 -44.31
N HIS D 79 -20.66 35.54 -43.16
CA HIS D 79 -20.57 36.23 -41.88
C HIS D 79 -19.13 36.70 -41.65
N GLY D 80 -18.19 35.82 -42.01
CA GLY D 80 -16.77 36.13 -41.89
C GLY D 80 -16.36 37.31 -42.76
N ARG D 81 -16.88 37.32 -43.99
CA ARG D 81 -16.56 38.40 -44.93
C ARG D 81 -17.10 39.74 -44.43
N HIS D 82 -18.24 39.71 -43.74
CA HIS D 82 -18.82 40.94 -43.20
C HIS D 82 -18.00 41.44 -42.00
N LEU D 83 -17.34 40.52 -41.31
CA LEU D 83 -16.42 40.87 -40.25
C LEU D 83 -15.17 41.53 -40.83
N ILE D 84 -14.51 40.83 -41.74
CA ILE D 84 -13.31 41.34 -42.39
C ILE D 84 -13.52 42.73 -42.98
N ASP D 85 -14.69 42.95 -43.55
CA ASP D 85 -15.02 44.24 -44.16
C ASP D 85 -15.02 45.35 -43.11
N ASP D 86 -15.69 45.12 -41.99
CA ASP D 86 -15.70 46.09 -40.90
C ASP D 86 -14.30 46.28 -40.35
N ALA D 87 -13.56 45.18 -40.24
CA ALA D 87 -12.19 45.21 -39.76
C ALA D 87 -11.33 46.13 -40.62
N LEU D 88 -11.51 46.04 -41.94
CA LEU D 88 -10.75 46.86 -42.87
C LEU D 88 -11.12 48.34 -42.83
N LYS D 89 -12.35 48.63 -42.39
CA LYS D 89 -12.77 50.01 -42.17
C LYS D 89 -12.16 50.57 -40.88
N VAL D 90 -11.95 49.69 -39.91
CA VAL D 90 -11.33 50.08 -38.65
C VAL D 90 -9.83 50.32 -38.85
N VAL D 91 -9.21 49.50 -39.68
CA VAL D 91 -7.79 49.65 -40.00
C VAL D 91 -7.50 51.06 -40.51
N GLU D 92 -8.38 51.57 -41.37
CA GLU D 92 -8.20 52.91 -41.92
C GLU D 92 -8.32 53.98 -40.85
N GLN D 93 -9.35 53.88 -40.00
CA GLN D 93 -9.54 54.83 -38.92
C GLN D 93 -8.31 54.91 -38.01
N ALA D 94 -7.80 53.73 -37.64
CA ALA D 94 -6.68 53.63 -36.74
C ALA D 94 -5.42 54.29 -37.27
N SER D 95 -5.13 54.07 -38.56
CA SER D 95 -3.91 54.58 -39.19
C SER D 95 -3.76 56.09 -39.05
N LEU D 96 -2.59 56.53 -38.62
CA LEU D 96 -2.27 57.95 -38.54
C LEU D 96 -2.00 58.52 -39.94
N ARG D 97 -0.88 58.12 -40.53
CA ARG D 97 -0.56 58.55 -41.89
C ARG D 97 -1.00 57.53 -42.95
N ALA D 98 -0.03 56.85 -43.55
CA ALA D 98 -0.29 55.95 -44.67
C ALA D 98 -0.97 54.65 -44.24
N GLY D 99 -0.74 54.23 -42.99
CA GLY D 99 -1.14 52.91 -42.55
C GLY D 99 -0.06 51.92 -42.95
N PRO D 100 -0.24 50.64 -42.57
CA PRO D 100 0.78 49.64 -42.86
C PRO D 100 1.00 49.44 -44.36
N PRO D 101 2.23 49.08 -44.76
CA PRO D 101 2.60 48.85 -46.16
C PRO D 101 1.67 47.86 -46.84
N THR D 102 1.70 46.61 -46.39
CA THR D 102 0.81 45.57 -46.87
C THR D 102 -0.35 45.43 -45.91
N VAL D 103 -1.55 45.22 -46.44
CA VAL D 103 -2.73 45.00 -45.61
C VAL D 103 -3.48 43.74 -46.04
N HIS D 104 -3.11 42.61 -45.44
CA HIS D 104 -3.53 41.31 -45.94
C HIS D 104 -4.76 40.80 -45.18
N SER D 105 -5.54 39.96 -45.84
CA SER D 105 -6.86 39.59 -45.34
C SER D 105 -7.25 38.18 -45.78
N GLU D 106 -7.81 37.41 -44.86
CA GLU D 106 -7.99 35.97 -45.08
C GLU D 106 -9.15 35.40 -44.28
N ILE D 107 -9.85 34.42 -44.86
CA ILE D 107 -10.85 33.64 -44.14
C ILE D 107 -10.50 32.17 -44.26
N VAL D 108 -9.83 31.64 -43.25
CA VAL D 108 -9.33 30.26 -43.29
C VAL D 108 -10.41 29.27 -42.86
N PRO D 109 -10.58 28.19 -43.64
CA PRO D 109 -11.51 27.12 -43.29
C PRO D 109 -10.85 26.10 -42.38
N ALA D 110 -10.51 26.54 -41.17
CA ALA D 110 -9.92 25.65 -40.16
C ALA D 110 -10.22 26.21 -38.76
N ALA D 111 -9.88 25.43 -37.74
CA ALA D 111 -10.11 25.84 -36.36
C ALA D 111 -9.17 26.99 -35.97
N ALA D 112 -9.70 27.97 -35.23
CA ALA D 112 -8.98 29.20 -34.90
C ALA D 112 -7.57 29.02 -34.33
N VAL D 113 -7.44 28.19 -33.29
CA VAL D 113 -6.15 28.03 -32.62
C VAL D 113 -5.10 27.36 -33.52
N PRO D 114 -5.39 26.17 -34.05
CA PRO D 114 -4.41 25.48 -34.89
C PRO D 114 -3.93 26.35 -36.07
N THR D 115 -4.83 27.10 -36.68
CA THR D 115 -4.47 27.93 -37.82
C THR D 115 -3.62 29.13 -37.39
N LEU D 116 -4.04 29.84 -36.35
CA LEU D 116 -3.28 30.98 -35.84
C LEU D 116 -1.93 30.57 -35.25
N VAL D 117 -1.88 29.42 -34.58
CA VAL D 117 -0.61 28.92 -34.05
C VAL D 117 0.37 28.63 -35.19
N ASP D 118 -0.14 28.02 -36.25
CA ASP D 118 0.69 27.68 -37.40
C ASP D 118 1.19 28.92 -38.12
N MET D 119 0.31 29.92 -38.26
CA MET D 119 0.66 31.17 -38.93
C MET D 119 1.65 32.02 -38.14
N SER D 120 1.72 31.80 -36.82
CA SER D 120 2.61 32.56 -35.96
C SER D 120 4.08 32.23 -36.21
N LYS D 121 4.32 31.12 -36.89
CA LYS D 121 5.69 30.73 -37.26
C LYS D 121 6.32 31.75 -38.19
N ASP D 122 5.48 32.52 -38.90
CA ASP D 122 5.96 33.49 -39.86
C ASP D 122 5.50 34.90 -39.51
N ALA D 123 5.27 35.14 -38.23
CA ALA D 123 4.79 36.43 -37.77
C ALA D 123 5.78 37.10 -36.82
N VAL D 124 5.66 38.42 -36.70
CA VAL D 124 6.44 39.18 -35.75
C VAL D 124 5.68 39.27 -34.43
N LEU D 125 4.41 39.67 -34.52
CA LEU D 125 3.53 39.73 -33.36
C LEU D 125 2.20 39.03 -33.68
N MET D 126 1.63 38.39 -32.68
CA MET D 126 0.30 37.79 -32.80
C MET D 126 -0.67 38.53 -31.89
N VAL D 127 -1.69 39.16 -32.48
CA VAL D 127 -2.59 40.00 -31.72
C VAL D 127 -4.02 39.47 -31.72
N VAL D 128 -4.57 39.25 -30.53
CA VAL D 128 -5.97 38.82 -30.41
C VAL D 128 -6.63 39.51 -29.23
N GLY D 129 -7.96 39.59 -29.29
CA GLY D 129 -8.71 40.07 -28.15
C GLY D 129 -8.59 39.06 -27.03
N CYS D 130 -8.91 39.48 -25.82
CA CYS D 130 -8.80 38.61 -24.67
C CYS D 130 -10.07 37.79 -24.44
N LEU D 131 -11.21 38.41 -24.71
CA LEU D 131 -12.49 37.70 -24.70
C LEU D 131 -13.18 37.83 -26.06
N GLY D 132 -13.83 36.77 -26.50
CA GLY D 132 -14.43 36.74 -27.83
C GLY D 132 -15.95 36.85 -27.84
N SER D 133 -16.58 36.20 -28.81
CA SER D 133 -18.02 36.28 -28.98
C SER D 133 -18.76 35.31 -28.05
N GLY D 134 -18.10 34.21 -27.70
CA GLY D 134 -18.68 33.22 -26.80
C GLY D 134 -18.34 33.50 -25.34
N ARG D 135 -18.28 34.78 -24.98
CA ARG D 135 -17.93 35.19 -23.63
C ARG D 135 -19.17 35.39 -22.78
N TRP D 136 -18.99 35.31 -21.46
CA TRP D 136 -20.04 35.63 -20.50
C TRP D 136 -19.43 36.01 -19.15
N PRO D 137 -20.19 36.78 -18.35
CA PRO D 137 -19.78 37.41 -17.09
C PRO D 137 -18.59 36.78 -16.35
N GLY D 138 -18.63 35.47 -16.14
CA GLY D 138 -17.60 34.79 -15.35
C GLY D 138 -16.20 34.73 -15.94
N ARG D 139 -16.10 34.26 -17.18
CA ARG D 139 -14.82 34.00 -17.83
C ARG D 139 -13.94 35.25 -17.98
N LEU D 140 -12.64 35.05 -18.12
CA LEU D 140 -11.73 36.16 -18.33
C LEU D 140 -10.65 35.87 -19.39
N LEU D 141 -10.78 34.73 -20.05
CA LEU D 141 -9.90 34.39 -21.17
C LEU D 141 -10.54 33.30 -22.03
N GLY D 142 -10.72 33.58 -23.31
CA GLY D 142 -11.38 32.63 -24.22
C GLY D 142 -10.43 31.53 -24.67
N SER D 143 -10.97 30.55 -25.40
CA SER D 143 -10.16 29.41 -25.84
C SER D 143 -9.08 29.78 -26.85
N VAL D 144 -9.35 30.78 -27.68
CA VAL D 144 -8.37 31.21 -28.68
C VAL D 144 -7.19 31.94 -28.04
N SER D 145 -7.48 32.99 -27.26
CA SER D 145 -6.44 33.73 -26.56
C SER D 145 -5.63 32.81 -25.65
N SER D 146 -6.33 31.92 -24.96
CA SER D 146 -5.68 30.98 -24.04
C SER D 146 -4.74 30.03 -24.78
N GLY D 147 -5.22 29.42 -25.86
CA GLY D 147 -4.41 28.46 -26.61
C GLY D 147 -3.23 29.14 -27.28
N LEU D 148 -3.46 30.37 -27.72
CA LEU D 148 -2.44 31.15 -28.41
C LEU D 148 -1.35 31.50 -27.40
N LEU D 149 -1.78 31.83 -26.18
CA LEU D 149 -0.88 32.19 -25.08
C LEU D 149 0.01 31.02 -24.69
N ARG D 150 -0.42 29.81 -25.02
CA ARG D 150 0.29 28.60 -24.62
C ARG D 150 1.08 27.94 -25.73
N HIS D 151 0.79 28.28 -26.99
CA HIS D 151 1.36 27.55 -28.11
C HIS D 151 2.00 28.40 -29.21
N ALA D 152 1.65 29.69 -29.26
CA ALA D 152 2.13 30.58 -30.32
C ALA D 152 3.65 30.54 -30.45
N HIS D 153 4.13 30.67 -31.69
CA HIS D 153 5.57 30.67 -31.93
C HIS D 153 6.12 32.09 -32.05
N CYS D 154 5.37 33.06 -31.56
CA CYS D 154 5.83 34.45 -31.50
C CYS D 154 5.11 35.16 -30.35
N PRO D 155 5.64 36.31 -29.92
CA PRO D 155 4.99 37.11 -28.89
C PRO D 155 3.51 37.26 -29.17
N VAL D 156 2.69 37.19 -28.12
CA VAL D 156 1.23 37.31 -28.27
C VAL D 156 0.74 38.56 -27.57
N VAL D 157 -0.01 39.39 -28.28
CA VAL D 157 -0.55 40.60 -27.69
C VAL D 157 -2.02 40.41 -27.31
N ILE D 158 -2.32 40.57 -26.02
CA ILE D 158 -3.68 40.43 -25.53
C ILE D 158 -4.32 41.81 -25.34
N ILE D 159 -5.46 42.03 -25.98
CA ILE D 159 -6.15 43.32 -25.88
C ILE D 159 -7.48 43.16 -25.13
N HIS D 160 -7.79 44.12 -24.27
CA HIS D 160 -9.05 44.12 -23.52
C HIS D 160 -9.94 45.23 -24.06
N ASP D 161 -11.24 44.99 -24.10
CA ASP D 161 -12.16 45.93 -24.76
C ASP D 161 -12.28 47.28 -24.04
N GLU D 162 -11.32 47.57 -23.16
CA GLU D 162 -11.28 48.86 -22.48
C GLU D 162 -9.88 49.46 -22.54
N ASP D 163 -9.02 48.87 -23.35
CA ASP D 163 -7.66 49.35 -23.52
C ASP D 163 -7.63 50.63 -24.34
N SER D 164 -6.92 51.64 -23.83
CA SER D 164 -6.74 52.89 -24.57
C SER D 164 -5.76 52.68 -25.72
N VAL D 165 -6.27 52.72 -26.94
CA VAL D 165 -5.43 52.54 -28.12
C VAL D 165 -5.55 53.74 -29.05
N MET D 166 -6.74 54.34 -29.09
CA MET D 166 -7.02 55.43 -30.01
C MET D 166 -6.26 56.74 -29.72
N PRO D 167 -6.31 57.23 -28.46
CA PRO D 167 -5.62 58.48 -28.11
C PRO D 167 -4.15 58.51 -28.54
N HIS D 168 -3.75 59.61 -29.16
CA HIS D 168 -2.39 59.79 -29.66
C HIS D 168 -2.02 61.28 -29.68
N PRO D 169 -0.77 61.61 -29.31
CA PRO D 169 0.26 60.65 -28.88
C PRO D 169 0.06 60.20 -27.43
N GLN D 170 0.18 58.89 -27.22
CA GLN D 170 0.08 58.32 -25.87
C GLN D 170 1.41 58.56 -25.15
N GLN D 171 1.35 59.26 -24.01
CA GLN D 171 2.56 59.59 -23.25
C GLN D 171 2.90 58.57 -22.17
N ALA D 172 1.94 57.73 -21.80
CA ALA D 172 2.17 56.71 -20.79
C ALA D 172 3.33 55.79 -21.15
N PRO D 173 4.15 55.42 -20.16
CA PRO D 173 5.33 54.59 -20.39
C PRO D 173 5.02 53.13 -20.70
N VAL D 174 6.07 52.37 -21.03
CA VAL D 174 5.96 50.94 -21.24
C VAL D 174 6.46 50.20 -20.01
N LEU D 175 5.59 49.40 -19.41
CA LEU D 175 5.92 48.64 -18.21
C LEU D 175 6.37 47.21 -18.56
N VAL D 176 7.48 46.78 -17.98
CA VAL D 176 7.98 45.44 -18.22
C VAL D 176 8.38 44.74 -16.92
N GLY D 177 8.04 43.46 -16.80
CA GLY D 177 8.43 42.67 -15.65
C GLY D 177 9.63 41.81 -15.98
N VAL D 178 10.73 42.02 -15.25
CA VAL D 178 11.94 41.23 -15.45
C VAL D 178 12.16 40.29 -14.26
N ASP D 179 12.74 39.12 -14.53
CA ASP D 179 13.05 38.17 -13.46
C ASP D 179 14.33 37.39 -13.73
N GLY D 180 15.04 37.75 -14.79
CA GLY D 180 16.34 37.17 -15.07
C GLY D 180 16.34 35.98 -16.01
N SER D 181 15.17 35.36 -16.20
CA SER D 181 15.06 34.19 -17.06
C SER D 181 15.26 34.54 -18.53
N SER D 182 15.51 33.52 -19.36
CA SER D 182 15.72 33.73 -20.78
C SER D 182 14.46 34.28 -21.44
N ALA D 183 13.31 33.77 -21.02
CA ALA D 183 12.03 34.26 -21.53
C ALA D 183 11.81 35.72 -21.13
N SER D 184 12.45 36.13 -20.04
CA SER D 184 12.31 37.49 -19.56
C SER D 184 13.21 38.44 -20.35
N GLU D 185 14.32 37.92 -20.88
CA GLU D 185 15.21 38.71 -21.72
C GLU D 185 14.51 39.10 -23.00
N LEU D 186 13.82 38.13 -23.60
CA LEU D 186 13.04 38.38 -24.80
C LEU D 186 12.05 39.50 -24.51
N ALA D 187 11.33 39.38 -23.40
CA ALA D 187 10.36 40.39 -23.00
C ALA D 187 10.99 41.77 -22.88
N THR D 188 12.22 41.82 -22.37
CA THR D 188 12.93 43.09 -22.20
C THR D 188 13.20 43.71 -23.56
N ALA D 189 13.78 42.92 -24.46
CA ALA D 189 14.06 43.38 -25.83
C ALA D 189 12.82 44.01 -26.45
N ILE D 190 11.70 43.29 -26.38
CA ILE D 190 10.43 43.79 -26.91
C ILE D 190 10.06 45.11 -26.26
N ALA D 191 10.21 45.18 -24.93
CA ALA D 191 9.82 46.36 -24.18
C ALA D 191 10.59 47.62 -24.60
N PHE D 192 11.89 47.48 -24.82
CA PHE D 192 12.73 48.59 -25.26
C PHE D 192 12.45 48.96 -26.71
N ASP D 193 12.46 47.94 -27.57
CA ASP D 193 12.11 48.10 -28.97
C ASP D 193 10.82 48.89 -29.10
N GLU D 194 9.79 48.43 -28.40
CA GLU D 194 8.49 49.06 -28.45
C GLU D 194 8.49 50.47 -27.84
N ALA D 195 9.36 50.68 -26.88
CA ALA D 195 9.42 51.95 -26.15
C ALA D 195 10.05 53.08 -26.96
N SER D 196 11.17 52.78 -27.63
CA SER D 196 11.84 53.79 -28.44
C SER D 196 11.00 54.17 -29.66
N ARG D 197 10.43 53.16 -30.31
CA ARG D 197 9.57 53.37 -31.49
C ARG D 197 8.39 54.28 -31.19
N ARG D 198 7.80 54.12 -30.01
CA ARG D 198 6.70 54.98 -29.58
C ARG D 198 7.21 56.28 -29.00
N ASN D 199 8.53 56.34 -28.78
CA ASN D 199 9.17 57.49 -28.17
C ASN D 199 8.60 57.81 -26.79
N VAL D 200 8.56 56.80 -25.93
CA VAL D 200 8.09 56.98 -24.56
C VAL D 200 9.08 56.35 -23.58
N ASP D 201 8.79 56.47 -22.29
CA ASP D 201 9.68 55.96 -21.25
C ASP D 201 9.40 54.49 -20.92
N LEU D 202 10.31 53.87 -20.18
CA LEU D 202 10.19 52.47 -19.82
C LEU D 202 10.29 52.29 -18.31
N VAL D 203 9.39 51.48 -17.75
CA VAL D 203 9.42 51.16 -16.33
C VAL D 203 9.74 49.69 -16.15
N ALA D 204 10.94 49.40 -15.67
CA ALA D 204 11.34 48.02 -15.38
C ALA D 204 10.98 47.69 -13.93
N LEU D 205 10.27 46.59 -13.74
CA LEU D 205 9.86 46.18 -12.41
C LEU D 205 10.30 44.76 -12.08
N HIS D 206 10.87 44.59 -10.90
CA HIS D 206 11.28 43.28 -10.42
C HIS D 206 10.79 43.03 -9.02
N ALA D 207 10.11 41.90 -8.83
CA ALA D 207 9.73 41.46 -7.51
C ALA D 207 10.84 40.56 -7.00
N TRP D 208 11.45 40.95 -5.89
CA TRP D 208 12.57 40.20 -5.30
C TRP D 208 12.20 38.73 -5.12
N SER D 209 11.02 38.47 -4.57
CA SER D 209 10.55 37.10 -4.36
C SER D 209 9.35 36.76 -5.25
N ASP D 210 9.40 35.57 -5.86
CA ASP D 210 8.27 35.05 -6.60
C ASP D 210 7.18 34.61 -5.63
N VAL D 211 7.62 34.15 -4.46
CA VAL D 211 6.70 33.64 -3.44
C VAL D 211 6.20 34.77 -2.56
N ASP D 212 4.96 34.65 -2.13
CA ASP D 212 4.35 35.64 -1.24
C ASP D 212 4.97 35.51 0.15
N VAL D 213 5.65 36.55 0.62
CA VAL D 213 6.37 36.50 1.89
C VAL D 213 5.78 37.41 2.97
N SER D 214 4.46 37.59 2.96
CA SER D 214 3.79 38.20 4.08
C SER D 214 3.71 37.12 5.16
N GLU D 215 3.84 37.50 6.42
CA GLU D 215 3.83 36.54 7.54
C GLU D 215 5.20 35.88 7.75
N TRP D 216 6.06 35.94 6.73
CA TRP D 216 7.45 35.52 6.86
C TRP D 216 8.14 36.39 7.92
N PRO D 217 8.68 35.77 8.98
CA PRO D 217 9.31 36.52 10.04
C PRO D 217 10.83 36.67 9.84
N GLY D 218 11.36 37.84 10.16
CA GLY D 218 12.80 38.08 10.06
C GLY D 218 13.26 38.26 8.63
N ILE D 219 12.76 39.29 7.96
CA ILE D 219 13.15 39.58 6.59
C ILE D 219 14.01 40.84 6.51
N ASP D 220 13.49 41.94 7.05
CA ASP D 220 14.16 43.24 6.93
C ASP D 220 14.22 43.66 5.47
N TRP D 221 13.12 44.22 4.98
CA TRP D 221 13.01 44.57 3.56
C TRP D 221 13.85 45.80 3.16
N PRO D 222 13.79 46.87 3.97
CA PRO D 222 14.55 48.09 3.65
C PRO D 222 16.01 47.83 3.24
N ALA D 223 16.65 46.88 3.90
CA ALA D 223 18.05 46.55 3.59
C ALA D 223 18.17 45.71 2.33
N THR D 224 17.24 44.77 2.16
CA THR D 224 17.25 43.88 1.01
C THR D 224 16.89 44.62 -0.27
N GLN D 225 15.98 45.58 -0.16
CA GLN D 225 15.56 46.39 -1.30
C GLN D 225 16.73 47.14 -1.91
N SER D 226 17.44 47.90 -1.08
CA SER D 226 18.60 48.67 -1.52
C SER D 226 19.63 47.77 -2.20
N MET D 227 19.76 46.54 -1.73
CA MET D 227 20.71 45.59 -2.27
C MET D 227 20.23 45.07 -3.63
N ALA D 228 18.92 44.95 -3.79
CA ALA D 228 18.33 44.42 -5.01
C ALA D 228 18.27 45.45 -6.13
N GLU D 229 17.95 46.69 -5.77
CA GLU D 229 17.91 47.79 -6.75
C GLU D 229 19.23 47.89 -7.50
N GLN D 230 20.33 47.61 -6.80
CA GLN D 230 21.65 47.66 -7.39
C GLN D 230 21.85 46.56 -8.45
N VAL D 231 21.35 45.37 -8.16
CA VAL D 231 21.46 44.25 -9.09
C VAL D 231 20.62 44.51 -10.34
N LEU D 232 19.49 45.19 -10.16
CA LEU D 232 18.63 45.56 -11.27
C LEU D 232 19.42 46.45 -12.24
N ALA D 233 19.95 47.55 -11.72
CA ALA D 233 20.69 48.52 -12.52
C ALA D 233 21.83 47.88 -13.30
N GLU D 234 22.48 46.88 -12.71
CA GLU D 234 23.59 46.18 -13.36
C GLU D 234 23.12 45.32 -14.53
N ARG D 235 21.92 44.76 -14.42
CA ARG D 235 21.36 43.93 -15.49
C ARG D 235 20.78 44.77 -16.63
N LEU D 236 20.37 46.00 -16.31
CA LEU D 236 19.84 46.92 -17.31
C LEU D 236 20.93 47.84 -17.87
N ALA D 237 22.19 47.49 -17.63
CA ALA D 237 23.31 48.28 -18.12
C ALA D 237 23.43 48.15 -19.64
N GLY D 238 23.42 46.91 -20.12
CA GLY D 238 23.49 46.64 -21.55
C GLY D 238 22.37 47.29 -22.34
N TRP D 239 21.19 47.33 -21.73
CA TRP D 239 20.00 47.88 -22.40
C TRP D 239 19.97 49.41 -22.39
N GLN D 240 20.58 50.02 -21.38
CA GLN D 240 20.63 51.47 -21.31
C GLN D 240 21.59 51.99 -22.38
N GLU D 241 22.68 51.26 -22.57
CA GLU D 241 23.70 51.64 -23.54
C GLU D 241 23.20 51.46 -24.97
N ARG D 242 22.44 50.38 -25.19
CA ARG D 242 21.89 50.10 -26.51
C ARG D 242 20.76 51.08 -26.85
N TYR D 243 20.02 51.53 -25.84
CA TYR D 243 18.90 52.44 -26.06
C TYR D 243 19.03 53.74 -25.25
N PRO D 244 19.98 54.61 -25.66
CA PRO D 244 20.24 55.85 -24.92
C PRO D 244 19.08 56.84 -24.95
N ASN D 245 18.23 56.72 -25.96
CA ASN D 245 17.14 57.66 -26.17
C ASN D 245 15.94 57.48 -25.23
N VAL D 246 15.87 56.30 -24.59
CA VAL D 246 14.73 55.99 -23.72
C VAL D 246 15.10 55.98 -22.23
N ALA D 247 14.31 56.69 -21.43
CA ALA D 247 14.61 56.89 -20.01
C ALA D 247 14.06 55.78 -19.10
N ILE D 248 14.97 55.01 -18.52
CA ILE D 248 14.60 53.89 -17.64
C ILE D 248 14.21 54.34 -16.23
N THR D 249 13.13 53.77 -15.72
CA THR D 249 12.74 53.96 -14.32
C THR D 249 12.69 52.59 -13.65
N ARG D 250 13.65 52.33 -12.77
CA ARG D 250 13.73 51.04 -12.08
C ARG D 250 12.90 51.01 -10.81
N VAL D 251 12.18 49.91 -10.61
CA VAL D 251 11.36 49.73 -9.42
C VAL D 251 11.51 48.31 -8.89
N VAL D 252 11.89 48.18 -7.62
CA VAL D 252 11.98 46.87 -6.99
C VAL D 252 10.92 46.73 -5.89
N VAL D 253 10.09 45.70 -6.00
CA VAL D 253 9.11 45.41 -4.97
C VAL D 253 9.45 44.08 -4.31
N ARG D 254 8.81 43.81 -3.19
CA ARG D 254 9.17 42.65 -2.38
C ARG D 254 8.75 41.33 -3.01
N ASP D 255 7.46 41.22 -3.31
CA ASP D 255 6.89 39.99 -3.86
C ASP D 255 5.64 40.30 -4.66
N GLN D 256 4.95 39.25 -5.10
CA GLN D 256 3.70 39.38 -5.84
C GLN D 256 3.85 40.18 -7.14
N PRO D 257 4.67 39.67 -8.08
CA PRO D 257 4.91 40.42 -9.31
C PRO D 257 3.64 40.57 -10.15
N ALA D 258 2.84 39.51 -10.23
CA ALA D 258 1.60 39.56 -11.01
C ALA D 258 0.72 40.71 -10.56
N ARG D 259 0.36 40.71 -9.28
CA ARG D 259 -0.53 41.73 -8.74
C ARG D 259 0.09 43.13 -8.80
N GLN D 260 1.41 43.20 -8.66
CA GLN D 260 2.12 44.46 -8.78
C GLN D 260 2.02 45.01 -10.20
N LEU D 261 2.32 44.17 -11.20
CA LEU D 261 2.24 44.56 -12.59
C LEU D 261 0.81 44.96 -12.98
N VAL D 262 -0.17 44.18 -12.55
CA VAL D 262 -1.56 44.45 -12.90
C VAL D 262 -2.04 45.81 -12.36
N GLN D 263 -1.54 46.20 -11.19
CA GLN D 263 -1.94 47.48 -10.60
C GLN D 263 -1.22 48.64 -11.26
N ARG D 264 0.07 48.44 -11.55
CA ARG D 264 0.88 49.49 -12.15
C ARG D 264 0.63 49.65 -13.64
N SER D 265 -0.05 48.67 -14.24
CA SER D 265 -0.41 48.71 -15.65
C SER D 265 -1.37 49.86 -15.92
N GLU D 266 -1.92 50.42 -14.86
CA GLU D 266 -2.90 51.48 -14.95
C GLU D 266 -2.28 52.79 -15.45
N GLU D 267 -1.00 53.01 -15.15
CA GLU D 267 -0.28 54.19 -15.65
C GLU D 267 0.70 53.85 -16.76
N ALA D 268 0.45 52.74 -17.44
CA ALA D 268 1.25 52.35 -18.60
C ALA D 268 0.35 52.15 -19.81
N GLN D 269 0.87 52.40 -21.01
CA GLN D 269 0.10 52.17 -22.23
C GLN D 269 0.30 50.74 -22.72
N LEU D 270 1.35 50.08 -22.25
CA LEU D 270 1.67 48.73 -22.67
C LEU D 270 2.46 48.00 -21.60
N VAL D 271 2.08 46.75 -21.34
CA VAL D 271 2.79 45.91 -20.38
C VAL D 271 3.42 44.72 -21.11
N VAL D 272 4.66 44.41 -20.79
CA VAL D 272 5.35 43.30 -21.42
C VAL D 272 5.91 42.32 -20.38
N VAL D 273 5.63 41.04 -20.59
CA VAL D 273 6.16 39.98 -19.73
C VAL D 273 6.51 38.76 -20.59
N GLY D 274 7.36 37.89 -20.06
CA GLY D 274 7.68 36.64 -20.74
C GLY D 274 6.54 35.66 -20.57
N SER D 275 6.64 34.50 -21.21
CA SER D 275 5.64 33.45 -21.06
C SER D 275 6.10 32.47 -19.99
N ARG D 276 7.37 32.57 -19.62
CA ARG D 276 7.96 31.73 -18.59
C ARG D 276 8.90 32.55 -17.71
N GLY D 277 9.37 31.96 -16.62
CA GLY D 277 10.27 32.67 -15.72
C GLY D 277 11.22 31.78 -14.94
N ARG D 278 11.63 32.24 -13.77
CA ARG D 278 12.52 31.49 -12.89
C ARG D 278 11.89 30.20 -12.41
N GLY D 279 10.58 30.24 -12.17
CA GLY D 279 9.88 29.12 -11.55
C GLY D 279 9.30 28.14 -12.53
N GLY D 280 8.03 27.79 -12.32
CA GLY D 280 7.34 26.84 -13.18
C GLY D 280 7.78 25.41 -12.97
N TYR D 281 7.43 24.55 -13.92
CA TYR D 281 7.73 23.13 -13.86
C TYR D 281 7.73 22.53 -15.25
N ALA D 282 8.14 21.27 -15.36
CA ALA D 282 8.18 20.58 -16.64
C ALA D 282 6.78 20.45 -17.21
N GLY D 283 6.62 20.88 -18.46
CA GLY D 283 5.34 20.74 -19.16
C GLY D 283 4.48 21.98 -19.11
N MET D 284 4.83 22.93 -18.24
CA MET D 284 4.08 24.17 -18.15
C MET D 284 4.26 24.96 -19.45
N LEU D 285 3.14 25.45 -19.99
CA LEU D 285 3.18 26.15 -21.27
C LEU D 285 3.21 27.66 -21.09
N VAL D 286 2.48 28.16 -20.10
CA VAL D 286 2.52 29.57 -19.74
C VAL D 286 2.55 29.73 -18.22
N GLY D 287 3.41 30.62 -17.75
CA GLY D 287 3.56 30.87 -16.32
C GLY D 287 2.36 31.59 -15.74
N SER D 288 2.24 31.56 -14.41
CA SER D 288 1.08 32.13 -13.74
C SER D 288 1.11 33.65 -13.73
N VAL D 289 2.31 34.23 -13.70
CA VAL D 289 2.42 35.68 -13.76
C VAL D 289 2.03 36.15 -15.15
N GLY D 290 2.59 35.49 -16.16
CA GLY D 290 2.25 35.78 -17.55
C GLY D 290 0.75 35.69 -17.77
N GLU D 291 0.17 34.57 -17.39
CA GLU D 291 -1.26 34.36 -17.57
C GLU D 291 -2.10 35.39 -16.82
N THR D 292 -1.75 35.64 -15.56
CA THR D 292 -2.54 36.53 -14.71
C THR D 292 -2.46 37.98 -15.17
N VAL D 293 -1.27 38.41 -15.58
CA VAL D 293 -1.11 39.77 -16.09
C VAL D 293 -1.93 39.93 -17.38
N ALA D 294 -1.87 38.92 -18.24
CA ALA D 294 -2.64 38.94 -19.49
C ALA D 294 -4.14 39.04 -19.21
N GLN D 295 -4.61 38.35 -18.19
CA GLN D 295 -6.03 38.34 -17.86
C GLN D 295 -6.50 39.65 -17.23
N LEU D 296 -5.77 40.12 -16.22
CA LEU D 296 -6.28 41.20 -15.36
C LEU D 296 -5.75 42.60 -15.67
N ALA D 297 -4.67 42.70 -16.44
CA ALA D 297 -4.06 44.00 -16.70
C ALA D 297 -5.04 44.97 -17.35
N ARG D 298 -4.83 46.26 -17.10
CA ARG D 298 -5.74 47.30 -17.59
C ARG D 298 -5.36 47.87 -18.95
N THR D 299 -4.27 47.35 -19.53
CA THR D 299 -3.83 47.81 -20.85
C THR D 299 -3.37 46.63 -21.71
N PRO D 300 -3.05 46.88 -22.98
CA PRO D 300 -2.50 45.85 -23.84
C PRO D 300 -1.33 45.12 -23.18
N VAL D 301 -1.29 43.80 -23.33
CA VAL D 301 -0.24 42.98 -22.74
C VAL D 301 0.47 42.16 -23.80
N ILE D 302 1.79 42.24 -23.84
CA ILE D 302 2.57 41.40 -24.74
C ILE D 302 3.24 40.29 -23.95
N VAL D 303 2.86 39.05 -24.22
CA VAL D 303 3.48 37.89 -23.59
C VAL D 303 4.52 37.28 -24.52
N ALA D 304 5.80 37.44 -24.17
CA ALA D 304 6.90 37.04 -25.04
C ALA D 304 7.08 35.53 -25.15
N ARG D 305 6.95 35.01 -26.37
CA ARG D 305 7.18 33.60 -26.64
C ARG D 305 8.26 33.41 -27.71
N GLU D 306 9.06 32.38 -27.55
CA GLU D 306 10.08 32.06 -28.55
C GLU D 306 9.53 31.08 -29.57
N ASN E 17 6.38 -5.78 -5.59
CA ASN E 17 6.17 -4.95 -4.38
C ASN E 17 5.76 -5.78 -3.16
N SER E 18 6.01 -5.26 -1.97
CA SER E 18 5.82 -6.01 -0.73
C SER E 18 4.98 -5.28 0.30
N SER E 19 3.78 -4.87 -0.12
CA SER E 19 2.90 -4.05 0.72
C SER E 19 2.53 -4.69 2.05
N LEU E 20 2.60 -6.01 2.13
CA LEU E 20 2.20 -6.72 3.35
C LEU E 20 3.29 -6.77 4.42
N GLY E 21 4.51 -6.41 4.04
CA GLY E 21 5.65 -6.37 4.96
C GLY E 21 6.00 -7.74 5.49
N ILE E 22 6.00 -7.89 6.82
CA ILE E 22 6.27 -9.18 7.43
C ILE E 22 4.98 -9.88 7.82
N ILE E 23 4.77 -11.07 7.24
CA ILE E 23 3.60 -11.86 7.55
C ILE E 23 3.98 -12.92 8.56
N VAL E 24 3.18 -13.08 9.60
CA VAL E 24 3.38 -14.16 10.55
C VAL E 24 2.10 -14.98 10.70
N GLY E 25 2.20 -16.29 10.50
CA GLY E 25 1.08 -17.19 10.66
C GLY E 25 0.86 -17.55 12.12
N ILE E 26 -0.38 -17.38 12.57
CA ILE E 26 -0.73 -17.58 13.97
C ILE E 26 -1.55 -18.86 14.15
N ASP E 27 -1.20 -19.64 15.18
CA ASP E 27 -2.07 -20.71 15.64
C ASP E 27 -1.84 -20.88 17.13
N ASP E 28 -2.56 -21.80 17.76
CA ASP E 28 -2.43 -21.96 19.22
C ASP E 28 -1.27 -22.89 19.56
N SER E 29 -0.08 -22.31 19.70
CA SER E 29 1.12 -23.11 19.96
C SER E 29 2.27 -22.23 20.46
N PRO E 30 3.16 -22.82 21.28
CA PRO E 30 4.32 -22.10 21.80
C PRO E 30 5.15 -21.46 20.69
N ALA E 31 5.47 -22.23 19.65
CA ALA E 31 6.30 -21.75 18.56
C ALA E 31 5.69 -20.53 17.85
N ALA E 32 4.39 -20.59 17.60
CA ALA E 32 3.69 -19.48 16.95
C ALA E 32 3.78 -18.21 17.77
N GLN E 33 3.82 -18.34 19.09
CA GLN E 33 3.92 -17.17 19.95
C GLN E 33 5.29 -16.51 19.85
N VAL E 34 6.36 -17.29 19.93
CA VAL E 34 7.69 -16.71 19.79
C VAL E 34 7.96 -16.25 18.34
N ALA E 35 7.25 -16.87 17.40
CA ALA E 35 7.29 -16.41 16.02
C ALA E 35 6.78 -14.97 15.89
N VAL E 36 5.73 -14.65 16.64
CA VAL E 36 5.17 -13.30 16.64
C VAL E 36 6.15 -12.31 17.25
N ARG E 37 6.83 -12.72 18.32
CA ARG E 37 7.86 -11.90 18.94
C ARG E 37 8.94 -11.55 17.92
N TRP E 38 9.45 -12.57 17.23
CA TRP E 38 10.50 -12.37 16.25
C TRP E 38 10.04 -11.47 15.10
N ALA E 39 8.87 -11.77 14.56
CA ALA E 39 8.32 -10.99 13.45
C ALA E 39 8.12 -9.52 13.83
N ALA E 40 7.61 -9.28 15.03
CA ALA E 40 7.42 -7.93 15.52
C ALA E 40 8.75 -7.16 15.58
N ARG E 41 9.75 -7.77 16.19
CA ARG E 41 11.08 -7.16 16.26
C ARG E 41 11.60 -6.81 14.87
N ASP E 42 11.47 -7.77 13.95
CA ASP E 42 12.00 -7.59 12.61
C ASP E 42 11.24 -6.52 11.84
N ALA E 43 9.92 -6.53 11.95
CA ALA E 43 9.10 -5.53 11.28
C ALA E 43 9.42 -4.14 11.83
N GLU E 44 9.66 -4.07 13.13
CA GLU E 44 10.04 -2.82 13.76
C GLU E 44 11.41 -2.37 13.26
N LEU E 45 12.34 -3.32 13.22
CA LEU E 45 13.70 -3.03 12.80
C LEU E 45 13.76 -2.48 11.38
N ARG E 46 13.04 -3.13 10.47
CA ARG E 46 13.03 -2.72 9.07
C ARG E 46 12.06 -1.56 8.82
N LYS E 47 11.29 -1.21 9.86
CA LYS E 47 10.21 -0.23 9.74
C LYS E 47 9.29 -0.55 8.58
N ILE E 48 8.73 -1.75 8.58
CA ILE E 48 7.77 -2.17 7.56
C ILE E 48 6.56 -2.82 8.24
N PRO E 49 5.43 -2.89 7.52
CA PRO E 49 4.19 -3.45 8.06
C PRO E 49 4.33 -4.85 8.66
N LEU E 50 3.60 -5.10 9.73
CA LEU E 50 3.46 -6.46 10.27
C LEU E 50 2.04 -6.93 10.01
N THR E 51 1.90 -8.16 9.51
CA THR E 51 0.60 -8.73 9.20
C THR E 51 0.41 -10.08 9.90
N LEU E 52 -0.52 -10.13 10.84
CA LEU E 52 -0.84 -11.37 11.51
C LEU E 52 -1.95 -12.08 10.76
N VAL E 53 -1.78 -13.38 10.52
CA VAL E 53 -2.76 -14.13 9.76
C VAL E 53 -3.08 -15.44 10.44
N HIS E 54 -4.37 -15.70 10.64
CA HIS E 54 -4.84 -16.99 11.11
C HIS E 54 -5.82 -17.53 10.09
N ALA E 55 -5.58 -18.75 9.62
CA ALA E 55 -6.44 -19.36 8.62
C ALA E 55 -7.27 -20.49 9.22
N VAL E 56 -8.58 -20.42 9.04
CA VAL E 56 -9.47 -21.49 9.45
C VAL E 56 -10.16 -22.06 8.23
N SER E 57 -10.04 -23.38 8.04
CA SER E 57 -10.72 -24.02 6.93
C SER E 57 -12.15 -24.31 7.34
N PRO E 58 -13.11 -23.62 6.68
CA PRO E 58 -14.52 -23.61 7.07
C PRO E 58 -15.22 -24.89 6.64
N GLU E 59 -14.55 -25.68 5.80
CA GLU E 59 -15.09 -26.93 5.32
C GLU E 59 -14.27 -28.09 5.83
N VAL E 60 -14.93 -29.21 6.11
CA VAL E 60 -14.26 -30.43 6.52
C VAL E 60 -14.76 -31.60 5.66
N ALA E 61 -14.23 -31.68 4.44
CA ALA E 61 -14.59 -32.74 3.50
C ALA E 61 -14.75 -34.07 4.21
N THR E 62 -15.97 -34.60 4.17
CA THR E 62 -16.28 -35.87 4.83
C THR E 62 -17.01 -36.81 3.88
N TRP E 63 -16.98 -38.11 4.19
CA TRP E 63 -17.65 -39.12 3.37
C TRP E 63 -19.17 -38.92 3.36
N LEU E 64 -19.72 -38.47 4.47
CA LEU E 64 -21.16 -38.27 4.61
C LEU E 64 -21.63 -37.00 3.91
N GLU E 65 -20.68 -36.20 3.44
CA GLU E 65 -20.97 -34.98 2.68
C GLU E 65 -21.92 -34.02 3.40
N VAL E 66 -21.73 -33.88 4.71
CA VAL E 66 -22.52 -32.97 5.52
C VAL E 66 -21.66 -31.75 5.87
N PRO E 67 -22.16 -30.54 5.57
CA PRO E 67 -21.45 -29.33 5.95
C PRO E 67 -21.34 -29.19 7.48
N LEU E 68 -20.52 -28.26 7.94
CA LEU E 68 -20.29 -28.07 9.37
C LEU E 68 -21.44 -27.34 10.04
N PRO E 69 -21.83 -27.78 11.25
CA PRO E 69 -22.83 -27.06 12.04
C PRO E 69 -22.43 -25.59 12.19
N PRO E 70 -23.37 -24.67 11.93
CA PRO E 70 -23.11 -23.22 12.01
C PRO E 70 -22.56 -22.78 13.37
N GLY E 71 -22.70 -23.63 14.38
CA GLY E 71 -22.16 -23.36 15.71
C GLY E 71 -20.67 -23.64 15.80
N VAL E 72 -20.23 -24.68 15.10
CA VAL E 72 -18.81 -24.99 14.97
C VAL E 72 -18.10 -23.89 14.20
N LEU E 73 -18.77 -23.41 13.16
CA LEU E 73 -18.24 -22.36 12.30
C LEU E 73 -18.03 -21.08 13.09
N ARG E 74 -18.97 -20.77 13.98
CA ARG E 74 -18.89 -19.58 14.83
C ARG E 74 -17.82 -19.75 15.90
N TRP E 75 -17.66 -20.98 16.38
CA TRP E 75 -16.67 -21.29 17.40
C TRP E 75 -15.23 -21.04 16.94
N GLN E 76 -14.94 -21.37 15.69
CA GLN E 76 -13.59 -21.19 15.18
C GLN E 76 -13.29 -19.73 14.84
N GLN E 77 -14.33 -18.94 14.59
CA GLN E 77 -14.16 -17.50 14.42
C GLN E 77 -13.88 -16.85 15.77
N ASP E 78 -14.56 -17.36 16.80
CA ASP E 78 -14.34 -16.91 18.16
C ASP E 78 -12.93 -17.25 18.62
N HIS E 79 -12.50 -18.47 18.29
CA HIS E 79 -11.16 -18.96 18.61
C HIS E 79 -10.11 -18.17 17.86
N GLY E 80 -10.41 -17.82 16.62
CA GLY E 80 -9.52 -17.05 15.79
C GLY E 80 -9.24 -15.68 16.36
N ARG E 81 -10.27 -15.00 16.87
CA ARG E 81 -10.09 -13.67 17.39
C ARG E 81 -9.39 -13.66 18.75
N HIS E 82 -9.52 -14.74 19.50
CA HIS E 82 -8.79 -14.86 20.77
C HIS E 82 -7.29 -14.92 20.50
N LEU E 83 -6.90 -15.70 19.50
CA LEU E 83 -5.52 -15.77 19.05
C LEU E 83 -5.01 -14.39 18.67
N ILE E 84 -5.74 -13.69 17.81
CA ILE E 84 -5.34 -12.35 17.37
C ILE E 84 -5.17 -11.37 18.52
N ASP E 85 -6.06 -11.44 19.51
CA ASP E 85 -5.98 -10.56 20.67
C ASP E 85 -4.69 -10.76 21.45
N ASP E 86 -4.39 -12.02 21.76
CA ASP E 86 -3.16 -12.36 22.46
C ASP E 86 -1.97 -11.92 21.64
N ALA E 87 -2.01 -12.21 20.34
CA ALA E 87 -0.89 -11.93 19.46
C ALA E 87 -0.61 -10.44 19.40
N LEU E 88 -1.66 -9.63 19.30
CA LEU E 88 -1.50 -8.17 19.29
C LEU E 88 -0.80 -7.67 20.55
N LYS E 89 -1.08 -8.31 21.69
CA LYS E 89 -0.39 -7.97 22.93
C LYS E 89 1.09 -8.35 22.85
N VAL E 90 1.36 -9.55 22.35
CA VAL E 90 2.74 -10.00 22.18
C VAL E 90 3.52 -9.06 21.27
N VAL E 91 2.85 -8.51 20.25
CA VAL E 91 3.48 -7.58 19.33
C VAL E 91 4.00 -6.36 20.05
N GLU E 92 3.21 -5.80 20.96
CA GLU E 92 3.64 -4.59 21.65
C GLU E 92 4.56 -4.89 22.84
N GLN E 93 4.57 -6.14 23.28
CA GLN E 93 5.52 -6.59 24.28
C GLN E 93 6.89 -6.78 23.64
N ALA E 94 6.90 -7.07 22.35
CA ALA E 94 8.15 -7.35 21.64
C ALA E 94 8.74 -6.11 21.00
N SER E 95 7.99 -5.02 20.99
CA SER E 95 8.47 -3.78 20.40
C SER E 95 9.46 -3.08 21.33
N LEU E 96 10.70 -2.94 20.87
CA LEU E 96 11.73 -2.23 21.62
C LEU E 96 11.40 -0.75 21.78
N ARG E 97 10.80 -0.16 20.76
CA ARG E 97 10.45 1.26 20.78
C ARG E 97 9.03 1.49 20.27
N ALA E 98 8.91 2.04 19.06
CA ALA E 98 7.60 2.38 18.50
C ALA E 98 6.92 1.22 17.77
N GLY E 99 7.57 0.06 17.74
CA GLY E 99 7.03 -1.13 17.07
C GLY E 99 6.97 -0.97 15.56
N PRO E 100 6.34 -1.93 14.88
CA PRO E 100 6.11 -1.80 13.44
C PRO E 100 5.22 -0.60 13.12
N PRO E 101 5.41 0.01 11.94
CA PRO E 101 4.68 1.22 11.57
C PRO E 101 3.20 0.93 11.42
N THR E 102 2.87 -0.32 11.12
CA THR E 102 1.50 -0.75 10.87
C THR E 102 1.32 -2.18 11.33
N VAL E 103 0.25 -2.43 12.09
CA VAL E 103 -0.08 -3.78 12.50
C VAL E 103 -1.47 -4.19 12.02
N HIS E 104 -1.54 -5.27 11.27
CA HIS E 104 -2.81 -5.79 10.77
C HIS E 104 -3.06 -7.21 11.28
N SER E 105 -4.32 -7.58 11.40
CA SER E 105 -4.71 -8.97 11.59
C SER E 105 -5.77 -9.40 10.57
N GLU E 106 -5.64 -10.61 10.06
CA GLU E 106 -6.62 -11.18 9.17
C GLU E 106 -6.98 -12.58 9.63
N ILE E 107 -8.27 -12.90 9.58
CA ILE E 107 -8.72 -14.27 9.78
C ILE E 107 -9.31 -14.75 8.47
N VAL E 108 -8.58 -15.60 7.77
CA VAL E 108 -8.99 -16.06 6.45
C VAL E 108 -9.67 -17.41 6.51
N PRO E 109 -10.89 -17.51 5.95
CA PRO E 109 -11.64 -18.77 5.90
C PRO E 109 -11.17 -19.69 4.78
N ALA E 110 -9.89 -20.06 4.82
CA ALA E 110 -9.33 -21.01 3.86
C ALA E 110 -8.21 -21.80 4.54
N ALA E 111 -7.60 -22.73 3.81
CA ALA E 111 -6.50 -23.52 4.36
C ALA E 111 -5.24 -22.67 4.52
N ALA E 112 -4.44 -22.98 5.53
CA ALA E 112 -3.27 -22.18 5.87
C ALA E 112 -2.25 -22.07 4.74
N VAL E 113 -1.76 -23.21 4.25
CA VAL E 113 -0.74 -23.21 3.20
C VAL E 113 -1.15 -22.41 1.96
N PRO E 114 -2.29 -22.75 1.33
CA PRO E 114 -2.70 -21.98 0.16
C PRO E 114 -2.85 -20.49 0.46
N THR E 115 -3.40 -20.19 1.63
CA THR E 115 -3.61 -18.81 2.04
C THR E 115 -2.29 -18.06 2.19
N LEU E 116 -1.37 -18.65 2.94
CA LEU E 116 -0.07 -18.01 3.21
C LEU E 116 0.82 -17.97 1.97
N VAL E 117 0.82 -19.05 1.19
CA VAL E 117 1.59 -19.08 -0.04
C VAL E 117 1.16 -17.95 -0.97
N ASP E 118 -0.15 -17.72 -1.07
CA ASP E 118 -0.65 -16.65 -1.90
C ASP E 118 -0.23 -15.28 -1.39
N MET E 119 -0.30 -15.09 -0.07
CA MET E 119 0.01 -13.80 0.54
C MET E 119 1.50 -13.49 0.46
N SER E 120 2.32 -14.54 0.39
CA SER E 120 3.77 -14.36 0.32
C SER E 120 4.21 -13.64 -0.95
N LYS E 121 3.32 -13.57 -1.93
CA LYS E 121 3.59 -12.83 -3.16
C LYS E 121 3.77 -11.35 -2.87
N ASP E 122 3.28 -10.90 -1.71
CA ASP E 122 3.35 -9.49 -1.35
C ASP E 122 4.04 -9.26 -0.01
N ALA E 123 4.85 -10.23 0.40
CA ALA E 123 5.55 -10.13 1.67
C ALA E 123 7.06 -10.00 1.50
N VAL E 124 7.70 -9.34 2.45
CA VAL E 124 9.16 -9.30 2.52
C VAL E 124 9.68 -10.57 3.17
N LEU E 125 9.03 -10.97 4.26
CA LEU E 125 9.37 -12.20 4.96
C LEU E 125 8.10 -12.92 5.40
N MET E 126 8.20 -14.24 5.51
CA MET E 126 7.09 -15.07 5.97
C MET E 126 7.56 -15.82 7.20
N VAL E 127 6.92 -15.57 8.34
CA VAL E 127 7.37 -16.14 9.60
C VAL E 127 6.35 -17.12 10.16
N VAL E 128 6.79 -18.33 10.48
CA VAL E 128 5.95 -19.32 11.12
C VAL E 128 6.75 -20.16 12.10
N GLY E 129 6.07 -20.77 13.05
CA GLY E 129 6.72 -21.68 13.98
C GLY E 129 7.08 -22.98 13.30
N CYS E 130 7.95 -23.76 13.94
CA CYS E 130 8.38 -25.03 13.38
C CYS E 130 7.29 -26.08 13.53
N LEU E 131 6.73 -26.15 14.74
CA LEU E 131 5.64 -27.06 15.04
C LEU E 131 4.44 -26.27 15.56
N GLY E 132 3.24 -26.80 15.31
CA GLY E 132 2.02 -26.10 15.68
C GLY E 132 1.20 -26.81 16.74
N SER E 133 -0.10 -26.54 16.74
CA SER E 133 -0.99 -27.09 17.75
C SER E 133 -1.24 -28.58 17.56
N GLY E 134 -0.93 -29.09 16.38
CA GLY E 134 -1.13 -30.51 16.09
C GLY E 134 0.08 -31.37 16.38
N ARG E 135 1.12 -30.77 16.95
CA ARG E 135 2.38 -31.44 17.17
C ARG E 135 2.25 -32.65 18.09
N TRP E 136 3.10 -33.66 17.85
CA TRP E 136 3.25 -34.78 18.77
C TRP E 136 4.67 -35.35 18.67
N PRO E 137 5.14 -36.03 19.72
CA PRO E 137 6.54 -36.45 19.83
C PRO E 137 7.03 -37.20 18.59
N GLY E 138 8.15 -36.76 18.05
CA GLY E 138 8.71 -37.38 16.85
C GLY E 138 8.77 -36.43 15.68
N ARG E 139 7.69 -35.69 15.46
CA ARG E 139 7.61 -34.77 14.32
C ARG E 139 8.51 -33.55 14.50
N LEU E 140 9.20 -33.17 13.43
CA LEU E 140 10.11 -32.04 13.48
C LEU E 140 9.55 -30.82 12.77
N LEU E 141 8.67 -31.06 11.82
CA LEU E 141 8.11 -29.99 11.00
C LEU E 141 6.62 -30.20 10.80
N GLY E 142 5.83 -29.14 10.91
CA GLY E 142 4.40 -29.24 10.68
C GLY E 142 4.08 -29.07 9.20
N SER E 143 2.83 -29.33 8.83
CA SER E 143 2.47 -29.26 7.42
C SER E 143 2.52 -27.83 6.87
N VAL E 144 2.32 -26.84 7.73
CA VAL E 144 2.32 -25.45 7.29
C VAL E 144 3.75 -24.94 7.08
N SER E 145 4.61 -25.15 8.07
CA SER E 145 6.00 -24.75 7.95
C SER E 145 6.67 -25.49 6.78
N SER E 146 6.38 -26.78 6.67
CA SER E 146 6.87 -27.61 5.58
C SER E 146 6.41 -27.11 4.21
N GLY E 147 5.10 -26.85 4.08
CA GLY E 147 4.53 -26.41 2.81
C GLY E 147 5.04 -25.03 2.42
N LEU E 148 5.30 -24.21 3.42
CA LEU E 148 5.77 -22.85 3.20
C LEU E 148 7.22 -22.88 2.71
N LEU E 149 8.01 -23.78 3.30
CA LEU E 149 9.39 -24.00 2.89
C LEU E 149 9.51 -24.36 1.42
N ARG E 150 8.48 -25.03 0.90
CA ARG E 150 8.54 -25.57 -0.46
C ARG E 150 7.89 -24.68 -1.52
N HIS E 151 6.97 -23.83 -1.09
CA HIS E 151 6.15 -23.07 -2.00
C HIS E 151 6.12 -21.58 -1.88
N ALA E 152 6.59 -21.05 -0.79
CA ALA E 152 6.48 -19.62 -0.52
C ALA E 152 7.17 -18.78 -1.61
N HIS E 153 6.63 -17.59 -1.86
CA HIS E 153 7.18 -16.69 -2.86
C HIS E 153 8.07 -15.60 -2.26
N CYS E 154 8.56 -15.88 -1.05
CA CYS E 154 9.52 -15.00 -0.38
C CYS E 154 10.24 -15.84 0.66
N PRO E 155 11.32 -15.30 1.25
CA PRO E 155 12.05 -16.07 2.26
C PRO E 155 11.16 -16.46 3.42
N VAL E 156 11.41 -17.63 3.99
CA VAL E 156 10.60 -18.14 5.10
C VAL E 156 11.43 -18.26 6.37
N VAL E 157 10.93 -17.69 7.46
CA VAL E 157 11.61 -17.76 8.75
C VAL E 157 10.96 -18.84 9.61
N ILE E 158 11.76 -19.81 10.06
CA ILE E 158 11.26 -20.87 10.92
C ILE E 158 11.67 -20.64 12.37
N ILE E 159 10.68 -20.46 13.25
CA ILE E 159 10.97 -20.22 14.66
C ILE E 159 10.71 -21.48 15.48
N HIS E 160 11.63 -21.78 16.39
CA HIS E 160 11.46 -22.88 17.32
C HIS E 160 11.07 -22.32 18.68
N ASP E 161 10.24 -23.03 19.42
CA ASP E 161 9.70 -22.50 20.66
C ASP E 161 10.75 -22.29 21.75
N GLU E 162 11.96 -22.79 21.51
CA GLU E 162 13.06 -22.56 22.44
C GLU E 162 14.03 -21.49 21.96
N ASP E 163 13.66 -20.78 20.90
CA ASP E 163 14.50 -19.71 20.37
C ASP E 163 14.54 -18.53 21.32
N SER E 164 15.73 -17.95 21.49
CA SER E 164 15.90 -16.73 22.27
C SER E 164 15.56 -15.55 21.38
N VAL E 165 14.51 -14.81 21.74
CA VAL E 165 14.03 -13.71 20.90
C VAL E 165 13.84 -12.39 21.65
N MET E 166 13.48 -12.47 22.92
CA MET E 166 13.22 -11.27 23.70
C MET E 166 14.49 -10.61 24.26
N PRO E 167 15.48 -11.41 24.69
CA PRO E 167 16.73 -10.85 25.20
C PRO E 167 17.36 -9.79 24.28
N HIS E 168 17.59 -8.60 24.82
CA HIS E 168 18.18 -7.50 24.07
C HIS E 168 18.99 -6.60 25.00
N PRO E 169 20.12 -6.05 24.50
CA PRO E 169 20.64 -6.26 23.13
C PRO E 169 21.30 -7.61 22.93
N GLN E 170 21.00 -8.27 21.81
CA GLN E 170 21.61 -9.56 21.52
C GLN E 170 22.78 -9.40 20.56
N GLN E 171 23.98 -9.72 21.04
CA GLN E 171 25.19 -9.42 20.27
C GLN E 171 25.76 -10.60 19.49
N ALA E 172 25.14 -11.77 19.63
CA ALA E 172 25.55 -12.96 18.88
C ALA E 172 25.45 -12.71 17.37
N PRO E 173 26.39 -13.28 16.59
CA PRO E 173 26.44 -13.04 15.15
C PRO E 173 25.34 -13.73 14.33
N VAL E 174 25.24 -13.33 13.07
CA VAL E 174 24.37 -14.00 12.12
C VAL E 174 25.19 -15.03 11.36
N LEU E 175 24.74 -16.28 11.40
CA LEU E 175 25.42 -17.37 10.71
C LEU E 175 24.78 -17.63 9.34
N VAL E 176 25.59 -17.70 8.30
CA VAL E 176 25.07 -17.98 6.96
C VAL E 176 25.89 -19.05 6.25
N GLY E 177 25.20 -20.00 5.63
CA GLY E 177 25.85 -21.05 4.86
C GLY E 177 25.96 -20.67 3.41
N VAL E 178 27.18 -20.64 2.88
CA VAL E 178 27.40 -20.27 1.49
C VAL E 178 27.92 -21.47 0.71
N ASP E 179 27.38 -21.69 -0.49
CA ASP E 179 27.86 -22.80 -1.32
C ASP E 179 28.11 -22.38 -2.77
N GLY E 180 27.92 -21.10 -3.07
CA GLY E 180 28.22 -20.58 -4.39
C GLY E 180 27.03 -20.47 -5.32
N SER E 181 25.97 -21.23 -5.04
CA SER E 181 24.78 -21.22 -5.89
C SER E 181 24.07 -19.86 -5.86
N SER E 182 23.18 -19.65 -6.83
CA SER E 182 22.46 -18.39 -6.93
C SER E 182 21.50 -18.21 -5.76
N ALA E 183 20.94 -19.31 -5.27
CA ALA E 183 20.04 -19.26 -4.12
C ALA E 183 20.82 -18.92 -2.85
N SER E 184 22.07 -19.40 -2.79
CA SER E 184 22.96 -19.11 -1.68
C SER E 184 23.34 -17.62 -1.70
N GLU E 185 23.41 -17.06 -2.90
CA GLU E 185 23.72 -15.64 -3.06
C GLU E 185 22.62 -14.80 -2.41
N LEU E 186 21.38 -15.22 -2.57
CA LEU E 186 20.25 -14.54 -1.94
C LEU E 186 20.37 -14.66 -0.42
N ALA E 187 20.68 -15.86 0.06
CA ALA E 187 20.87 -16.06 1.49
C ALA E 187 21.91 -15.07 2.03
N THR E 188 23.04 -14.94 1.34
CA THR E 188 24.07 -14.00 1.72
C THR E 188 23.53 -12.57 1.80
N ALA E 189 22.76 -12.16 0.80
CA ALA E 189 22.19 -10.82 0.77
C ALA E 189 21.39 -10.50 2.05
N ILE E 190 20.48 -11.38 2.44
CA ILE E 190 19.68 -11.14 3.64
C ILE E 190 20.48 -11.32 4.92
N ALA E 191 21.44 -12.24 4.93
CA ALA E 191 22.31 -12.40 6.08
C ALA E 191 23.03 -11.09 6.41
N PHE E 192 23.58 -10.44 5.39
CA PHE E 192 24.28 -9.17 5.58
C PHE E 192 23.31 -8.05 5.93
N ASP E 193 22.17 -8.02 5.25
CA ASP E 193 21.14 -7.04 5.53
C ASP E 193 20.72 -7.14 6.99
N GLU E 194 20.44 -8.38 7.39
CA GLU E 194 19.98 -8.65 8.74
C GLU E 194 21.05 -8.31 9.78
N ALA E 195 22.30 -8.70 9.51
CA ALA E 195 23.40 -8.43 10.44
C ALA E 195 23.69 -6.93 10.55
N SER E 196 23.63 -6.24 9.42
CA SER E 196 23.83 -4.80 9.38
C SER E 196 22.83 -4.06 10.27
N ARG E 197 21.54 -4.36 10.07
CA ARG E 197 20.47 -3.71 10.81
C ARG E 197 20.50 -4.01 12.30
N ARG E 198 20.97 -5.21 12.66
CA ARG E 198 21.02 -5.62 14.05
C ARG E 198 22.30 -5.15 14.74
N ASN E 199 23.18 -4.53 13.97
CA ASN E 199 24.49 -4.10 14.46
C ASN E 199 25.32 -5.23 15.08
N VAL E 200 25.31 -6.38 14.43
CA VAL E 200 26.07 -7.53 14.90
C VAL E 200 27.00 -8.04 13.81
N ASP E 201 27.79 -9.06 14.14
CA ASP E 201 28.76 -9.59 13.19
C ASP E 201 28.19 -10.76 12.39
N LEU E 202 28.95 -11.20 11.40
CA LEU E 202 28.49 -12.25 10.50
C LEU E 202 29.51 -13.38 10.41
N VAL E 203 29.02 -14.61 10.49
CA VAL E 203 29.86 -15.78 10.27
C VAL E 203 29.42 -16.48 8.99
N ALA E 204 30.29 -16.48 7.99
CA ALA E 204 30.01 -17.17 6.75
C ALA E 204 30.69 -18.53 6.74
N LEU E 205 29.91 -19.59 6.66
CA LEU E 205 30.45 -20.94 6.66
C LEU E 205 30.28 -21.63 5.30
N HIS E 206 31.34 -22.26 4.83
CA HIS E 206 31.30 -23.06 3.62
C HIS E 206 31.88 -24.44 3.88
N ALA E 207 31.14 -25.47 3.45
CA ALA E 207 31.66 -26.83 3.47
C ALA E 207 32.22 -27.11 2.08
N TRP E 208 33.47 -27.54 2.03
CA TRP E 208 34.16 -27.81 0.76
C TRP E 208 33.40 -28.85 -0.06
N SER E 209 32.96 -29.93 0.59
CA SER E 209 32.23 -31.00 -0.07
C SER E 209 30.82 -31.16 0.48
N ASP E 210 29.84 -31.28 -0.41
CA ASP E 210 28.45 -31.49 -0.03
C ASP E 210 28.22 -32.91 0.50
N VAL E 211 29.01 -33.86 -0.01
CA VAL E 211 28.91 -35.26 0.42
C VAL E 211 30.00 -35.61 1.43
N ASP E 212 29.77 -36.65 2.22
CA ASP E 212 30.74 -37.07 3.23
C ASP E 212 32.07 -37.48 2.60
N VAL E 213 33.16 -37.15 3.28
CA VAL E 213 34.50 -37.28 2.71
C VAL E 213 35.46 -38.03 3.63
N SER E 214 35.00 -38.33 4.84
CA SER E 214 35.84 -38.92 5.88
C SER E 214 36.72 -40.11 5.43
N GLU E 215 36.21 -40.94 4.53
CA GLU E 215 36.94 -42.15 4.12
C GLU E 215 37.54 -42.06 2.72
N TRP E 216 37.88 -40.85 2.29
CA TRP E 216 38.47 -40.65 0.96
C TRP E 216 39.99 -40.57 1.04
N PRO E 217 40.69 -41.45 0.29
CA PRO E 217 42.15 -41.49 0.32
C PRO E 217 42.80 -40.38 -0.49
N GLY E 218 43.95 -39.89 -0.02
CA GLY E 218 44.75 -38.91 -0.75
C GLY E 218 44.07 -37.57 -0.97
N ILE E 219 43.73 -36.89 0.11
CA ILE E 219 43.07 -35.58 0.02
C ILE E 219 44.03 -34.41 0.22
N ASP E 220 44.68 -34.35 1.39
CA ASP E 220 45.52 -33.21 1.75
C ASP E 220 44.62 -32.03 2.12
N TRP E 221 44.04 -32.08 3.31
CA TRP E 221 43.07 -31.07 3.72
C TRP E 221 43.65 -29.67 3.89
N PRO E 222 44.73 -29.53 4.69
CA PRO E 222 45.33 -28.21 4.92
C PRO E 222 45.56 -27.39 3.64
N ALA E 223 46.00 -28.05 2.57
CA ALA E 223 46.22 -27.37 1.29
C ALA E 223 44.90 -27.02 0.60
N THR E 224 43.93 -27.92 0.67
CA THR E 224 42.61 -27.71 0.07
C THR E 224 41.84 -26.64 0.85
N GLN E 225 41.99 -26.66 2.16
CA GLN E 225 41.36 -25.67 3.03
C GLN E 225 41.86 -24.27 2.73
N SER E 226 43.18 -24.11 2.66
CA SER E 226 43.81 -22.82 2.36
C SER E 226 43.29 -22.23 1.06
N MET E 227 43.20 -23.07 0.03
CA MET E 227 42.71 -22.64 -1.26
C MET E 227 41.24 -22.22 -1.17
N ALA E 228 40.46 -22.98 -0.41
CA ALA E 228 39.04 -22.73 -0.25
C ALA E 228 38.76 -21.41 0.47
N GLU E 229 39.50 -21.15 1.54
CA GLU E 229 39.35 -19.93 2.32
C GLU E 229 39.62 -18.69 1.47
N GLN E 230 40.59 -18.82 0.58
CA GLN E 230 40.95 -17.74 -0.33
C GLN E 230 39.83 -17.43 -1.31
N VAL E 231 39.19 -18.48 -1.83
CA VAL E 231 38.06 -18.32 -2.73
C VAL E 231 36.88 -17.71 -1.98
N LEU E 232 36.69 -18.14 -0.74
CA LEU E 232 35.59 -17.66 0.10
C LEU E 232 35.77 -16.17 0.38
N ALA E 233 36.99 -15.78 0.76
CA ALA E 233 37.30 -14.39 1.05
C ALA E 233 37.11 -13.51 -0.18
N GLU E 234 37.27 -14.10 -1.36
CA GLU E 234 37.16 -13.36 -2.60
C GLU E 234 35.72 -13.03 -2.96
N ARG E 235 34.82 -14.00 -2.74
CA ARG E 235 33.40 -13.78 -2.99
C ARG E 235 32.78 -12.81 -1.99
N LEU E 236 33.17 -12.94 -0.72
CA LEU E 236 32.64 -12.08 0.34
C LEU E 236 33.12 -10.64 0.21
N ALA E 237 34.34 -10.45 -0.27
CA ALA E 237 34.82 -9.12 -0.61
C ALA E 237 33.84 -8.56 -1.63
N GLY E 238 33.35 -7.36 -1.39
CA GLY E 238 32.27 -6.81 -2.20
C GLY E 238 31.06 -6.63 -1.31
N TRP E 239 30.73 -7.67 -0.56
CA TRP E 239 29.74 -7.55 0.50
C TRP E 239 30.37 -6.77 1.67
N GLN E 240 31.59 -7.14 2.04
CA GLN E 240 32.35 -6.38 3.03
C GLN E 240 32.46 -4.92 2.61
N GLU E 241 32.72 -4.70 1.32
CA GLU E 241 32.75 -3.35 0.77
C GLU E 241 31.40 -2.65 0.88
N ARG E 242 30.32 -3.41 0.73
CA ARG E 242 28.99 -2.84 0.78
C ARG E 242 28.54 -2.61 2.23
N TYR E 243 29.07 -3.44 3.13
CA TYR E 243 28.73 -3.38 4.54
C TYR E 243 30.00 -3.27 5.38
N PRO E 244 30.61 -2.09 5.40
CA PRO E 244 31.89 -1.89 6.09
C PRO E 244 31.82 -2.15 7.59
N ASN E 245 30.64 -1.98 8.19
CA ASN E 245 30.50 -2.09 9.64
C ASN E 245 30.24 -3.50 10.16
N VAL E 246 29.98 -4.45 9.28
CA VAL E 246 29.78 -5.82 9.74
C VAL E 246 31.07 -6.64 9.62
N ALA E 247 31.59 -7.06 10.76
CA ALA E 247 32.82 -7.85 10.79
C ALA E 247 32.56 -9.29 10.36
N ILE E 248 33.13 -9.68 9.23
CA ILE E 248 32.97 -11.02 8.71
C ILE E 248 33.92 -12.00 9.37
N THR E 249 33.46 -13.23 9.56
CA THR E 249 34.31 -14.32 10.01
C THR E 249 34.09 -15.50 9.09
N ARG E 250 35.15 -15.95 8.43
CA ARG E 250 35.04 -17.04 7.46
C ARG E 250 35.45 -18.37 8.07
N VAL E 251 34.59 -19.37 7.91
CA VAL E 251 34.89 -20.71 8.38
C VAL E 251 34.72 -21.69 7.23
N VAL E 252 35.78 -22.41 6.91
CA VAL E 252 35.70 -23.45 5.90
C VAL E 252 35.85 -24.82 6.55
N VAL E 253 34.86 -25.68 6.35
CA VAL E 253 34.90 -27.03 6.91
C VAL E 253 35.02 -28.07 5.79
N ARG E 254 35.36 -29.29 6.18
CA ARG E 254 35.59 -30.36 5.22
C ARG E 254 34.32 -30.72 4.46
N ASP E 255 33.30 -31.14 5.21
CA ASP E 255 32.05 -31.59 4.63
C ASP E 255 30.90 -31.38 5.60
N GLN E 256 29.79 -32.08 5.37
CA GLN E 256 28.64 -32.07 6.28
C GLN E 256 28.17 -30.65 6.64
N PRO E 257 27.72 -29.88 5.65
CA PRO E 257 27.33 -28.48 5.90
C PRO E 257 26.10 -28.36 6.80
N ALA E 258 25.15 -29.28 6.66
CA ALA E 258 23.94 -29.25 7.47
C ALA E 258 24.26 -29.43 8.95
N ARG E 259 25.02 -30.45 9.28
CA ARG E 259 25.37 -30.72 10.67
C ARG E 259 26.26 -29.62 11.25
N GLN E 260 27.10 -29.04 10.40
CA GLN E 260 27.97 -27.96 10.82
C GLN E 260 27.19 -26.70 11.17
N LEU E 261 26.22 -26.36 10.32
CA LEU E 261 25.38 -25.19 10.54
C LEU E 261 24.54 -25.35 11.81
N VAL E 262 23.92 -26.50 11.96
CA VAL E 262 23.09 -26.79 13.12
C VAL E 262 23.91 -26.68 14.41
N GLN E 263 25.10 -27.28 14.43
CA GLN E 263 25.97 -27.26 15.60
C GLN E 263 26.46 -25.84 15.90
N ARG E 264 26.76 -25.07 14.86
CA ARG E 264 27.25 -23.71 15.02
C ARG E 264 26.13 -22.68 15.25
N SER E 265 24.89 -23.10 15.12
CA SER E 265 23.76 -22.20 15.32
C SER E 265 23.64 -21.82 16.79
N GLU E 266 24.13 -22.69 17.67
CA GLU E 266 24.04 -22.47 19.11
C GLU E 266 24.69 -21.18 19.57
N GLU E 267 25.57 -20.63 18.74
CA GLU E 267 26.27 -19.41 19.10
C GLU E 267 25.98 -18.28 18.14
N ALA E 268 24.87 -18.41 17.42
CA ALA E 268 24.38 -17.34 16.56
C ALA E 268 22.98 -16.97 17.03
N GLN E 269 22.50 -15.80 16.65
CA GLN E 269 21.13 -15.43 16.99
C GLN E 269 20.21 -15.68 15.81
N LEU E 270 20.82 -16.00 14.67
CA LEU E 270 20.09 -16.18 13.42
C LEU E 270 20.92 -17.00 12.44
N VAL E 271 20.28 -17.92 11.75
CA VAL E 271 20.91 -18.69 10.68
C VAL E 271 20.20 -18.41 9.37
N VAL E 272 20.97 -18.22 8.30
CA VAL E 272 20.38 -18.00 6.98
C VAL E 272 20.93 -19.01 5.99
N VAL E 273 20.03 -19.68 5.27
CA VAL E 273 20.42 -20.57 4.18
C VAL E 273 19.47 -20.38 3.01
N GLY E 274 19.85 -20.85 1.84
CA GLY E 274 18.97 -20.79 0.67
C GLY E 274 18.02 -21.97 0.68
N SER E 275 16.99 -21.91 -0.15
CA SER E 275 16.08 -23.03 -0.27
C SER E 275 16.69 -24.11 -1.16
N ARG E 276 17.53 -23.66 -2.10
CA ARG E 276 18.20 -24.55 -3.03
C ARG E 276 19.70 -24.33 -2.98
N GLY E 277 20.46 -25.32 -3.44
CA GLY E 277 21.91 -25.22 -3.46
C GLY E 277 22.50 -25.53 -4.82
N ARG E 278 23.77 -25.93 -4.83
CA ARG E 278 24.46 -26.27 -6.07
C ARG E 278 24.21 -27.73 -6.46
N GLY E 279 23.66 -28.51 -5.53
CA GLY E 279 23.31 -29.89 -5.80
C GLY E 279 21.86 -30.04 -6.24
N GLY E 280 21.18 -31.02 -5.66
CA GLY E 280 19.77 -31.26 -5.94
C GLY E 280 19.46 -31.76 -7.33
N TYR E 281 18.19 -31.68 -7.71
CA TYR E 281 17.73 -32.14 -9.02
C TYR E 281 16.54 -31.29 -9.49
N ALA E 282 16.09 -31.53 -10.71
CA ALA E 282 14.92 -30.82 -11.23
C ALA E 282 13.66 -31.28 -10.48
N GLY E 283 12.82 -30.32 -10.11
CA GLY E 283 11.58 -30.64 -9.40
C GLY E 283 11.70 -30.57 -7.89
N MET E 284 12.92 -30.46 -7.38
CA MET E 284 13.14 -30.35 -5.94
C MET E 284 12.72 -28.97 -5.47
N LEU E 285 11.91 -28.94 -4.42
CA LEU E 285 11.35 -27.68 -3.93
C LEU E 285 12.19 -27.11 -2.81
N VAL E 286 12.83 -27.97 -2.03
CA VAL E 286 13.75 -27.53 -0.98
C VAL E 286 14.89 -28.54 -0.78
N GLY E 287 16.12 -28.03 -0.70
CA GLY E 287 17.29 -28.87 -0.52
C GLY E 287 17.33 -29.52 0.84
N SER E 288 18.12 -30.57 0.97
CA SER E 288 18.17 -31.35 2.21
C SER E 288 18.91 -30.61 3.31
N VAL E 289 19.86 -29.75 2.92
CA VAL E 289 20.56 -28.93 3.90
C VAL E 289 19.65 -27.81 4.38
N GLY E 290 18.98 -27.16 3.44
CA GLY E 290 18.02 -26.12 3.77
C GLY E 290 16.97 -26.58 4.76
N GLU E 291 16.42 -27.77 4.51
CA GLU E 291 15.36 -28.31 5.35
C GLU E 291 15.87 -28.78 6.72
N THR E 292 17.00 -29.48 6.72
CA THR E 292 17.55 -30.05 7.95
C THR E 292 17.96 -28.94 8.92
N VAL E 293 18.54 -27.87 8.39
CA VAL E 293 18.90 -26.73 9.21
C VAL E 293 17.64 -26.09 9.77
N ALA E 294 16.64 -25.91 8.92
CA ALA E 294 15.37 -25.34 9.34
C ALA E 294 14.74 -26.08 10.51
N GLN E 295 14.83 -27.40 10.51
CA GLN E 295 14.17 -28.18 11.56
C GLN E 295 15.03 -28.53 12.77
N LEU E 296 16.36 -28.56 12.61
CA LEU E 296 17.24 -28.91 13.73
C LEU E 296 17.99 -27.76 14.38
N ALA E 297 18.00 -26.59 13.74
CA ALA E 297 18.76 -25.44 14.25
C ALA E 297 18.26 -24.96 15.61
N ARG E 298 19.17 -24.33 16.35
CA ARG E 298 18.88 -23.87 17.71
C ARG E 298 18.57 -22.37 17.78
N THR E 299 18.33 -21.77 16.62
CA THR E 299 17.91 -20.38 16.55
C THR E 299 16.98 -20.19 15.36
N PRO E 300 16.37 -19.01 15.25
CA PRO E 300 15.57 -18.70 14.06
C PRO E 300 16.34 -18.99 12.79
N VAL E 301 15.67 -19.56 11.79
CA VAL E 301 16.28 -19.88 10.51
C VAL E 301 15.53 -19.21 9.37
N ILE E 302 16.23 -18.38 8.60
CA ILE E 302 15.66 -17.85 7.37
C ILE E 302 16.06 -18.71 6.19
N VAL E 303 15.08 -19.23 5.46
CA VAL E 303 15.33 -19.98 4.24
C VAL E 303 14.97 -19.14 3.02
N ALA E 304 15.97 -18.80 2.20
CA ALA E 304 15.78 -17.86 1.12
C ALA E 304 15.04 -18.44 -0.08
N ARG E 305 14.00 -17.74 -0.53
CA ARG E 305 13.25 -18.14 -1.71
C ARG E 305 13.03 -16.94 -2.63
N GLU E 306 13.08 -17.18 -3.93
CA GLU E 306 12.95 -16.12 -4.93
C GLU E 306 11.49 -15.78 -5.20
N SER E 307 11.26 -14.80 -6.07
CA SER E 307 9.90 -14.44 -6.50
C SER E 307 9.33 -15.50 -7.43
N SER F 19 9.13 -55.66 -14.78
CA SER F 19 10.35 -55.70 -15.64
C SER F 19 11.62 -55.87 -14.79
N LEU F 20 12.03 -54.79 -14.13
CA LEU F 20 13.11 -54.82 -13.16
C LEU F 20 12.64 -55.42 -11.82
N GLY F 21 11.33 -55.64 -11.72
CA GLY F 21 10.74 -56.23 -10.53
C GLY F 21 10.83 -55.35 -9.30
N ILE F 22 11.51 -55.85 -8.28
CA ILE F 22 11.65 -55.13 -7.01
C ILE F 22 13.06 -54.55 -6.85
N ILE F 23 13.19 -53.26 -7.09
CA ILE F 23 14.46 -52.55 -6.92
C ILE F 23 14.70 -52.21 -5.45
N VAL F 24 15.94 -52.30 -5.01
CA VAL F 24 16.29 -51.92 -3.65
C VAL F 24 17.62 -51.16 -3.60
N GLY F 25 17.55 -49.90 -3.17
CA GLY F 25 18.73 -49.05 -3.06
C GLY F 25 19.59 -49.47 -1.89
N ILE F 26 20.90 -49.44 -2.09
CA ILE F 26 21.82 -49.95 -1.08
C ILE F 26 22.88 -48.93 -0.72
N ASP F 27 23.20 -48.87 0.57
CA ASP F 27 24.32 -48.07 1.06
C ASP F 27 24.81 -48.66 2.38
N ASP F 28 25.82 -48.03 2.96
CA ASP F 28 26.42 -48.55 4.19
C ASP F 28 25.61 -48.14 5.42
N SER F 29 24.49 -48.83 5.65
CA SER F 29 23.61 -48.49 6.76
C SER F 29 22.72 -49.67 7.15
N PRO F 30 22.43 -49.81 8.46
CA PRO F 30 21.58 -50.87 8.99
C PRO F 30 20.23 -50.94 8.28
N ALA F 31 19.58 -49.80 8.10
CA ALA F 31 18.29 -49.75 7.44
C ALA F 31 18.33 -50.41 6.06
N ALA F 32 19.36 -50.10 5.30
CA ALA F 32 19.53 -50.64 3.95
C ALA F 32 19.68 -52.16 3.96
N GLN F 33 20.37 -52.67 4.98
CA GLN F 33 20.55 -54.11 5.12
C GLN F 33 19.21 -54.80 5.32
N VAL F 34 18.46 -54.38 6.34
CA VAL F 34 17.15 -54.96 6.62
C VAL F 34 16.15 -54.63 5.51
N ALA F 35 16.42 -53.57 4.76
CA ALA F 35 15.62 -53.25 3.58
C ALA F 35 15.82 -54.32 2.52
N VAL F 36 17.03 -54.86 2.41
CA VAL F 36 17.35 -55.93 1.47
C VAL F 36 16.63 -57.21 1.87
N ARG F 37 16.66 -57.54 3.16
CA ARG F 37 15.93 -58.70 3.68
C ARG F 37 14.46 -58.66 3.27
N TRP F 38 13.83 -57.50 3.42
CA TRP F 38 12.42 -57.35 3.05
C TRP F 38 12.22 -57.50 1.54
N ALA F 39 13.06 -56.81 0.77
CA ALA F 39 12.93 -56.82 -0.69
C ALA F 39 13.14 -58.21 -1.27
N ALA F 40 14.02 -58.99 -0.63
CA ALA F 40 14.28 -60.36 -1.07
C ALA F 40 13.06 -61.23 -0.87
N ARG F 41 12.49 -61.19 0.34
CA ARG F 41 11.29 -61.96 0.68
C ARG F 41 10.14 -61.67 -0.26
N ASP F 42 9.91 -60.39 -0.54
CA ASP F 42 8.79 -59.97 -1.38
C ASP F 42 8.98 -60.40 -2.83
N ALA F 43 10.22 -60.32 -3.31
CA ALA F 43 10.56 -60.75 -4.66
C ALA F 43 10.39 -62.26 -4.80
N GLU F 44 10.81 -62.99 -3.77
CA GLU F 44 10.62 -64.43 -3.70
C GLU F 44 9.14 -64.76 -3.66
N LEU F 45 8.44 -64.14 -2.72
CA LEU F 45 7.01 -64.34 -2.52
C LEU F 45 6.21 -64.04 -3.79
N ARG F 46 6.55 -62.95 -4.47
CA ARG F 46 5.82 -62.54 -5.66
C ARG F 46 6.37 -63.23 -6.91
N LYS F 47 7.50 -63.92 -6.75
CA LYS F 47 8.18 -64.61 -7.86
C LYS F 47 8.53 -63.67 -9.02
N ILE F 48 9.23 -62.58 -8.71
CA ILE F 48 9.69 -61.64 -9.72
C ILE F 48 11.15 -61.24 -9.46
N PRO F 49 11.78 -60.59 -10.44
CA PRO F 49 13.19 -60.16 -10.35
C PRO F 49 13.47 -59.27 -9.15
N LEU F 50 14.68 -59.39 -8.60
CA LEU F 50 15.13 -58.53 -7.51
C LEU F 50 16.38 -57.73 -7.91
N THR F 51 16.20 -56.47 -8.29
CA THR F 51 17.32 -55.63 -8.70
C THR F 51 17.97 -54.90 -7.53
N LEU F 52 19.28 -55.04 -7.40
CA LEU F 52 20.03 -54.32 -6.37
C LEU F 52 20.83 -53.18 -6.99
N VAL F 53 20.54 -51.95 -6.57
CA VAL F 53 21.23 -50.79 -7.12
C VAL F 53 22.00 -50.04 -6.05
N HIS F 54 23.23 -49.64 -6.39
CA HIS F 54 24.01 -48.74 -5.54
C HIS F 54 24.56 -47.63 -6.42
N ALA F 55 24.26 -46.39 -6.05
CA ALA F 55 24.65 -45.25 -6.86
C ALA F 55 25.89 -44.54 -6.32
N VAL F 56 26.74 -44.10 -7.24
CA VAL F 56 27.92 -43.33 -6.88
C VAL F 56 28.06 -42.15 -7.84
N LEU F 68 39.19 -34.35 -7.79
CA LEU F 68 38.77 -35.74 -7.70
C LEU F 68 39.92 -36.68 -8.08
N PRO F 69 40.82 -36.96 -7.11
CA PRO F 69 41.93 -37.86 -7.38
C PRO F 69 41.45 -39.15 -8.04
N PRO F 70 42.25 -39.70 -8.97
CA PRO F 70 41.85 -40.91 -9.69
C PRO F 70 41.68 -42.10 -8.73
N GLY F 71 42.30 -42.01 -7.56
CA GLY F 71 42.24 -43.07 -6.56
C GLY F 71 41.00 -43.02 -5.69
N VAL F 72 40.36 -41.86 -5.63
CA VAL F 72 39.15 -41.71 -4.83
C VAL F 72 37.95 -42.27 -5.59
N LEU F 73 38.04 -42.23 -6.92
CA LEU F 73 36.97 -42.75 -7.76
C LEU F 73 36.99 -44.27 -7.72
N ARG F 74 38.18 -44.83 -7.52
CA ARG F 74 38.35 -46.27 -7.39
C ARG F 74 37.84 -46.75 -6.04
N TRP F 75 38.19 -46.03 -4.99
CA TRP F 75 37.78 -46.39 -3.64
C TRP F 75 36.28 -46.62 -3.55
N GLN F 76 35.51 -45.76 -4.22
CA GLN F 76 34.07 -45.87 -4.22
C GLN F 76 33.58 -47.17 -4.85
N GLN F 77 34.19 -47.57 -5.95
CA GLN F 77 33.84 -48.82 -6.63
C GLN F 77 34.20 -50.04 -5.80
N ASP F 78 35.34 -49.99 -5.12
CA ASP F 78 35.74 -51.06 -4.23
C ASP F 78 34.77 -51.15 -3.06
N HIS F 79 34.47 -50.00 -2.47
CA HIS F 79 33.51 -49.89 -1.39
C HIS F 79 32.12 -50.33 -1.86
N GLY F 80 31.74 -49.85 -3.05
CA GLY F 80 30.45 -50.18 -3.62
C GLY F 80 30.30 -51.66 -3.91
N ARG F 81 31.43 -52.31 -4.18
CA ARG F 81 31.43 -53.74 -4.46
C ARG F 81 31.28 -54.55 -3.19
N HIS F 82 32.00 -54.16 -2.14
CA HIS F 82 31.84 -54.81 -0.83
C HIS F 82 30.39 -54.79 -0.40
N LEU F 83 29.72 -53.67 -0.69
CA LEU F 83 28.32 -53.49 -0.34
C LEU F 83 27.43 -54.50 -1.05
N ILE F 84 27.74 -54.77 -2.31
CA ILE F 84 26.97 -55.73 -3.09
C ILE F 84 27.26 -57.17 -2.69
N ASP F 85 28.46 -57.40 -2.15
CA ASP F 85 28.82 -58.73 -1.65
C ASP F 85 27.94 -59.11 -0.47
N ASP F 86 27.96 -58.28 0.57
CA ASP F 86 27.10 -58.44 1.73
C ASP F 86 25.63 -58.56 1.33
N ALA F 87 25.18 -57.62 0.51
CA ALA F 87 23.79 -57.62 0.05
C ALA F 87 23.39 -58.96 -0.54
N LEU F 88 24.24 -59.51 -1.42
CA LEU F 88 23.95 -60.79 -2.05
C LEU F 88 24.01 -61.95 -1.05
N LYS F 89 24.84 -61.83 -0.02
CA LYS F 89 24.90 -62.82 1.04
C LYS F 89 23.67 -62.72 1.93
N VAL F 90 23.14 -61.51 2.06
CA VAL F 90 21.90 -61.27 2.81
C VAL F 90 20.68 -61.77 2.03
N VAL F 91 20.65 -61.50 0.73
CA VAL F 91 19.56 -61.97 -0.12
C VAL F 91 19.35 -63.47 0.01
N GLU F 92 20.42 -64.18 0.36
CA GLU F 92 20.36 -65.63 0.52
C GLU F 92 19.74 -66.01 1.85
N GLN F 93 20.27 -65.47 2.94
CA GLN F 93 19.72 -65.72 4.27
C GLN F 93 18.23 -65.42 4.32
N ALA F 94 17.83 -64.38 3.60
CA ALA F 94 16.44 -63.93 3.60
C ALA F 94 15.52 -64.92 2.89
N SER F 95 15.99 -65.49 1.78
CA SER F 95 15.19 -66.42 0.99
C SER F 95 14.77 -67.63 1.83
N LEU F 96 13.54 -68.09 1.62
CA LEU F 96 13.05 -69.28 2.30
C LEU F 96 13.52 -70.53 1.55
N ARG F 97 12.93 -70.78 0.38
CA ARG F 97 13.40 -71.86 -0.48
C ARG F 97 14.51 -71.39 -1.40
N ALA F 98 14.20 -71.25 -2.68
CA ALA F 98 15.18 -70.83 -3.68
C ALA F 98 15.53 -69.35 -3.54
N GLY F 99 14.49 -68.51 -3.57
CA GLY F 99 14.66 -67.07 -3.59
C GLY F 99 13.99 -66.49 -4.83
N PRO F 100 14.29 -65.23 -5.15
CA PRO F 100 13.75 -64.66 -6.38
C PRO F 100 14.36 -65.29 -7.64
N PRO F 101 13.57 -65.36 -8.73
CA PRO F 101 13.99 -65.91 -10.02
C PRO F 101 15.28 -65.27 -10.54
N THR F 102 15.21 -63.98 -10.86
CA THR F 102 16.38 -63.21 -11.28
C THR F 102 16.90 -62.41 -10.09
N VAL F 103 18.22 -62.27 -10.01
CA VAL F 103 18.84 -61.50 -8.94
C VAL F 103 19.93 -60.57 -9.48
N HIS F 104 19.54 -59.36 -9.83
CA HIS F 104 20.43 -58.45 -10.56
C HIS F 104 21.19 -57.55 -9.60
N SER F 105 22.33 -57.02 -10.06
CA SER F 105 23.20 -56.21 -9.22
C SER F 105 23.95 -55.17 -10.06
N GLU F 106 23.94 -53.93 -9.59
CA GLU F 106 24.39 -52.82 -10.39
C GLU F 106 25.06 -51.76 -9.52
N ILE F 107 26.09 -51.13 -10.06
CA ILE F 107 26.70 -49.97 -9.43
C ILE F 107 26.69 -48.84 -10.44
N VAL F 108 25.70 -47.96 -10.33
CA VAL F 108 25.50 -46.88 -11.29
C VAL F 108 26.35 -45.67 -10.93
N PRO F 109 27.05 -45.11 -11.93
CA PRO F 109 27.83 -43.89 -11.75
C PRO F 109 26.96 -42.64 -11.94
N ALA F 110 26.00 -42.44 -11.05
CA ALA F 110 25.12 -41.28 -11.08
C ALA F 110 24.59 -41.01 -9.68
N ALA F 111 23.90 -39.88 -9.50
CA ALA F 111 23.32 -39.53 -8.21
C ALA F 111 22.16 -40.45 -7.85
N ALA F 112 22.10 -40.83 -6.58
CA ALA F 112 21.14 -41.83 -6.09
C ALA F 112 19.68 -41.59 -6.47
N VAL F 113 19.17 -40.39 -6.22
CA VAL F 113 17.75 -40.11 -6.47
C VAL F 113 17.40 -40.13 -7.96
N PRO F 114 18.10 -39.33 -8.79
CA PRO F 114 17.79 -39.31 -10.23
C PRO F 114 17.83 -40.69 -10.86
N THR F 115 18.80 -41.53 -10.46
CA THR F 115 18.94 -42.86 -11.03
C THR F 115 17.82 -43.79 -10.56
N LEU F 116 17.55 -43.80 -9.25
CA LEU F 116 16.48 -44.63 -8.70
C LEU F 116 15.08 -44.19 -9.17
N VAL F 117 14.87 -42.89 -9.29
CA VAL F 117 13.61 -42.38 -9.81
C VAL F 117 13.39 -42.85 -11.25
N ASP F 118 14.45 -42.79 -12.06
CA ASP F 118 14.37 -43.19 -13.45
C ASP F 118 14.11 -44.68 -13.59
N MET F 119 14.78 -45.47 -12.75
CA MET F 119 14.64 -46.93 -12.77
C MET F 119 13.27 -47.39 -12.29
N SER F 120 12.60 -46.55 -11.51
CA SER F 120 11.29 -46.91 -10.96
C SER F 120 10.22 -46.96 -12.03
N LYS F 121 10.51 -46.41 -13.20
CA LYS F 121 9.59 -46.45 -14.32
C LYS F 121 9.37 -47.89 -14.81
N ASP F 122 10.31 -48.76 -14.51
CA ASP F 122 10.24 -50.15 -14.94
C ASP F 122 10.26 -51.11 -13.76
N ALA F 123 9.78 -50.64 -12.62
CA ALA F 123 9.77 -51.45 -11.41
C ALA F 123 8.36 -51.69 -10.89
N VAL F 124 8.21 -52.75 -10.10
CA VAL F 124 6.95 -53.03 -9.43
C VAL F 124 6.92 -52.33 -8.07
N LEU F 125 7.98 -52.53 -7.30
CA LEU F 125 8.16 -51.87 -6.01
C LEU F 125 9.54 -51.24 -5.92
N MET F 126 9.62 -50.10 -5.24
CA MET F 126 10.90 -49.46 -4.96
C MET F 126 11.16 -49.50 -3.46
N VAL F 127 12.23 -50.17 -3.04
CA VAL F 127 12.48 -50.39 -1.63
C VAL F 127 13.79 -49.72 -1.19
N VAL F 128 13.70 -48.87 -0.18
CA VAL F 128 14.89 -48.25 0.39
C VAL F 128 14.76 -48.14 1.90
N GLY F 129 15.90 -48.04 2.56
CA GLY F 129 15.91 -47.76 3.99
C GLY F 129 15.39 -46.36 4.21
N CYS F 130 15.01 -46.06 5.44
CA CYS F 130 14.45 -44.77 5.76
C CYS F 130 15.55 -43.78 6.15
N LEU F 131 16.57 -44.26 6.84
CA LEU F 131 17.75 -43.47 7.14
C LEU F 131 18.99 -44.16 6.58
N GLY F 132 19.93 -43.37 6.05
CA GLY F 132 21.12 -43.94 5.42
C GLY F 132 22.40 -43.81 6.22
N SER F 133 23.52 -43.67 5.53
CA SER F 133 24.83 -43.60 6.18
C SER F 133 25.14 -42.19 6.71
N GLY F 134 24.55 -41.18 6.09
CA GLY F 134 24.74 -39.80 6.52
C GLY F 134 23.69 -39.35 7.52
N ARG F 135 23.27 -40.26 8.38
CA ARG F 135 22.23 -39.99 9.36
C ARG F 135 22.83 -39.56 10.69
N TRP F 136 22.02 -38.85 11.48
CA TRP F 136 22.39 -38.50 12.85
C TRP F 136 21.14 -38.22 13.70
N PRO F 137 21.27 -38.36 15.02
CA PRO F 137 20.20 -38.34 16.02
C PRO F 137 18.91 -37.61 15.62
N GLY F 138 19.03 -36.38 15.14
CA GLY F 138 17.86 -35.55 14.85
C GLY F 138 16.98 -36.01 13.69
N ARG F 139 17.58 -36.25 12.54
CA ARG F 139 16.84 -36.54 11.31
C ARG F 139 15.98 -37.80 11.39
N LEU F 140 14.99 -37.90 10.52
CA LEU F 140 14.14 -39.08 10.48
C LEU F 140 13.79 -39.52 9.05
N LEU F 141 14.39 -38.86 8.07
CA LEU F 141 14.26 -39.25 6.67
C LEU F 141 15.41 -38.65 5.84
N GLY F 142 16.16 -39.50 5.17
CA GLY F 142 17.31 -39.07 4.38
C GLY F 142 16.90 -38.49 3.03
N SER F 143 17.87 -37.95 2.29
CA SER F 143 17.56 -37.30 1.02
C SER F 143 17.09 -38.28 -0.06
N VAL F 144 17.58 -39.52 -0.01
CA VAL F 144 17.20 -40.53 -0.99
C VAL F 144 15.77 -41.01 -0.77
N SER F 145 15.47 -41.46 0.44
CA SER F 145 14.12 -41.90 0.78
C SER F 145 13.10 -40.78 0.57
N SER F 146 13.48 -39.56 0.97
CA SER F 146 12.62 -38.39 0.81
C SER F 146 12.32 -38.07 -0.64
N GLY F 147 13.36 -38.04 -1.47
CA GLY F 147 13.19 -37.72 -2.89
C GLY F 147 12.42 -38.81 -3.61
N LEU F 148 12.65 -40.04 -3.19
CA LEU F 148 12.01 -41.19 -3.80
C LEU F 148 10.52 -41.16 -3.46
N LEU F 149 10.24 -40.76 -2.22
CA LEU F 149 8.87 -40.64 -1.71
C LEU F 149 8.08 -39.58 -2.47
N ARG F 150 8.80 -38.65 -3.09
CA ARG F 150 8.17 -37.52 -3.76
C ARG F 150 8.16 -37.62 -5.29
N HIS F 151 8.98 -38.50 -5.85
CA HIS F 151 9.17 -38.52 -7.30
C HIS F 151 9.05 -39.90 -7.96
N ALA F 152 9.19 -40.97 -7.17
CA ALA F 152 9.17 -42.32 -7.73
C ALA F 152 7.94 -42.58 -8.60
N HIS F 153 8.12 -43.37 -9.66
CA HIS F 153 7.02 -43.72 -10.56
C HIS F 153 6.40 -45.07 -10.21
N CYS F 154 6.66 -45.55 -9.00
CA CYS F 154 6.04 -46.76 -8.49
C CYS F 154 5.97 -46.70 -6.96
N PRO F 155 5.12 -47.54 -6.35
CA PRO F 155 5.04 -47.62 -4.90
C PRO F 155 6.43 -47.67 -4.26
N VAL F 156 6.62 -46.95 -3.16
CA VAL F 156 7.90 -46.92 -2.47
C VAL F 156 7.79 -47.56 -1.10
N VAL F 157 8.67 -48.50 -0.80
CA VAL F 157 8.64 -49.16 0.49
C VAL F 157 9.74 -48.61 1.39
N ILE F 158 9.32 -48.06 2.53
CA ILE F 158 10.27 -47.49 3.50
C ILE F 158 10.50 -48.48 4.63
N ILE F 159 11.76 -48.84 4.85
CA ILE F 159 12.11 -49.78 5.92
C ILE F 159 12.90 -49.11 7.02
N HIS F 160 12.66 -49.55 8.26
CA HIS F 160 13.36 -49.00 9.40
C HIS F 160 14.24 -50.08 10.02
N ASP F 161 15.38 -49.68 10.56
CA ASP F 161 16.33 -50.65 11.12
C ASP F 161 15.87 -51.27 12.44
N GLU F 162 14.55 -51.32 12.62
CA GLU F 162 13.98 -52.00 13.79
C GLU F 162 12.78 -52.83 13.37
N ASP F 163 12.47 -52.79 12.08
CA ASP F 163 11.36 -53.55 11.51
C ASP F 163 11.59 -55.05 11.63
N SER F 164 10.51 -55.79 11.89
CA SER F 164 10.56 -57.25 11.91
C SER F 164 10.31 -57.80 10.51
N VAL F 165 11.30 -58.48 9.96
CA VAL F 165 11.18 -59.06 8.63
C VAL F 165 11.61 -60.53 8.64
N MET F 166 12.52 -60.86 9.54
CA MET F 166 13.07 -62.23 9.62
C MET F 166 12.07 -63.29 10.10
N PRO F 167 11.42 -63.07 11.25
CA PRO F 167 10.50 -64.06 11.79
C PRO F 167 9.45 -64.55 10.78
N HIS F 168 9.33 -65.86 10.63
CA HIS F 168 8.37 -66.47 9.72
C HIS F 168 7.72 -67.70 10.33
N PRO F 169 6.40 -67.90 10.07
CA PRO F 169 5.55 -66.97 9.34
C PRO F 169 5.03 -65.84 10.22
N GLN F 170 5.07 -64.61 9.70
CA GLN F 170 4.57 -63.47 10.44
C GLN F 170 3.05 -63.44 10.40
N GLN F 171 2.43 -63.56 11.57
CA GLN F 171 0.97 -63.65 11.67
C GLN F 171 0.29 -62.28 11.67
N ALA F 172 1.04 -61.24 12.04
CA ALA F 172 0.50 -59.88 12.09
C ALA F 172 -0.14 -59.48 10.75
N PRO F 173 -1.27 -58.78 10.80
CA PRO F 173 -2.02 -58.42 9.60
C PRO F 173 -1.41 -57.25 8.81
N VAL F 174 -2.09 -56.87 7.74
CA VAL F 174 -1.67 -55.73 6.93
C VAL F 174 -2.61 -54.55 7.18
N LEU F 175 -2.04 -53.44 7.63
CA LEU F 175 -2.81 -52.24 7.94
C LEU F 175 -2.81 -51.27 6.76
N VAL F 176 -3.99 -50.77 6.40
CA VAL F 176 -4.10 -49.81 5.30
C VAL F 176 -5.00 -48.62 5.66
N GLY F 177 -4.56 -47.43 5.29
CA GLY F 177 -5.36 -46.23 5.51
C GLY F 177 -6.09 -45.83 4.24
N VAL F 178 -7.41 -45.78 4.31
CA VAL F 178 -8.23 -45.41 3.17
C VAL F 178 -8.87 -44.04 3.42
N ASP F 179 -9.07 -43.26 2.36
CA ASP F 179 -9.72 -41.96 2.50
C ASP F 179 -10.58 -41.61 1.28
N GLY F 180 -10.70 -42.55 0.34
CA GLY F 180 -11.59 -42.39 -0.81
C GLY F 180 -10.93 -41.83 -2.07
N SER F 181 -9.75 -41.24 -1.92
CA SER F 181 -9.05 -40.66 -3.06
C SER F 181 -8.54 -41.72 -4.03
N SER F 182 -8.21 -41.30 -5.24
CA SER F 182 -7.69 -42.23 -6.24
C SER F 182 -6.37 -42.84 -5.79
N ALA F 183 -5.52 -42.03 -5.18
CA ALA F 183 -4.24 -42.49 -4.65
C ALA F 183 -4.46 -43.51 -3.53
N SER F 184 -5.62 -43.42 -2.88
CA SER F 184 -5.94 -44.32 -1.79
C SER F 184 -6.44 -45.67 -2.32
N GLU F 185 -7.06 -45.64 -3.50
CA GLU F 185 -7.52 -46.86 -4.15
C GLU F 185 -6.32 -47.73 -4.51
N LEU F 186 -5.29 -47.11 -5.07
CA LEU F 186 -4.07 -47.81 -5.41
C LEU F 186 -3.52 -48.47 -4.14
N ALA F 187 -3.46 -47.72 -3.06
CA ALA F 187 -2.98 -48.23 -1.79
C ALA F 187 -3.78 -49.45 -1.33
N THR F 188 -5.09 -49.40 -1.55
CA THR F 188 -5.96 -50.51 -1.18
C THR F 188 -5.61 -51.77 -1.96
N ALA F 189 -5.54 -51.63 -3.28
CA ALA F 189 -5.16 -52.74 -4.16
C ALA F 189 -3.88 -53.41 -3.64
N ILE F 190 -2.86 -52.61 -3.40
CA ILE F 190 -1.58 -53.11 -2.90
C ILE F 190 -1.79 -53.85 -1.58
N ALA F 191 -2.60 -53.28 -0.69
CA ALA F 191 -2.82 -53.85 0.63
C ALA F 191 -3.44 -55.24 0.57
N PHE F 192 -4.44 -55.41 -0.31
CA PHE F 192 -5.08 -56.71 -0.47
C PHE F 192 -4.17 -57.71 -1.18
N ASP F 193 -3.60 -57.28 -2.29
CA ASP F 193 -2.63 -58.06 -3.03
C ASP F 193 -1.58 -58.61 -2.07
N GLU F 194 -0.99 -57.72 -1.29
CA GLU F 194 0.06 -58.10 -0.36
C GLU F 194 -0.45 -58.99 0.76
N ALA F 195 -1.72 -58.82 1.11
CA ALA F 195 -2.32 -59.54 2.24
C ALA F 195 -2.60 -61.01 1.91
N SER F 196 -3.18 -61.25 0.73
CA SER F 196 -3.50 -62.62 0.32
C SER F 196 -2.23 -63.42 0.08
N ARG F 197 -1.27 -62.81 -0.61
CA ARG F 197 0.01 -63.45 -0.91
C ARG F 197 0.73 -63.90 0.35
N ARG F 198 0.67 -63.09 1.40
CA ARG F 198 1.28 -63.44 2.68
C ARG F 198 0.35 -64.35 3.49
N ASN F 199 -0.89 -64.47 3.02
CA ASN F 199 -1.91 -65.25 3.70
C ASN F 199 -2.16 -64.75 5.13
N VAL F 200 -2.42 -63.46 5.24
CA VAL F 200 -2.72 -62.85 6.53
C VAL F 200 -3.96 -61.97 6.40
N ASP F 201 -4.38 -61.37 7.53
CA ASP F 201 -5.58 -60.55 7.56
C ASP F 201 -5.29 -59.09 7.19
N LEU F 202 -6.35 -58.33 6.95
CA LEU F 202 -6.22 -56.93 6.57
C LEU F 202 -7.03 -56.04 7.50
N VAL F 203 -6.43 -54.95 7.95
CA VAL F 203 -7.12 -53.96 8.77
C VAL F 203 -7.27 -52.65 8.00
N ALA F 204 -8.49 -52.35 7.58
CA ALA F 204 -8.76 -51.09 6.92
C ALA F 204 -9.13 -50.02 7.94
N LEU F 205 -8.46 -48.87 7.88
CA LEU F 205 -8.71 -47.81 8.84
C LEU F 205 -9.05 -46.50 8.13
N HIS F 206 -10.10 -45.84 8.59
CA HIS F 206 -10.50 -44.55 8.06
C HIS F 206 -10.75 -43.55 9.18
N ALA F 207 -10.09 -42.40 9.10
CA ALA F 207 -10.37 -41.30 10.00
C ALA F 207 -11.44 -40.44 9.36
N TRP F 208 -12.58 -40.32 10.03
CA TRP F 208 -13.70 -39.54 9.52
C TRP F 208 -13.27 -38.14 9.09
N SER F 209 -12.48 -37.49 9.93
CA SER F 209 -11.99 -36.14 9.64
C SER F 209 -10.49 -36.10 9.45
N ASP F 210 -10.05 -35.40 8.40
CA ASP F 210 -8.62 -35.17 8.17
C ASP F 210 -8.12 -34.14 9.18
N VAL F 211 -9.01 -33.22 9.55
CA VAL F 211 -8.68 -32.15 10.48
C VAL F 211 -8.85 -32.62 11.92
N ASP F 212 -7.98 -32.14 12.80
CA ASP F 212 -8.06 -32.43 14.23
C ASP F 212 -9.25 -31.71 14.84
N VAL F 213 -10.23 -32.47 15.33
CA VAL F 213 -11.47 -31.88 15.86
C VAL F 213 -11.62 -32.10 17.36
N SER F 214 -10.50 -32.20 18.07
CA SER F 214 -10.49 -32.53 19.50
C SER F 214 -11.15 -31.48 20.39
N GLU F 215 -11.19 -30.24 19.93
CA GLU F 215 -11.75 -29.14 20.71
C GLU F 215 -13.11 -28.70 20.15
N TRP F 216 -13.43 -29.18 18.95
CA TRP F 216 -14.72 -28.90 18.31
C TRP F 216 -15.87 -29.20 19.28
N PRO F 217 -16.91 -28.35 19.29
CA PRO F 217 -18.02 -28.49 20.22
C PRO F 217 -19.17 -29.37 19.71
N GLY F 218 -19.86 -28.92 18.66
CA GLY F 218 -21.09 -29.56 18.23
C GLY F 218 -20.98 -30.87 17.46
N ILE F 219 -20.32 -31.87 18.05
CA ILE F 219 -20.26 -33.20 17.46
C ILE F 219 -20.35 -34.30 18.52
N ASP F 220 -21.32 -35.20 18.35
CA ASP F 220 -21.36 -36.40 19.17
C ASP F 220 -20.83 -37.58 18.35
N TRP F 221 -19.72 -38.15 18.80
CA TRP F 221 -19.02 -39.16 18.03
C TRP F 221 -19.77 -40.49 17.88
N PRO F 222 -20.30 -41.03 19.00
CA PRO F 222 -21.02 -42.30 18.94
C PRO F 222 -22.00 -42.40 17.78
N ALA F 223 -22.76 -41.34 17.53
CA ALA F 223 -23.76 -41.33 16.46
C ALA F 223 -23.12 -41.30 15.07
N THR F 224 -22.09 -40.48 14.92
CA THR F 224 -21.42 -40.31 13.63
C THR F 224 -20.56 -41.53 13.27
N GLN F 225 -19.95 -42.15 14.28
CA GLN F 225 -19.11 -43.31 14.09
C GLN F 225 -19.87 -44.44 13.40
N SER F 226 -21.04 -44.77 13.94
CA SER F 226 -21.88 -45.82 13.40
C SER F 226 -22.22 -45.56 11.94
N MET F 227 -22.47 -44.30 11.60
CA MET F 227 -22.79 -43.90 10.23
C MET F 227 -21.62 -44.12 9.29
N ALA F 228 -20.42 -43.80 9.74
CA ALA F 228 -19.21 -43.95 8.94
C ALA F 228 -18.85 -45.40 8.75
N GLU F 229 -18.95 -46.18 9.83
CA GLU F 229 -18.64 -47.61 9.78
C GLU F 229 -19.41 -48.30 8.66
N GLN F 230 -20.67 -47.91 8.48
CA GLN F 230 -21.51 -48.47 7.42
C GLN F 230 -20.99 -48.08 6.04
N VAL F 231 -20.60 -46.82 5.89
CA VAL F 231 -20.08 -46.34 4.61
C VAL F 231 -18.74 -47.00 4.27
N LEU F 232 -17.98 -47.34 5.30
CA LEU F 232 -16.70 -48.02 5.12
C LEU F 232 -16.94 -49.41 4.53
N ALA F 233 -17.91 -50.13 5.10
CA ALA F 233 -18.23 -51.48 4.67
C ALA F 233 -18.69 -51.54 3.21
N GLU F 234 -19.39 -50.50 2.76
CA GLU F 234 -19.92 -50.46 1.41
C GLU F 234 -18.84 -50.29 0.35
N ARG F 235 -17.81 -49.52 0.68
CA ARG F 235 -16.72 -49.24 -0.26
C ARG F 235 -15.76 -50.42 -0.34
N LEU F 236 -15.74 -51.25 0.70
CA LEU F 236 -14.90 -52.44 0.71
C LEU F 236 -15.67 -53.69 0.28
N ALA F 237 -16.81 -53.49 -0.36
CA ALA F 237 -17.61 -54.61 -0.86
C ALA F 237 -16.93 -55.26 -2.05
N GLY F 238 -16.60 -54.45 -3.06
CA GLY F 238 -15.90 -54.94 -4.25
C GLY F 238 -14.59 -55.61 -3.92
N TRP F 239 -14.00 -55.23 -2.79
CA TRP F 239 -12.71 -55.77 -2.38
C TRP F 239 -12.84 -57.09 -1.58
N GLN F 240 -13.95 -57.24 -0.86
CA GLN F 240 -14.28 -58.53 -0.24
C GLN F 240 -14.63 -59.52 -1.33
N GLU F 241 -15.45 -59.06 -2.27
CA GLU F 241 -15.78 -59.81 -3.47
C GLU F 241 -14.53 -60.41 -4.10
N ARG F 242 -13.61 -59.53 -4.50
CA ARG F 242 -12.41 -59.93 -5.23
C ARG F 242 -11.43 -60.75 -4.40
N TYR F 243 -11.45 -60.58 -3.08
CA TYR F 243 -10.51 -61.30 -2.22
C TYR F 243 -11.22 -62.02 -1.07
N PRO F 244 -11.95 -63.10 -1.38
CA PRO F 244 -12.73 -63.83 -0.39
C PRO F 244 -11.88 -64.52 0.66
N ASN F 245 -10.62 -64.80 0.32
CA ASN F 245 -9.72 -65.55 1.20
C ASN F 245 -9.15 -64.75 2.36
N VAL F 246 -9.25 -63.42 2.27
CA VAL F 246 -8.66 -62.55 3.30
C VAL F 246 -9.73 -61.85 4.16
N ALA F 247 -9.57 -61.94 5.48
CA ALA F 247 -10.55 -61.44 6.43
C ALA F 247 -10.37 -59.97 6.79
N ILE F 248 -11.32 -59.14 6.36
CA ILE F 248 -11.28 -57.70 6.61
C ILE F 248 -11.72 -57.33 8.01
N THR F 249 -10.98 -56.42 8.64
CA THR F 249 -11.37 -55.84 9.92
C THR F 249 -11.47 -54.32 9.74
N ARG F 250 -12.69 -53.80 9.75
CA ARG F 250 -12.90 -52.36 9.55
C ARG F 250 -12.83 -51.57 10.85
N VAL F 251 -12.15 -50.44 10.80
CA VAL F 251 -12.04 -49.56 11.97
C VAL F 251 -12.20 -48.11 11.56
N VAL F 252 -13.15 -47.42 12.19
CA VAL F 252 -13.35 -45.99 11.94
C VAL F 252 -12.99 -45.18 13.18
N VAL F 253 -12.06 -44.24 13.00
CA VAL F 253 -11.69 -43.32 14.07
C VAL F 253 -12.12 -41.91 13.71
N ARG F 254 -12.09 -41.01 14.68
CA ARG F 254 -12.63 -39.67 14.50
C ARG F 254 -11.76 -38.82 13.60
N ASP F 255 -10.49 -38.68 13.98
CA ASP F 255 -9.55 -37.83 13.26
C ASP F 255 -8.13 -38.30 13.49
N GLN F 256 -7.17 -37.53 12.99
CA GLN F 256 -5.75 -37.82 13.17
C GLN F 256 -5.35 -39.17 12.57
N PRO F 257 -5.50 -39.32 11.25
CA PRO F 257 -5.20 -40.60 10.62
C PRO F 257 -3.72 -40.98 10.75
N ALA F 258 -2.83 -40.00 10.57
CA ALA F 258 -1.40 -40.26 10.65
C ALA F 258 -1.04 -40.89 12.00
N ARG F 259 -1.37 -40.19 13.07
CA ARG F 259 -1.03 -40.67 14.41
C ARG F 259 -1.75 -41.97 14.76
N GLN F 260 -2.94 -42.15 14.22
CA GLN F 260 -3.68 -43.40 14.41
C GLN F 260 -2.98 -44.57 13.73
N LEU F 261 -2.60 -44.39 12.48
CA LEU F 261 -1.88 -45.42 11.72
C LEU F 261 -0.54 -45.75 12.35
N VAL F 262 0.21 -44.73 12.75
CA VAL F 262 1.53 -44.92 13.34
C VAL F 262 1.46 -45.76 14.62
N GLN F 263 0.38 -45.62 15.37
CA GLN F 263 0.26 -46.33 16.64
C GLN F 263 -0.22 -47.76 16.45
N ARG F 264 -1.17 -47.94 15.53
CA ARG F 264 -1.69 -49.28 15.24
C ARG F 264 -0.70 -50.10 14.43
N SER F 265 0.30 -49.44 13.87
CA SER F 265 1.31 -50.11 13.06
C SER F 265 2.12 -51.09 13.91
N GLU F 266 2.03 -50.95 15.22
CA GLU F 266 2.75 -51.82 16.13
C GLU F 266 2.16 -53.24 16.20
N GLU F 267 0.94 -53.39 15.70
CA GLU F 267 0.27 -54.69 15.70
C GLU F 267 0.13 -55.22 14.28
N ALA F 268 0.91 -54.66 13.36
CA ALA F 268 0.87 -55.09 11.97
C ALA F 268 2.28 -55.41 11.48
N GLN F 269 2.36 -56.12 10.35
CA GLN F 269 3.66 -56.42 9.75
C GLN F 269 3.96 -55.45 8.61
N LEU F 270 2.91 -54.83 8.10
CA LEU F 270 3.04 -53.93 6.96
C LEU F 270 1.93 -52.88 6.97
N VAL F 271 2.31 -51.62 6.73
CA VAL F 271 1.35 -50.53 6.62
C VAL F 271 1.36 -49.99 5.19
N VAL F 272 0.18 -49.73 4.64
CA VAL F 272 0.08 -49.21 3.29
C VAL F 272 -0.77 -47.93 3.25
N VAL F 273 -0.24 -46.89 2.62
CA VAL F 273 -0.96 -45.64 2.43
C VAL F 273 -0.66 -45.08 1.04
N GLY F 274 -1.52 -44.21 0.54
CA GLY F 274 -1.26 -43.53 -0.72
C GLY F 274 -0.24 -42.43 -0.51
N SER F 275 0.16 -41.78 -1.61
CA SER F 275 1.10 -40.65 -1.53
C SER F 275 0.32 -39.34 -1.48
N ARG F 276 -0.97 -39.43 -1.79
CA ARG F 276 -1.85 -38.28 -1.79
C ARG F 276 -3.22 -38.69 -1.25
N GLY F 277 -4.09 -37.71 -1.01
CA GLY F 277 -5.41 -37.99 -0.47
C GLY F 277 -6.47 -36.98 -0.84
N ARG F 278 -7.48 -36.85 0.02
CA ARG F 278 -8.57 -35.89 -0.18
C ARG F 278 -8.08 -34.46 -0.17
N GLY F 279 -7.10 -34.19 0.70
CA GLY F 279 -6.64 -32.81 0.91
C GLY F 279 -5.50 -32.39 0.02
N GLY F 280 -4.47 -31.80 0.63
CA GLY F 280 -3.31 -31.32 -0.10
C GLY F 280 -3.58 -30.05 -0.88
N TYR F 281 -2.68 -29.74 -1.81
CA TYR F 281 -2.77 -28.54 -2.63
C TYR F 281 -1.98 -28.73 -3.91
N ALA F 282 -2.09 -27.76 -4.82
CA ALA F 282 -1.38 -27.82 -6.09
C ALA F 282 0.13 -27.78 -5.86
N GLY F 283 0.83 -28.76 -6.44
CA GLY F 283 2.29 -28.81 -6.37
C GLY F 283 2.82 -29.70 -5.27
N MET F 284 1.94 -30.14 -4.37
CA MET F 284 2.35 -31.06 -3.32
C MET F 284 2.74 -32.39 -3.93
N LEU F 285 3.88 -32.92 -3.51
CA LEU F 285 4.38 -34.16 -4.09
C LEU F 285 4.03 -35.36 -3.22
N VAL F 286 4.11 -35.18 -1.89
CA VAL F 286 3.69 -36.22 -0.96
C VAL F 286 2.86 -35.60 0.17
N GLY F 287 1.76 -36.26 0.53
CA GLY F 287 0.88 -35.79 1.59
C GLY F 287 1.50 -35.94 2.96
N SER F 288 0.96 -35.22 3.93
CA SER F 288 1.53 -35.21 5.27
C SER F 288 1.26 -36.50 6.03
N VAL F 289 0.15 -37.16 5.73
CA VAL F 289 -0.14 -38.43 6.37
C VAL F 289 0.83 -39.47 5.81
N GLY F 290 0.96 -39.49 4.49
CA GLY F 290 1.89 -40.39 3.83
C GLY F 290 3.29 -40.21 4.38
N GLU F 291 3.77 -38.98 4.37
CA GLU F 291 5.11 -38.68 4.87
C GLU F 291 5.29 -39.07 6.33
N THR F 292 4.33 -38.70 7.17
CA THR F 292 4.44 -38.92 8.61
C THR F 292 4.38 -40.40 8.97
N VAL F 293 3.50 -41.14 8.30
CA VAL F 293 3.43 -42.58 8.53
C VAL F 293 4.74 -43.26 8.11
N ALA F 294 5.28 -42.83 6.98
CA ALA F 294 6.56 -43.35 6.48
C ALA F 294 7.68 -43.09 7.48
N GLN F 295 7.69 -41.90 8.08
CA GLN F 295 8.73 -41.53 9.04
C GLN F 295 8.61 -42.27 10.37
N LEU F 296 7.42 -42.27 10.95
CA LEU F 296 7.26 -42.69 12.35
C LEU F 296 6.74 -44.11 12.58
N ALA F 297 6.20 -44.73 11.54
CA ALA F 297 5.63 -46.07 11.69
C ALA F 297 6.64 -47.07 12.22
N ARG F 298 6.15 -48.09 12.92
CA ARG F 298 7.02 -49.08 13.56
C ARG F 298 7.29 -50.31 12.68
N THR F 299 6.73 -50.32 11.48
CA THR F 299 6.95 -51.42 10.55
C THR F 299 7.17 -50.91 9.13
N PRO F 300 7.48 -51.82 8.20
CA PRO F 300 7.59 -51.44 6.79
C PRO F 300 6.38 -50.66 6.31
N VAL F 301 6.62 -49.62 5.53
CA VAL F 301 5.54 -48.78 5.01
C VAL F 301 5.59 -48.71 3.49
N ILE F 302 4.46 -48.98 2.84
CA ILE F 302 4.39 -48.83 1.40
C ILE F 302 3.57 -47.58 1.06
N VAL F 303 4.23 -46.61 0.42
CA VAL F 303 3.57 -45.39 0.00
C VAL F 303 3.22 -45.49 -1.49
N ALA F 304 1.94 -45.63 -1.79
CA ALA F 304 1.49 -45.89 -3.16
C ALA F 304 1.62 -44.69 -4.08
N ARG F 305 2.41 -44.85 -5.14
CA ARG F 305 2.55 -43.81 -6.15
C ARG F 305 2.19 -44.33 -7.54
N GLU F 306 1.53 -43.49 -8.34
CA GLU F 306 1.26 -43.84 -9.73
C GLU F 306 2.50 -43.65 -10.59
N GLY G 16 -31.46 -21.56 25.55
CA GLY G 16 -31.91 -21.16 24.18
C GLY G 16 -32.74 -19.88 24.17
N ASN G 17 -32.45 -19.03 23.17
CA ASN G 17 -33.24 -17.83 22.86
C ASN G 17 -33.10 -16.66 23.84
N SER G 18 -31.85 -16.21 24.07
CA SER G 18 -31.60 -15.10 24.98
C SER G 18 -30.17 -14.52 24.94
N SER G 19 -29.16 -15.39 25.05
CA SER G 19 -27.78 -14.94 25.28
C SER G 19 -27.22 -13.96 24.24
N LEU G 20 -27.63 -14.11 22.99
CA LEU G 20 -27.15 -13.22 21.92
C LEU G 20 -27.87 -11.86 21.91
N GLY G 21 -28.97 -11.76 22.65
CA GLY G 21 -29.71 -10.51 22.75
C GLY G 21 -30.34 -10.12 21.43
N ILE G 22 -30.03 -8.92 20.96
CA ILE G 22 -30.54 -8.46 19.68
C ILE G 22 -29.50 -8.64 18.58
N ILE G 23 -29.85 -9.43 17.58
CA ILE G 23 -28.96 -9.66 16.45
C ILE G 23 -29.40 -8.76 15.31
N VAL G 24 -28.43 -8.09 14.69
CA VAL G 24 -28.71 -7.32 13.49
C VAL G 24 -27.78 -7.73 12.35
N GLY G 25 -28.36 -8.09 11.22
CA GLY G 25 -27.60 -8.47 10.05
C GLY G 25 -27.12 -7.25 9.29
N ILE G 26 -25.83 -7.21 8.99
CA ILE G 26 -25.18 -6.08 8.35
C ILE G 26 -24.81 -6.38 6.90
N ASP G 27 -25.11 -5.44 6.01
CA ASP G 27 -24.56 -5.45 4.67
C ASP G 27 -24.42 -4.02 4.19
N ASP G 28 -23.91 -3.81 2.98
CA ASP G 28 -23.67 -2.46 2.50
C ASP G 28 -24.93 -1.89 1.86
N SER G 29 -25.77 -1.26 2.67
CA SER G 29 -27.05 -0.74 2.19
C SER G 29 -27.68 0.22 3.17
N PRO G 30 -28.43 1.21 2.66
CA PRO G 30 -29.09 2.21 3.50
C PRO G 30 -29.94 1.58 4.60
N ALA G 31 -30.76 0.59 4.23
CA ALA G 31 -31.65 -0.06 5.18
C ALA G 31 -30.90 -0.74 6.33
N ALA G 32 -29.80 -1.41 6.00
CA ALA G 32 -29.00 -2.10 7.01
C ALA G 32 -28.43 -1.11 8.01
N GLN G 33 -28.14 0.11 7.56
CA GLN G 33 -27.62 1.13 8.46
C GLN G 33 -28.66 1.59 9.47
N VAL G 34 -29.87 1.89 9.01
CA VAL G 34 -30.91 2.33 9.93
C VAL G 34 -31.40 1.16 10.79
N ALA G 35 -31.22 -0.06 10.28
CA ALA G 35 -31.48 -1.26 11.06
C ALA G 35 -30.57 -1.33 12.30
N VAL G 36 -29.31 -0.96 12.12
CA VAL G 36 -28.35 -0.91 13.23
C VAL G 36 -28.75 0.14 14.26
N ARG G 37 -29.19 1.30 13.78
CA ARG G 37 -29.68 2.35 14.67
C ARG G 37 -30.83 1.82 15.52
N TRP G 38 -31.83 1.22 14.88
CA TRP G 38 -32.99 0.68 15.60
C TRP G 38 -32.58 -0.39 16.61
N ALA G 39 -31.78 -1.35 16.15
CA ALA G 39 -31.33 -2.44 17.01
C ALA G 39 -30.55 -1.93 18.23
N ALA G 40 -29.68 -0.96 18.02
CA ALA G 40 -28.91 -0.35 19.12
C ALA G 40 -29.84 0.27 20.16
N ARG G 41 -30.78 1.10 19.71
CA ARG G 41 -31.76 1.71 20.61
C ARG G 41 -32.51 0.65 21.40
N ASP G 42 -32.97 -0.39 20.73
CA ASP G 42 -33.75 -1.44 21.37
C ASP G 42 -32.92 -2.27 22.35
N ALA G 43 -31.70 -2.61 21.96
CA ALA G 43 -30.80 -3.34 22.85
C ALA G 43 -30.51 -2.52 24.10
N GLU G 44 -30.33 -1.21 23.89
CA GLU G 44 -30.08 -0.29 25.00
C GLU G 44 -31.30 -0.24 25.91
N LEU G 45 -32.47 -0.09 25.28
CA LEU G 45 -33.72 0.02 26.01
C LEU G 45 -33.98 -1.19 26.90
N ARG G 46 -33.80 -2.38 26.34
CA ARG G 46 -34.03 -3.63 27.08
C ARG G 46 -32.84 -4.01 27.96
N LYS G 47 -31.75 -3.25 27.81
CA LYS G 47 -30.47 -3.57 28.45
C LYS G 47 -30.08 -5.02 28.22
N ILE G 48 -30.00 -5.40 26.95
CA ILE G 48 -29.54 -6.73 26.57
C ILE G 48 -28.47 -6.61 25.48
N PRO G 49 -27.66 -7.67 25.28
CA PRO G 49 -26.56 -7.67 24.31
C PRO G 49 -26.99 -7.29 22.90
N LEU G 50 -26.13 -6.59 22.19
CA LEU G 50 -26.30 -6.35 20.76
C LEU G 50 -25.24 -7.13 20.00
N THR G 51 -25.67 -7.85 18.96
CA THR G 51 -24.76 -8.66 18.15
C THR G 51 -24.86 -8.30 16.68
N LEU G 52 -23.78 -7.74 16.14
CA LEU G 52 -23.71 -7.41 14.73
C LEU G 52 -23.14 -8.60 13.96
N VAL G 53 -23.79 -8.95 12.87
CA VAL G 53 -23.39 -10.12 12.09
C VAL G 53 -23.34 -9.80 10.61
N HIS G 54 -22.21 -10.09 9.99
CA HIS G 54 -22.09 -10.02 8.55
C HIS G 54 -21.67 -11.39 8.04
N ALA G 55 -22.40 -11.92 7.06
CA ALA G 55 -22.14 -13.24 6.55
C ALA G 55 -21.58 -13.19 5.12
N VAL G 56 -20.37 -13.69 4.95
CA VAL G 56 -19.79 -13.84 3.61
C VAL G 56 -19.48 -15.31 3.31
N SER G 57 -20.25 -15.89 2.39
CA SER G 57 -19.98 -17.24 1.91
C SER G 57 -18.71 -17.29 1.07
N PRO G 58 -17.81 -18.20 1.43
CA PRO G 58 -16.54 -18.34 0.71
C PRO G 58 -16.71 -19.10 -0.59
N GLU G 59 -17.85 -19.77 -0.76
CA GLU G 59 -18.12 -20.56 -1.95
C GLU G 59 -18.93 -19.76 -2.96
N VAL G 60 -18.46 -19.72 -4.21
CA VAL G 60 -19.33 -19.61 -5.36
C VAL G 60 -19.34 -20.91 -6.17
N ALA G 61 -20.39 -21.70 -6.00
CA ALA G 61 -20.58 -22.91 -6.79
C ALA G 61 -20.71 -22.58 -8.28
N THR G 62 -19.77 -23.08 -9.07
CA THR G 62 -19.71 -22.73 -10.49
C THR G 62 -19.75 -24.00 -11.36
N TRP G 63 -20.03 -23.81 -12.65
CA TRP G 63 -20.13 -24.93 -13.57
C TRP G 63 -18.76 -25.57 -13.81
N LEU G 64 -17.71 -24.76 -13.68
CA LEU G 64 -16.35 -25.27 -13.75
C LEU G 64 -15.83 -25.64 -12.36
N GLU G 65 -16.75 -25.80 -11.41
CA GLU G 65 -16.43 -26.42 -10.14
C GLU G 65 -15.03 -26.03 -9.66
N VAL G 66 -14.72 -24.74 -9.76
CA VAL G 66 -13.41 -24.25 -9.35
C VAL G 66 -13.54 -23.18 -8.27
N PRO G 67 -12.59 -23.18 -7.33
CA PRO G 67 -12.73 -22.42 -6.09
C PRO G 67 -12.40 -20.95 -6.30
N LEU G 68 -12.64 -20.13 -5.28
CA LEU G 68 -12.34 -18.70 -5.35
C LEU G 68 -10.84 -18.45 -5.22
N PRO G 69 -10.32 -17.54 -6.04
CA PRO G 69 -8.98 -17.01 -5.85
C PRO G 69 -8.81 -16.53 -4.41
N PRO G 70 -7.66 -16.82 -3.79
CA PRO G 70 -7.48 -16.47 -2.38
C PRO G 70 -7.49 -14.95 -2.16
N GLY G 71 -7.32 -14.21 -3.24
CA GLY G 71 -7.35 -12.75 -3.18
C GLY G 71 -8.75 -12.20 -3.01
N VAL G 72 -9.73 -12.95 -3.51
CA VAL G 72 -11.13 -12.59 -3.36
C VAL G 72 -11.59 -12.82 -1.92
N LEU G 73 -11.20 -13.97 -1.36
CA LEU G 73 -11.52 -14.28 0.04
C LEU G 73 -11.03 -13.19 0.97
N ARG G 74 -9.82 -12.70 0.72
CA ARG G 74 -9.23 -11.66 1.56
C ARG G 74 -9.92 -10.32 1.36
N TRP G 75 -10.41 -10.09 0.15
CA TRP G 75 -11.14 -8.85 -0.16
C TRP G 75 -12.44 -8.75 0.62
N GLN G 76 -13.17 -9.85 0.74
CA GLN G 76 -14.46 -9.83 1.41
C GLN G 76 -14.35 -9.76 2.93
N GLN G 77 -13.30 -10.36 3.48
CA GLN G 77 -12.97 -10.17 4.90
C GLN G 77 -12.66 -8.69 5.15
N ASP G 78 -11.99 -8.08 4.18
CA ASP G 78 -11.63 -6.67 4.27
C ASP G 78 -12.88 -5.82 4.17
N HIS G 79 -13.78 -6.19 3.26
CA HIS G 79 -15.03 -5.48 3.06
C HIS G 79 -15.94 -5.63 4.29
N GLY G 80 -15.96 -6.82 4.87
CA GLY G 80 -16.75 -7.09 6.05
C GLY G 80 -16.31 -6.27 7.24
N ARG G 81 -15.00 -6.09 7.38
CA ARG G 81 -14.42 -5.31 8.47
C ARG G 81 -14.83 -3.85 8.37
N HIS G 82 -14.78 -3.29 7.15
CA HIS G 82 -15.18 -1.91 6.94
C HIS G 82 -16.64 -1.68 7.33
N LEU G 83 -17.50 -2.66 7.01
CA LEU G 83 -18.89 -2.64 7.44
C LEU G 83 -19.05 -2.62 8.95
N ILE G 84 -18.36 -3.54 9.64
CA ILE G 84 -18.39 -3.59 11.10
C ILE G 84 -17.90 -2.29 11.74
N ASP G 85 -16.72 -1.83 11.33
CA ASP G 85 -16.18 -0.57 11.85
C ASP G 85 -17.19 0.56 11.75
N ASP G 86 -17.83 0.68 10.60
CA ASP G 86 -18.87 1.68 10.39
C ASP G 86 -20.05 1.46 11.33
N ALA G 87 -20.46 0.21 11.45
CA ALA G 87 -21.65 -0.14 12.23
C ALA G 87 -21.43 0.15 13.70
N LEU G 88 -20.24 -0.16 14.21
CA LEU G 88 -19.90 0.13 15.60
C LEU G 88 -19.97 1.62 15.89
N LYS G 89 -19.63 2.43 14.89
CA LYS G 89 -19.75 3.89 15.01
C LYS G 89 -21.20 4.33 15.04
N VAL G 90 -22.05 3.61 14.31
CA VAL G 90 -23.48 3.89 14.26
C VAL G 90 -24.13 3.46 15.58
N VAL G 91 -23.63 2.36 16.17
CA VAL G 91 -24.15 1.88 17.44
C VAL G 91 -24.01 2.91 18.55
N GLU G 92 -22.87 3.60 18.61
CA GLU G 92 -22.69 4.60 19.65
C GLU G 92 -23.35 5.94 19.30
N GLN G 93 -23.64 6.16 18.02
CA GLN G 93 -24.41 7.34 17.61
C GLN G 93 -25.88 7.15 17.98
N ALA G 94 -26.33 5.90 17.99
CA ALA G 94 -27.72 5.59 18.24
C ALA G 94 -28.00 5.40 19.72
N SER G 95 -26.95 5.25 20.51
CA SER G 95 -27.07 5.09 21.96
C SER G 95 -27.47 6.41 22.61
N LEU G 96 -28.66 6.41 23.23
CA LEU G 96 -29.12 7.57 23.99
C LEU G 96 -28.25 7.82 25.21
N ARG G 97 -27.96 6.75 25.95
CA ARG G 97 -27.23 6.86 27.20
C ARG G 97 -25.95 6.02 27.17
N ALA G 98 -26.03 4.82 27.71
CA ALA G 98 -24.85 3.99 27.95
C ALA G 98 -24.96 2.66 27.21
N GLY G 99 -26.18 2.13 27.11
CA GLY G 99 -26.40 0.82 26.52
C GLY G 99 -26.15 0.80 25.03
N PRO G 100 -25.90 -0.38 24.49
CA PRO G 100 -26.27 -1.63 25.17
C PRO G 100 -25.13 -2.17 26.03
N PRO G 101 -25.46 -3.06 26.95
CA PRO G 101 -24.47 -3.54 27.94
C PRO G 101 -23.28 -4.21 27.26
N THR G 102 -23.51 -4.80 26.10
CA THR G 102 -22.49 -5.56 25.41
C THR G 102 -22.67 -5.40 23.92
N VAL G 103 -21.59 -5.07 23.21
CA VAL G 103 -21.63 -4.90 21.77
C VAL G 103 -20.59 -5.76 21.08
N HIS G 104 -21.02 -6.55 20.10
CA HIS G 104 -20.26 -7.70 19.64
C HIS G 104 -20.47 -7.95 18.16
N SER G 105 -19.38 -8.19 17.44
CA SER G 105 -19.42 -8.29 15.99
C SER G 105 -18.84 -9.63 15.52
N GLU G 106 -19.54 -10.26 14.56
CA GLU G 106 -19.07 -11.50 13.99
C GLU G 106 -19.08 -11.42 12.47
N ILE G 107 -18.04 -11.95 11.85
CA ILE G 107 -18.03 -12.15 10.41
C ILE G 107 -18.01 -13.65 10.13
N VAL G 108 -19.16 -14.18 9.72
CA VAL G 108 -19.30 -15.63 9.51
C VAL G 108 -19.13 -16.01 8.04
N PRO G 109 -18.20 -16.95 7.77
CA PRO G 109 -17.96 -17.45 6.42
C PRO G 109 -19.00 -18.48 5.98
N ALA G 110 -20.27 -18.08 5.96
CA ALA G 110 -21.35 -18.92 5.45
C ALA G 110 -22.43 -18.03 4.85
N ALA G 111 -23.49 -18.63 4.32
CA ALA G 111 -24.59 -17.85 3.74
C ALA G 111 -25.41 -17.15 4.84
N ALA G 112 -25.95 -15.99 4.50
CA ALA G 112 -26.66 -15.16 5.47
C ALA G 112 -27.86 -15.85 6.12
N VAL G 113 -28.81 -16.31 5.31
CA VAL G 113 -30.02 -16.93 5.86
C VAL G 113 -29.72 -18.11 6.81
N PRO G 114 -28.98 -19.12 6.34
CA PRO G 114 -28.69 -20.23 7.24
C PRO G 114 -27.98 -19.77 8.52
N THR G 115 -27.04 -18.83 8.37
CA THR G 115 -26.29 -18.30 9.49
C THR G 115 -27.19 -17.59 10.49
N LEU G 116 -28.02 -16.67 10.00
CA LEU G 116 -28.89 -15.89 10.85
C LEU G 116 -30.03 -16.73 11.43
N VAL G 117 -30.60 -17.62 10.63
CA VAL G 117 -31.65 -18.51 11.13
C VAL G 117 -31.13 -19.33 12.31
N ASP G 118 -29.90 -19.82 12.20
CA ASP G 118 -29.33 -20.62 13.28
C ASP G 118 -29.11 -19.78 14.53
N MET G 119 -28.61 -18.56 14.35
CA MET G 119 -28.31 -17.70 15.48
C MET G 119 -29.56 -17.20 16.18
N SER G 120 -30.67 -17.16 15.44
CA SER G 120 -31.95 -16.70 16.00
C SER G 120 -32.45 -17.60 17.11
N LYS G 121 -31.89 -18.81 17.19
CA LYS G 121 -32.23 -19.73 18.26
C LYS G 121 -31.81 -19.19 19.62
N ASP G 122 -30.92 -18.21 19.61
CA ASP G 122 -30.41 -17.63 20.86
C ASP G 122 -30.60 -16.13 20.92
N ALA G 123 -31.55 -15.62 20.13
CA ALA G 123 -31.79 -14.19 20.07
C ALA G 123 -33.15 -13.82 20.64
N VAL G 124 -33.26 -12.61 21.17
CA VAL G 124 -34.54 -12.04 21.59
C VAL G 124 -35.24 -11.45 20.38
N LEU G 125 -34.50 -10.70 19.58
CA LEU G 125 -35.01 -10.15 18.32
C LEU G 125 -33.98 -10.29 17.22
N MET G 126 -34.46 -10.36 15.98
CA MET G 126 -33.61 -10.44 14.80
C MET G 126 -33.95 -9.26 13.91
N VAL G 127 -32.98 -8.37 13.69
CA VAL G 127 -33.24 -7.14 12.95
C VAL G 127 -32.50 -7.12 11.62
N VAL G 128 -33.22 -6.87 10.54
CA VAL G 128 -32.60 -6.72 9.22
C VAL G 128 -33.33 -5.66 8.42
N GLY G 129 -32.65 -5.12 7.42
CA GLY G 129 -33.28 -4.18 6.51
C GLY G 129 -34.24 -4.89 5.57
N CYS G 130 -35.09 -4.11 4.92
CA CYS G 130 -36.06 -4.68 3.98
C CYS G 130 -35.37 -5.07 2.68
N LEU G 131 -34.57 -4.15 2.17
CA LEU G 131 -33.80 -4.39 0.95
C LEU G 131 -32.32 -4.21 1.23
N GLY G 132 -31.49 -4.92 0.49
CA GLY G 132 -30.04 -4.89 0.71
C GLY G 132 -29.25 -4.29 -0.43
N SER G 133 -27.98 -4.68 -0.52
CA SER G 133 -27.07 -4.13 -1.51
C SER G 133 -27.41 -4.61 -2.92
N GLY G 134 -28.18 -5.69 -3.02
CA GLY G 134 -28.54 -6.25 -4.31
C GLY G 134 -29.83 -5.70 -4.87
N ARG G 135 -30.40 -4.72 -4.19
CA ARG G 135 -31.72 -4.20 -4.53
C ARG G 135 -31.76 -3.59 -5.93
N TRP G 136 -32.91 -3.67 -6.58
CA TRP G 136 -33.18 -2.94 -7.82
C TRP G 136 -34.67 -2.66 -7.95
N PRO G 137 -35.03 -1.62 -8.73
CA PRO G 137 -36.40 -1.11 -8.77
C PRO G 137 -37.44 -2.21 -9.02
N GLY G 138 -38.46 -2.27 -8.17
CA GLY G 138 -39.49 -3.28 -8.30
C GLY G 138 -39.56 -4.19 -7.10
N ARG G 139 -38.40 -4.66 -6.63
CA ARG G 139 -38.33 -5.59 -5.52
C ARG G 139 -38.68 -4.93 -4.19
N LEU G 140 -39.47 -5.62 -3.38
CA LEU G 140 -39.92 -5.08 -2.10
C LEU G 140 -39.19 -5.74 -0.94
N LEU G 141 -38.73 -6.97 -1.15
CA LEU G 141 -38.10 -7.74 -0.09
C LEU G 141 -36.88 -8.48 -0.63
N GLY G 142 -35.80 -8.48 0.13
CA GLY G 142 -34.58 -9.19 -0.27
C GLY G 142 -34.66 -10.65 0.16
N SER G 143 -33.73 -11.46 -0.31
CA SER G 143 -33.75 -12.88 -0.01
C SER G 143 -33.49 -13.17 1.47
N VAL G 144 -32.75 -12.27 2.12
CA VAL G 144 -32.40 -12.46 3.54
C VAL G 144 -33.58 -12.09 4.43
N SER G 145 -34.14 -10.91 4.22
CA SER G 145 -35.30 -10.49 4.99
C SER G 145 -36.46 -11.46 4.77
N SER G 146 -36.67 -11.85 3.53
CA SER G 146 -37.69 -12.83 3.16
C SER G 146 -37.48 -14.18 3.85
N GLY G 147 -36.26 -14.71 3.79
CA GLY G 147 -35.95 -16.00 4.37
C GLY G 147 -36.06 -15.97 5.87
N LEU G 148 -35.74 -14.83 6.46
CA LEU G 148 -35.78 -14.67 7.90
C LEU G 148 -37.23 -14.64 8.37
N LEU G 149 -38.07 -13.96 7.61
CA LEU G 149 -39.51 -13.90 7.88
C LEU G 149 -40.13 -15.29 7.94
N ARG G 150 -39.58 -16.22 7.21
CA ARG G 150 -40.18 -17.50 7.04
C ARG G 150 -39.53 -18.54 7.87
N HIS G 151 -38.28 -18.36 8.27
CA HIS G 151 -37.61 -19.41 8.99
C HIS G 151 -37.11 -19.16 10.38
N ALA G 152 -37.16 -17.93 10.83
CA ALA G 152 -36.44 -17.52 12.01
C ALA G 152 -36.98 -18.15 13.26
N HIS G 153 -36.19 -18.24 14.32
CA HIS G 153 -36.66 -18.84 15.55
C HIS G 153 -36.95 -17.82 16.63
N CYS G 154 -37.14 -16.58 16.21
CA CYS G 154 -37.54 -15.50 17.10
C CYS G 154 -38.18 -14.41 16.26
N PRO G 155 -38.81 -13.42 16.89
CA PRO G 155 -39.44 -12.35 16.12
C PRO G 155 -38.44 -11.64 15.22
N VAL G 156 -38.91 -11.20 14.06
CA VAL G 156 -38.04 -10.54 13.09
C VAL G 156 -38.49 -9.10 12.87
N VAL G 157 -37.55 -8.16 12.99
CA VAL G 157 -37.84 -6.75 12.78
C VAL G 157 -37.36 -6.34 11.39
N ILE G 158 -38.28 -5.80 10.58
CA ILE G 158 -37.95 -5.34 9.23
C ILE G 158 -37.83 -3.81 9.20
N ILE G 159 -36.64 -3.30 8.89
CA ILE G 159 -36.44 -1.86 8.82
C ILE G 159 -36.40 -1.37 7.38
N HIS G 160 -37.05 -0.24 7.12
CA HIS G 160 -37.03 0.38 5.81
C HIS G 160 -36.11 1.59 5.86
N ASP G 161 -35.43 1.89 4.76
CA ASP G 161 -34.41 2.94 4.78
C ASP G 161 -34.98 4.33 5.07
N GLU G 162 -36.29 4.51 4.94
CA GLU G 162 -36.90 5.80 5.27
C GLU G 162 -37.58 5.81 6.62
N ASP G 163 -37.38 4.74 7.39
CA ASP G 163 -37.95 4.64 8.73
C ASP G 163 -37.31 5.65 9.69
N SER G 164 -38.14 6.50 10.27
CA SER G 164 -37.68 7.46 11.27
C SER G 164 -37.31 6.73 12.55
N VAL G 165 -36.02 6.72 12.88
CA VAL G 165 -35.52 6.00 14.06
C VAL G 165 -34.75 6.88 15.03
N MET G 166 -34.01 7.85 14.49
CA MET G 166 -33.14 8.69 15.31
C MET G 166 -33.85 9.71 16.21
N PRO G 167 -34.90 10.39 15.69
CA PRO G 167 -35.62 11.38 16.49
C PRO G 167 -36.07 10.85 17.87
N HIS G 168 -35.76 11.60 18.92
CA HIS G 168 -36.13 11.21 20.28
C HIS G 168 -36.27 12.46 21.15
N PRO G 169 -37.29 12.48 22.04
CA PRO G 169 -38.24 11.39 22.28
C PRO G 169 -39.34 11.28 21.22
N GLN G 170 -39.51 10.09 20.66
CA GLN G 170 -40.58 9.86 19.69
C GLN G 170 -41.82 9.33 20.44
N GLN G 171 -42.94 10.03 20.28
CA GLN G 171 -44.11 9.75 21.11
C GLN G 171 -45.25 9.10 20.35
N ALA G 172 -45.03 8.81 19.08
CA ALA G 172 -46.02 8.08 18.29
C ALA G 172 -46.28 6.71 18.93
N PRO G 173 -47.54 6.25 18.88
CA PRO G 173 -47.88 4.97 19.49
C PRO G 173 -47.29 3.74 18.79
N VAL G 174 -47.46 2.58 19.41
CA VAL G 174 -47.16 1.30 18.80
C VAL G 174 -48.45 0.71 18.26
N LEU G 175 -48.46 0.39 16.97
CA LEU G 175 -49.63 -0.17 16.30
C LEU G 175 -49.51 -1.69 16.24
N VAL G 176 -50.56 -2.40 16.66
CA VAL G 176 -50.55 -3.85 16.59
C VAL G 176 -51.84 -4.40 16.00
N GLY G 177 -51.70 -5.35 15.07
CA GLY G 177 -52.86 -6.01 14.47
C GLY G 177 -53.21 -7.27 15.23
N VAL G 178 -54.45 -7.33 15.71
CA VAL G 178 -54.91 -8.49 16.46
C VAL G 178 -55.99 -9.22 15.68
N ASP G 179 -55.92 -10.55 15.63
CA ASP G 179 -56.95 -11.34 14.94
C ASP G 179 -57.42 -12.53 15.76
N GLY G 180 -56.90 -12.67 16.98
CA GLY G 180 -57.35 -13.71 17.88
C GLY G 180 -56.50 -14.96 17.90
N SER G 181 -55.73 -15.18 16.84
CA SER G 181 -54.89 -16.38 16.75
C SER G 181 -53.80 -16.39 17.81
N SER G 182 -53.19 -17.55 18.02
CA SER G 182 -52.14 -17.69 19.04
C SER G 182 -50.90 -16.90 18.65
N ALA G 183 -50.62 -16.81 17.35
CA ALA G 183 -49.48 -16.05 16.87
C ALA G 183 -49.73 -14.56 17.08
N SER G 184 -50.98 -14.15 16.93
CA SER G 184 -51.38 -12.77 17.17
C SER G 184 -51.26 -12.43 18.65
N GLU G 185 -51.46 -13.42 19.50
CA GLU G 185 -51.31 -13.25 20.94
C GLU G 185 -49.86 -12.88 21.27
N LEU G 186 -48.93 -13.52 20.58
CA LEU G 186 -47.51 -13.21 20.76
C LEU G 186 -47.23 -11.79 20.29
N ALA G 187 -47.77 -11.41 19.14
CA ALA G 187 -47.64 -10.05 18.64
C ALA G 187 -48.09 -9.04 19.69
N THR G 188 -49.25 -9.29 20.30
CA THR G 188 -49.76 -8.43 21.36
C THR G 188 -48.77 -8.32 22.52
N ALA G 189 -48.22 -9.45 22.95
CA ALA G 189 -47.27 -9.47 24.06
C ALA G 189 -46.10 -8.51 23.82
N ILE G 190 -45.47 -8.60 22.65
CA ILE G 190 -44.33 -7.71 22.37
C ILE G 190 -44.76 -6.27 22.10
N ALA G 191 -45.92 -6.09 21.49
CA ALA G 191 -46.45 -4.75 21.27
C ALA G 191 -46.58 -4.00 22.59
N PHE G 192 -47.12 -4.66 23.61
CA PHE G 192 -47.28 -4.05 24.92
C PHE G 192 -45.95 -3.87 25.62
N ASP G 193 -45.10 -4.88 25.53
CA ASP G 193 -43.77 -4.82 26.11
C ASP G 193 -43.01 -3.63 25.52
N GLU G 194 -43.06 -3.54 24.20
CA GLU G 194 -42.37 -2.49 23.47
C GLU G 194 -42.93 -1.10 23.81
N ALA G 195 -44.26 -0.99 23.86
CA ALA G 195 -44.91 0.29 24.16
C ALA G 195 -44.65 0.72 25.61
N SER G 196 -44.67 -0.24 26.51
CA SER G 196 -44.39 0.01 27.91
C SER G 196 -43.00 0.60 28.11
N ARG G 197 -42.00 -0.05 27.53
CA ARG G 197 -40.60 0.37 27.67
C ARG G 197 -40.33 1.72 27.01
N ARG G 198 -41.05 2.02 25.94
CA ARG G 198 -40.85 3.27 25.21
C ARG G 198 -41.66 4.41 25.81
N ASN G 199 -42.47 4.09 26.82
CA ASN G 199 -43.37 5.06 27.44
C ASN G 199 -44.31 5.73 26.47
N VAL G 200 -44.87 4.95 25.56
CA VAL G 200 -45.80 5.47 24.57
C VAL G 200 -47.11 4.71 24.61
N ASP G 201 -48.05 5.11 23.78
CA ASP G 201 -49.37 4.48 23.79
C ASP G 201 -49.48 3.37 22.76
N LEU G 202 -50.58 2.63 22.79
CA LEU G 202 -50.76 1.48 21.92
C LEU G 202 -52.08 1.55 21.16
N VAL G 203 -52.02 1.28 19.87
CA VAL G 203 -53.23 1.19 19.07
C VAL G 203 -53.41 -0.25 18.62
N ALA G 204 -54.47 -0.89 19.10
CA ALA G 204 -54.79 -2.25 18.70
C ALA G 204 -55.86 -2.25 17.63
N LEU G 205 -55.53 -2.75 16.45
CA LEU G 205 -56.46 -2.77 15.33
C LEU G 205 -56.91 -4.19 15.00
N HIS G 206 -58.21 -4.35 14.80
CA HIS G 206 -58.77 -5.63 14.35
C HIS G 206 -59.67 -5.41 13.15
N ALA G 207 -59.46 -6.23 12.12
CA ALA G 207 -60.38 -6.24 11.00
C ALA G 207 -61.36 -7.38 11.21
N TRP G 208 -62.65 -7.06 11.16
CA TRP G 208 -63.70 -8.05 11.41
C TRP G 208 -63.58 -9.23 10.46
N SER G 209 -63.38 -8.93 9.17
CA SER G 209 -63.25 -9.98 8.15
C SER G 209 -61.88 -9.97 7.48
N ASP G 210 -61.28 -11.15 7.35
CA ASP G 210 -59.99 -11.30 6.68
C ASP G 210 -60.12 -11.10 5.17
N VAL G 211 -61.28 -11.45 4.61
CA VAL G 211 -61.52 -11.30 3.19
C VAL G 211 -62.35 -10.05 2.89
N ASP G 212 -62.27 -9.56 1.65
CA ASP G 212 -63.00 -8.35 1.27
C ASP G 212 -64.51 -8.56 1.40
N VAL G 213 -65.20 -7.51 1.82
CA VAL G 213 -66.61 -7.60 2.20
C VAL G 213 -67.47 -6.52 1.53
N SER G 214 -66.81 -5.59 0.85
CA SER G 214 -67.47 -4.41 0.28
C SER G 214 -68.79 -4.68 -0.45
N GLU G 215 -68.84 -5.72 -1.27
CA GLU G 215 -70.03 -5.98 -2.07
C GLU G 215 -70.94 -7.06 -1.47
N TRP G 216 -70.89 -7.20 -0.15
CA TRP G 216 -71.68 -8.20 0.55
C TRP G 216 -73.04 -7.62 1.00
N PRO G 217 -74.14 -8.22 0.52
CA PRO G 217 -75.49 -7.74 0.79
C PRO G 217 -76.02 -8.14 2.17
N GLY G 218 -76.83 -7.27 2.77
CA GLY G 218 -77.48 -7.55 4.05
C GLY G 218 -76.51 -7.70 5.20
N ILE G 219 -75.85 -6.62 5.56
CA ILE G 219 -74.82 -6.66 6.59
C ILE G 219 -75.24 -6.03 7.92
N ASP G 220 -75.31 -4.69 7.95
CA ASP G 220 -75.56 -3.95 9.20
C ASP G 220 -74.24 -3.79 9.96
N TRP G 221 -73.40 -2.88 9.47
CA TRP G 221 -72.07 -2.68 10.05
C TRP G 221 -72.11 -2.19 11.51
N PRO G 222 -72.85 -1.11 11.78
CA PRO G 222 -72.93 -0.57 13.14
C PRO G 222 -73.11 -1.63 14.23
N ALA G 223 -74.03 -2.56 14.02
CA ALA G 223 -74.29 -3.60 15.02
C ALA G 223 -73.13 -4.58 15.17
N THR G 224 -72.54 -4.97 14.04
CA THR G 224 -71.42 -5.89 14.02
C THR G 224 -70.16 -5.25 14.60
N GLN G 225 -69.95 -3.98 14.25
CA GLN G 225 -68.81 -3.23 14.75
C GLN G 225 -68.85 -3.14 16.27
N SER G 226 -69.97 -2.67 16.80
CA SER G 226 -70.15 -2.52 18.25
C SER G 226 -69.95 -3.85 18.96
N MET G 227 -70.42 -4.92 18.33
CA MET G 227 -70.24 -6.26 18.86
C MET G 227 -68.76 -6.62 18.92
N ALA G 228 -68.05 -6.34 17.82
CA ALA G 228 -66.62 -6.64 17.72
C ALA G 228 -65.77 -5.79 18.66
N GLU G 229 -66.15 -4.53 18.83
CA GLU G 229 -65.42 -3.60 19.69
C GLU G 229 -65.43 -4.06 21.15
N GLN G 230 -66.55 -4.65 21.56
CA GLN G 230 -66.68 -5.15 22.92
C GLN G 230 -65.86 -6.42 23.11
N VAL G 231 -65.81 -7.26 22.08
CA VAL G 231 -65.00 -8.47 22.10
C VAL G 231 -63.52 -8.10 22.13
N LEU G 232 -63.17 -7.00 21.47
CA LEU G 232 -61.79 -6.53 21.43
C LEU G 232 -61.36 -6.06 22.82
N ALA G 233 -62.18 -5.23 23.46
CA ALA G 233 -61.90 -4.73 24.80
C ALA G 233 -61.81 -5.88 25.81
N GLU G 234 -62.61 -6.91 25.58
CA GLU G 234 -62.65 -8.06 26.47
C GLU G 234 -61.32 -8.82 26.45
N ARG G 235 -60.73 -8.98 25.27
CA ARG G 235 -59.46 -9.70 25.16
C ARG G 235 -58.28 -8.87 25.64
N LEU G 236 -58.35 -7.55 25.45
CA LEU G 236 -57.28 -6.66 25.85
C LEU G 236 -57.28 -6.38 27.35
N ALA G 237 -58.44 -6.54 27.98
CA ALA G 237 -58.51 -6.51 29.44
C ALA G 237 -57.62 -7.64 29.93
N GLY G 238 -56.76 -7.35 30.90
CA GLY G 238 -55.76 -8.32 31.31
C GLY G 238 -54.38 -7.82 30.89
N TRP G 239 -54.27 -7.40 29.63
CA TRP G 239 -53.10 -6.68 29.17
C TRP G 239 -53.11 -5.28 29.78
N GLN G 240 -54.27 -4.65 29.75
CA GLN G 240 -54.45 -3.33 30.34
C GLN G 240 -54.12 -3.37 31.84
N GLU G 241 -54.48 -4.47 32.49
CA GLU G 241 -54.21 -4.66 33.91
C GLU G 241 -52.74 -4.97 34.16
N ARG G 242 -52.08 -5.57 33.18
CA ARG G 242 -50.67 -5.91 33.32
C ARG G 242 -49.81 -4.69 32.97
N TYR G 243 -50.37 -3.79 32.17
CA TYR G 243 -49.67 -2.58 31.74
C TYR G 243 -50.55 -1.35 31.96
N PRO G 244 -50.71 -0.94 33.24
CA PRO G 244 -51.61 0.16 33.58
C PRO G 244 -51.21 1.48 32.93
N ASN G 245 -49.92 1.67 32.65
CA ASN G 245 -49.43 2.95 32.13
C ASN G 245 -49.53 3.14 30.62
N VAL G 246 -49.86 2.08 29.88
CA VAL G 246 -50.00 2.22 28.44
C VAL G 246 -51.47 2.42 28.06
N ALA G 247 -51.76 3.59 27.50
CA ALA G 247 -53.12 3.91 27.08
C ALA G 247 -53.47 3.20 25.78
N ILE G 248 -54.44 2.29 25.86
CA ILE G 248 -54.87 1.53 24.71
C ILE G 248 -55.89 2.31 23.88
N THR G 249 -55.83 2.14 22.56
CA THR G 249 -56.83 2.69 21.65
C THR G 249 -57.27 1.56 20.74
N ARG G 250 -58.57 1.25 20.76
CA ARG G 250 -59.09 0.14 19.97
C ARG G 250 -59.73 0.65 18.68
N VAL G 251 -59.33 0.04 17.57
CA VAL G 251 -59.91 0.37 16.27
C VAL G 251 -60.40 -0.90 15.61
N VAL G 252 -61.69 -0.96 15.30
CA VAL G 252 -62.24 -2.09 14.57
C VAL G 252 -62.65 -1.65 13.17
N VAL G 253 -62.10 -2.31 12.16
CA VAL G 253 -62.43 -1.99 10.78
C VAL G 253 -63.17 -3.14 10.12
N ARG G 254 -63.79 -2.86 8.98
CA ARG G 254 -64.63 -3.83 8.29
C ARG G 254 -63.80 -5.02 7.80
N ASP G 255 -62.81 -4.74 6.97
CA ASP G 255 -61.99 -5.78 6.36
C ASP G 255 -60.62 -5.21 5.99
N GLN G 256 -59.91 -5.92 5.11
CA GLN G 256 -58.61 -5.48 4.60
C GLN G 256 -57.63 -5.07 5.70
N PRO G 257 -57.25 -6.04 6.55
CA PRO G 257 -56.36 -5.71 7.68
C PRO G 257 -54.96 -5.27 7.24
N ALA G 258 -54.44 -5.89 6.18
CA ALA G 258 -53.11 -5.52 5.68
C ALA G 258 -53.05 -4.07 5.23
N ARG G 259 -53.99 -3.66 4.38
CA ARG G 259 -54.01 -2.30 3.87
C ARG G 259 -54.29 -1.28 4.97
N GLN G 260 -55.10 -1.70 5.95
CA GLN G 260 -55.41 -0.85 7.10
C GLN G 260 -54.19 -0.60 7.95
N LEU G 261 -53.43 -1.66 8.22
CA LEU G 261 -52.22 -1.56 9.04
C LEU G 261 -51.16 -0.70 8.36
N VAL G 262 -50.94 -0.94 7.08
CA VAL G 262 -49.96 -0.18 6.31
C VAL G 262 -50.31 1.31 6.31
N GLN G 263 -51.59 1.61 6.07
CA GLN G 263 -52.06 2.98 6.07
C GLN G 263 -51.78 3.65 7.41
N ARG G 264 -52.26 3.04 8.48
CA ARG G 264 -52.20 3.63 9.81
C ARG G 264 -50.80 3.62 10.40
N SER G 265 -49.87 2.94 9.74
CA SER G 265 -48.50 2.88 10.23
C SER G 265 -47.84 4.25 10.13
N GLU G 266 -48.38 5.10 9.26
CA GLU G 266 -47.83 6.44 9.03
C GLU G 266 -47.89 7.29 10.29
N GLU G 267 -48.59 6.81 11.31
CA GLU G 267 -48.74 7.55 12.56
C GLU G 267 -48.36 6.72 13.78
N ALA G 268 -47.64 5.64 13.54
CA ALA G 268 -47.04 4.86 14.61
C ALA G 268 -45.52 4.98 14.50
N GLN G 269 -44.79 4.56 15.52
CA GLN G 269 -43.35 4.49 15.43
C GLN G 269 -42.93 3.03 15.28
N LEU G 270 -43.92 2.15 15.35
CA LEU G 270 -43.67 0.71 15.32
C LEU G 270 -44.97 -0.03 15.01
N VAL G 271 -44.87 -1.05 14.17
CA VAL G 271 -46.01 -1.93 13.89
C VAL G 271 -45.63 -3.34 14.30
N VAL G 272 -46.55 -4.05 14.94
CA VAL G 272 -46.31 -5.44 15.33
C VAL G 272 -47.42 -6.34 14.79
N VAL G 273 -47.03 -7.41 14.11
CA VAL G 273 -47.97 -8.42 13.66
C VAL G 273 -47.37 -9.80 13.90
N GLY G 274 -48.19 -10.83 13.84
CA GLY G 274 -47.70 -12.20 13.95
C GLY G 274 -47.23 -12.70 12.59
N SER G 275 -46.52 -13.81 12.58
CA SER G 275 -46.09 -14.41 11.33
C SER G 275 -47.24 -15.20 10.73
N ARG G 276 -48.11 -15.72 11.60
CA ARG G 276 -49.27 -16.49 11.19
C ARG G 276 -50.54 -15.89 11.77
N GLY G 277 -51.68 -16.21 11.17
CA GLY G 277 -52.96 -15.73 11.66
C GLY G 277 -53.97 -16.84 11.86
N ARG G 278 -55.25 -16.49 11.84
CA ARG G 278 -56.33 -17.45 12.02
C ARG G 278 -56.69 -18.13 10.70
N GLY G 279 -56.19 -17.57 9.59
CA GLY G 279 -56.42 -18.17 8.28
C GLY G 279 -55.27 -19.08 7.87
N GLY G 280 -54.82 -18.92 6.62
CA GLY G 280 -53.71 -19.70 6.09
C GLY G 280 -53.98 -21.17 5.91
N TYR G 281 -52.91 -21.94 5.74
CA TYR G 281 -53.01 -23.39 5.52
C TYR G 281 -51.79 -24.09 6.11
N ALA G 282 -51.79 -25.41 6.09
CA ALA G 282 -50.64 -26.18 6.56
C ALA G 282 -49.46 -26.00 5.61
N GLY G 283 -48.28 -25.78 6.19
CA GLY G 283 -47.06 -25.60 5.39
C GLY G 283 -46.74 -24.15 5.09
N MET G 284 -47.68 -23.24 5.40
CA MET G 284 -47.43 -21.82 5.19
C MET G 284 -46.47 -21.30 6.24
N LEU G 285 -45.44 -20.60 5.79
CA LEU G 285 -44.38 -20.14 6.68
C LEU G 285 -44.64 -18.72 7.16
N VAL G 286 -45.29 -17.91 6.32
CA VAL G 286 -45.68 -16.56 6.72
C VAL G 286 -46.98 -16.14 6.02
N GLY G 287 -47.90 -15.57 6.80
CA GLY G 287 -49.20 -15.15 6.29
C GLY G 287 -49.07 -13.97 5.35
N SER G 288 -50.09 -13.74 4.53
CA SER G 288 -50.05 -12.69 3.52
C SER G 288 -50.16 -11.30 4.13
N VAL G 289 -50.84 -11.20 5.28
CA VAL G 289 -50.94 -9.93 5.98
C VAL G 289 -49.61 -9.62 6.64
N GLY G 290 -49.05 -10.62 7.32
CA GLY G 290 -47.75 -10.47 7.96
C GLY G 290 -46.68 -9.99 7.00
N GLU G 291 -46.65 -10.59 5.82
CA GLU G 291 -45.64 -10.26 4.81
C GLU G 291 -45.89 -8.90 4.17
N THR G 292 -47.13 -8.63 3.80
CA THR G 292 -47.48 -7.38 3.12
C THR G 292 -47.21 -6.17 4.01
N VAL G 293 -47.54 -6.29 5.30
CA VAL G 293 -47.26 -5.24 6.25
C VAL G 293 -45.75 -5.04 6.35
N ALA G 294 -45.02 -6.14 6.48
CA ALA G 294 -43.56 -6.10 6.58
C ALA G 294 -42.93 -5.33 5.42
N GLN G 295 -43.45 -5.53 4.21
CA GLN G 295 -42.83 -4.90 3.04
C GLN G 295 -43.37 -3.52 2.65
N LEU G 296 -44.62 -3.22 3.01
CA LEU G 296 -45.22 -1.94 2.62
C LEU G 296 -45.34 -0.90 3.74
N ALA G 297 -45.14 -1.31 4.99
CA ALA G 297 -45.31 -0.42 6.12
C ALA G 297 -44.32 0.75 6.11
N ARG G 298 -44.73 1.85 6.74
CA ARG G 298 -43.95 3.09 6.75
C ARG G 298 -43.15 3.28 8.03
N THR G 299 -43.06 2.21 8.83
CA THR G 299 -42.23 2.22 10.03
C THR G 299 -41.67 0.84 10.26
N PRO G 300 -40.74 0.71 11.22
CA PRO G 300 -40.26 -0.62 11.59
C PRO G 300 -41.42 -1.59 11.86
N VAL G 301 -41.26 -2.83 11.41
CA VAL G 301 -42.28 -3.85 11.60
C VAL G 301 -41.70 -5.07 12.31
N ILE G 302 -42.27 -5.42 13.46
CA ILE G 302 -41.89 -6.66 14.12
C ILE G 302 -42.87 -7.75 13.73
N VAL G 303 -42.35 -8.84 13.17
CA VAL G 303 -43.17 -10.01 12.84
C VAL G 303 -42.89 -11.13 13.85
N ALA G 304 -43.91 -11.49 14.63
CA ALA G 304 -43.72 -12.41 15.74
C ALA G 304 -43.57 -13.87 15.31
N ARG G 305 -42.53 -14.53 15.79
CA ARG G 305 -42.31 -15.95 15.52
C ARG G 305 -41.96 -16.67 16.81
N GLU G 306 -42.44 -17.90 16.97
CA GLU G 306 -42.24 -18.62 18.22
C GLU G 306 -41.01 -19.53 18.23
N SER G 307 -40.71 -20.07 19.42
CA SER G 307 -39.68 -21.09 19.62
C SER G 307 -38.47 -20.92 18.69
N SER H 18 -51.84 -34.63 -16.19
CA SER H 18 -52.79 -35.77 -16.17
C SER H 18 -54.16 -35.42 -16.76
N SER H 19 -55.21 -35.97 -16.16
CA SER H 19 -56.56 -35.90 -16.73
C SER H 19 -57.23 -34.53 -16.71
N LEU H 20 -56.87 -33.67 -15.75
CA LEU H 20 -57.48 -32.35 -15.68
C LEU H 20 -56.89 -31.39 -16.70
N GLY H 21 -55.75 -31.77 -17.28
CA GLY H 21 -55.08 -30.95 -18.29
C GLY H 21 -54.53 -29.64 -17.76
N ILE H 22 -55.02 -28.54 -18.30
CA ILE H 22 -54.57 -27.21 -17.92
C ILE H 22 -55.60 -26.49 -17.06
N ILE H 23 -55.34 -26.46 -15.75
CA ILE H 23 -56.22 -25.77 -14.80
C ILE H 23 -55.92 -24.28 -14.79
N VAL H 24 -56.96 -23.45 -14.67
CA VAL H 24 -56.77 -22.00 -14.57
C VAL H 24 -57.69 -21.39 -13.52
N GLY H 25 -57.10 -20.82 -12.48
CA GLY H 25 -57.84 -20.18 -11.40
C GLY H 25 -58.43 -18.87 -11.86
N ILE H 26 -59.65 -18.60 -11.45
CA ILE H 26 -60.38 -17.44 -11.93
C ILE H 26 -60.89 -16.57 -10.79
N ASP H 27 -60.81 -15.26 -10.98
CA ASP H 27 -61.42 -14.29 -10.07
C ASP H 27 -61.69 -13.00 -10.82
N ASP H 28 -62.23 -12.01 -10.12
CA ASP H 28 -62.61 -10.75 -10.76
C ASP H 28 -61.40 -9.82 -10.90
N SER H 29 -60.56 -10.09 -11.89
CA SER H 29 -59.33 -9.32 -12.10
C SER H 29 -58.82 -9.44 -13.53
N PRO H 30 -58.24 -8.36 -14.07
CA PRO H 30 -57.69 -8.32 -15.42
C PRO H 30 -56.70 -9.45 -15.66
N ALA H 31 -55.79 -9.66 -14.72
CA ALA H 31 -54.77 -10.70 -14.85
C ALA H 31 -55.40 -12.06 -15.10
N ALA H 32 -56.46 -12.37 -14.34
CA ALA H 32 -57.14 -13.65 -14.47
C ALA H 32 -57.79 -13.82 -15.84
N GLN H 33 -58.31 -12.73 -16.39
CA GLN H 33 -58.91 -12.77 -17.72
C GLN H 33 -57.86 -13.14 -18.77
N VAL H 34 -56.77 -12.38 -18.82
CA VAL H 34 -55.70 -12.66 -19.78
C VAL H 34 -55.00 -13.99 -19.46
N ALA H 35 -55.11 -14.42 -18.20
CA ALA H 35 -54.60 -15.74 -17.84
C ALA H 35 -55.44 -16.84 -18.51
N VAL H 36 -56.73 -16.59 -18.66
CA VAL H 36 -57.62 -17.54 -19.33
C VAL H 36 -57.29 -17.62 -20.82
N ARG H 37 -57.08 -16.46 -21.43
CA ARG H 37 -56.65 -16.41 -22.83
C ARG H 37 -55.44 -17.29 -23.10
N TRP H 38 -54.43 -17.18 -22.23
CA TRP H 38 -53.21 -17.97 -22.35
C TRP H 38 -53.50 -19.46 -22.16
N ALA H 39 -54.24 -19.78 -21.11
CA ALA H 39 -54.54 -21.16 -20.77
C ALA H 39 -55.35 -21.86 -21.87
N ALA H 40 -56.23 -21.09 -22.52
CA ALA H 40 -57.04 -21.62 -23.61
C ALA H 40 -56.15 -21.99 -24.79
N ARG H 41 -55.31 -21.06 -25.22
CA ARG H 41 -54.39 -21.27 -26.33
C ARG H 41 -53.51 -22.50 -26.12
N ASP H 42 -52.96 -22.64 -24.93
CA ASP H 42 -52.05 -23.73 -24.62
C ASP H 42 -52.77 -25.08 -24.60
N ALA H 43 -53.98 -25.08 -24.07
CA ALA H 43 -54.79 -26.29 -24.04
C ALA H 43 -55.19 -26.71 -25.46
N GLU H 44 -55.53 -25.73 -26.28
CA GLU H 44 -55.82 -25.96 -27.69
C GLU H 44 -54.58 -26.47 -28.41
N LEU H 45 -53.47 -25.74 -28.25
CA LEU H 45 -52.20 -26.08 -28.87
C LEU H 45 -51.73 -27.48 -28.47
N ARG H 46 -51.87 -27.83 -27.19
CA ARG H 46 -51.40 -29.11 -26.70
C ARG H 46 -52.47 -30.19 -26.88
N LYS H 47 -53.67 -29.77 -27.26
CA LYS H 47 -54.82 -30.67 -27.44
C LYS H 47 -55.14 -31.48 -26.19
N ILE H 48 -55.33 -30.78 -25.07
CA ILE H 48 -55.71 -31.41 -23.81
C ILE H 48 -56.82 -30.61 -23.11
N PRO H 49 -57.46 -31.20 -22.09
CA PRO H 49 -58.54 -30.57 -21.35
C PRO H 49 -58.19 -29.22 -20.75
N LEU H 50 -59.14 -28.31 -20.68
CA LEU H 50 -58.96 -27.01 -20.04
C LEU H 50 -59.94 -26.83 -18.88
N THR H 51 -59.46 -27.06 -17.65
CA THR H 51 -60.31 -26.92 -16.46
C THR H 51 -60.34 -25.50 -15.92
N LEU H 52 -61.53 -24.95 -15.72
CA LEU H 52 -61.68 -23.61 -15.12
C LEU H 52 -62.20 -23.74 -13.70
N VAL H 53 -61.40 -23.27 -12.73
CA VAL H 53 -61.80 -23.36 -11.33
C VAL H 53 -61.94 -21.99 -10.68
N HIS H 54 -63.01 -21.81 -9.91
CA HIS H 54 -63.20 -20.62 -9.09
C HIS H 54 -63.56 -21.06 -7.68
N ALA H 55 -62.76 -20.64 -6.71
CA ALA H 55 -62.96 -21.08 -5.33
C ALA H 55 -63.70 -20.05 -4.49
N VAL H 56 -64.58 -20.54 -3.64
CA VAL H 56 -65.29 -19.69 -2.69
C VAL H 56 -65.28 -20.34 -1.32
N SER H 57 -64.62 -19.66 -0.39
CA SER H 57 -64.44 -20.15 0.97
C SER H 57 -65.66 -19.81 1.82
N PRO H 58 -65.99 -20.69 2.79
CA PRO H 58 -67.11 -20.47 3.69
C PRO H 58 -66.67 -19.83 5.01
N THR H 62 -64.89 -15.71 11.67
CA THR H 62 -65.18 -14.49 12.42
C THR H 62 -65.43 -14.81 13.89
N TRP H 63 -65.29 -13.80 14.74
CA TRP H 63 -65.47 -13.98 16.19
C TRP H 63 -66.91 -14.35 16.56
N LEU H 68 -72.89 -15.17 9.25
CA LEU H 68 -72.81 -15.46 7.83
C LEU H 68 -74.22 -15.49 7.22
N PRO H 69 -74.80 -14.31 6.94
CA PRO H 69 -76.12 -14.25 6.34
C PRO H 69 -76.26 -15.23 5.18
N PRO H 70 -77.36 -16.00 5.15
CA PRO H 70 -77.59 -16.96 4.07
C PRO H 70 -77.68 -16.28 2.70
N GLY H 71 -77.97 -14.98 2.71
CA GLY H 71 -78.07 -14.20 1.48
C GLY H 71 -76.72 -13.84 0.88
N VAL H 72 -75.70 -13.76 1.72
CA VAL H 72 -74.36 -13.41 1.26
C VAL H 72 -73.69 -14.60 0.59
N LEU H 73 -73.98 -15.80 1.08
CA LEU H 73 -73.42 -17.02 0.52
C LEU H 73 -73.94 -17.23 -0.89
N ARG H 74 -75.18 -16.80 -1.11
CA ARG H 74 -75.83 -16.94 -2.39
C ARG H 74 -75.24 -15.95 -3.39
N TRP H 75 -74.96 -14.74 -2.92
CA TRP H 75 -74.38 -13.69 -3.76
C TRP H 75 -73.07 -14.13 -4.39
N GLN H 76 -72.24 -14.81 -3.61
CA GLN H 76 -70.94 -15.28 -4.07
C GLN H 76 -71.08 -16.23 -5.26
N GLN H 77 -72.05 -17.15 -5.18
CA GLN H 77 -72.29 -18.12 -6.24
C GLN H 77 -72.78 -17.46 -7.53
N ASP H 78 -73.59 -16.41 -7.40
CA ASP H 78 -74.05 -15.66 -8.56
C ASP H 78 -72.85 -14.95 -9.20
N HIS H 79 -72.06 -14.29 -8.36
CA HIS H 79 -70.85 -13.61 -8.78
C HIS H 79 -69.87 -14.57 -9.45
N GLY H 80 -69.75 -15.77 -8.88
CA GLY H 80 -68.86 -16.78 -9.42
C GLY H 80 -69.34 -17.36 -10.73
N ARG H 81 -70.66 -17.42 -10.90
CA ARG H 81 -71.24 -17.92 -12.14
C ARG H 81 -71.04 -16.93 -13.27
N HIS H 82 -71.15 -15.64 -12.94
CA HIS H 82 -70.92 -14.57 -13.91
C HIS H 82 -69.47 -14.55 -14.37
N LEU H 83 -68.56 -14.83 -13.44
CA LEU H 83 -67.13 -14.91 -13.76
C LEU H 83 -66.84 -16.11 -14.64
N ILE H 84 -67.35 -17.27 -14.23
CA ILE H 84 -67.18 -18.50 -15.00
C ILE H 84 -67.75 -18.35 -16.41
N ASP H 85 -68.81 -17.54 -16.53
CA ASP H 85 -69.46 -17.34 -17.81
C ASP H 85 -68.57 -16.52 -18.75
N ASP H 86 -68.21 -15.32 -18.31
CA ASP H 86 -67.28 -14.48 -19.06
C ASP H 86 -66.05 -15.27 -19.49
N ALA H 87 -65.55 -16.10 -18.58
CA ALA H 87 -64.38 -16.93 -18.85
C ALA H 87 -64.58 -17.82 -20.06
N LEU H 88 -65.78 -18.39 -20.19
CA LEU H 88 -66.10 -19.26 -21.33
C LEU H 88 -66.26 -18.47 -22.62
N LYS H 89 -66.71 -17.23 -22.51
CA LYS H 89 -66.78 -16.34 -23.67
C LYS H 89 -65.37 -15.96 -24.10
N VAL H 90 -64.47 -15.87 -23.13
CA VAL H 90 -63.07 -15.55 -23.39
C VAL H 90 -62.35 -16.72 -24.03
N VAL H 91 -62.66 -17.94 -23.58
CA VAL H 91 -62.03 -19.15 -24.11
C VAL H 91 -62.18 -19.25 -25.63
N GLU H 92 -63.31 -18.81 -26.16
CA GLU H 92 -63.56 -18.89 -27.59
C GLU H 92 -63.03 -17.67 -28.36
N GLN H 93 -63.00 -16.52 -27.69
CA GLN H 93 -62.35 -15.34 -28.25
C GLN H 93 -60.88 -15.62 -28.56
N ALA H 94 -60.31 -16.56 -27.81
CA ALA H 94 -58.89 -16.89 -27.95
C ALA H 94 -58.66 -18.01 -28.95
N SER H 95 -59.37 -19.12 -28.79
CA SER H 95 -59.20 -20.29 -29.64
C SER H 95 -59.08 -19.96 -31.13
N LEU H 96 -58.17 -20.62 -31.82
CA LEU H 96 -58.01 -20.46 -33.27
C LEU H 96 -58.82 -21.51 -34.02
N ARG H 97 -58.61 -22.78 -33.66
CA ARG H 97 -59.34 -23.89 -34.25
C ARG H 97 -60.57 -24.28 -33.44
N ALA H 98 -60.71 -25.57 -33.16
CA ALA H 98 -61.87 -26.09 -32.44
C ALA H 98 -61.50 -26.66 -31.07
N GLY H 99 -60.21 -26.61 -30.73
CA GLY H 99 -59.76 -27.01 -29.40
C GLY H 99 -59.96 -25.87 -28.41
N PRO H 100 -59.81 -26.14 -27.10
CA PRO H 100 -59.47 -27.41 -26.42
C PRO H 100 -60.57 -28.46 -26.51
N PRO H 101 -60.17 -29.75 -26.49
CA PRO H 101 -61.09 -30.89 -26.56
C PRO H 101 -62.18 -30.82 -25.49
N THR H 102 -61.79 -30.96 -24.23
CA THR H 102 -62.70 -30.83 -23.09
C THR H 102 -62.58 -29.41 -22.53
N VAL H 103 -63.70 -28.86 -22.07
CA VAL H 103 -63.70 -27.54 -21.47
C VAL H 103 -64.51 -27.52 -20.17
N HIS H 104 -63.81 -27.77 -19.06
CA HIS H 104 -64.49 -28.01 -17.79
C HIS H 104 -64.62 -26.73 -16.98
N SER H 105 -65.59 -26.71 -16.07
CA SER H 105 -65.90 -25.50 -15.31
C SER H 105 -66.48 -25.85 -13.94
N GLU H 106 -65.95 -25.21 -12.90
CA GLU H 106 -66.21 -25.61 -11.54
C GLU H 106 -66.23 -24.42 -10.60
N ILE H 107 -67.11 -24.46 -9.61
CA ILE H 107 -67.10 -23.49 -8.53
C ILE H 107 -66.98 -24.27 -7.22
N VAL H 108 -65.76 -24.36 -6.70
CA VAL H 108 -65.50 -25.15 -5.51
C VAL H 108 -65.76 -24.34 -4.24
N PRO H 109 -66.48 -24.95 -3.28
CA PRO H 109 -66.73 -24.32 -1.98
C PRO H 109 -65.59 -24.59 -1.00
N ALA H 110 -64.41 -24.06 -1.31
CA ALA H 110 -63.24 -24.21 -0.45
C ALA H 110 -62.28 -23.05 -0.70
N ALA H 111 -61.24 -22.94 0.13
CA ALA H 111 -60.25 -21.89 -0.01
C ALA H 111 -59.41 -22.08 -1.27
N ALA H 112 -59.11 -20.98 -1.96
CA ALA H 112 -58.45 -21.01 -3.27
C ALA H 112 -57.16 -21.84 -3.35
N VAL H 113 -56.24 -21.60 -2.42
CA VAL H 113 -54.93 -22.26 -2.47
C VAL H 113 -55.03 -23.77 -2.21
N PRO H 114 -55.63 -24.17 -1.08
CA PRO H 114 -55.73 -25.61 -0.78
C PRO H 114 -56.41 -26.41 -1.89
N THR H 115 -57.44 -25.82 -2.51
CA THR H 115 -58.18 -26.52 -3.57
C THR H 115 -57.36 -26.61 -4.85
N LEU H 116 -56.75 -25.50 -5.27
CA LEU H 116 -55.91 -25.48 -6.46
C LEU H 116 -54.64 -26.32 -6.30
N VAL H 117 -54.05 -26.30 -5.11
CA VAL H 117 -52.88 -27.14 -4.84
C VAL H 117 -53.24 -28.62 -4.95
N ASP H 118 -54.40 -28.99 -4.42
CA ASP H 118 -54.84 -30.37 -4.46
C ASP H 118 -55.14 -30.83 -5.89
N MET H 119 -55.77 -29.95 -6.65
CA MET H 119 -56.13 -30.25 -8.03
C MET H 119 -54.92 -30.33 -8.95
N SER H 120 -53.81 -29.70 -8.55
CA SER H 120 -52.60 -29.69 -9.37
C SER H 120 -51.94 -31.08 -9.43
N LYS H 121 -52.34 -31.96 -8.53
CA LYS H 121 -51.85 -33.34 -8.53
C LYS H 121 -52.25 -34.07 -9.80
N ASP H 122 -53.32 -33.61 -10.44
CA ASP H 122 -53.83 -34.26 -11.64
C ASP H 122 -53.84 -33.30 -12.82
N ALA H 123 -52.93 -32.33 -12.80
CA ALA H 123 -52.85 -31.34 -13.86
C ALA H 123 -51.52 -31.39 -14.60
N VAL H 124 -51.52 -30.87 -15.83
CA VAL H 124 -50.29 -30.73 -16.60
C VAL H 124 -49.66 -29.37 -16.29
N LEU H 125 -50.47 -28.33 -16.40
CA LEU H 125 -50.05 -26.97 -16.07
C LEU H 125 -51.06 -26.32 -15.14
N MET H 126 -50.58 -25.48 -14.24
CA MET H 126 -51.44 -24.68 -13.38
C MET H 126 -51.27 -23.21 -13.74
N VAL H 127 -52.35 -22.57 -14.18
CA VAL H 127 -52.26 -21.20 -14.67
C VAL H 127 -53.08 -20.24 -13.82
N VAL H 128 -52.43 -19.19 -13.31
CA VAL H 128 -53.15 -18.16 -12.55
C VAL H 128 -52.59 -16.79 -12.87
N GLY H 129 -53.40 -15.76 -12.65
CA GLY H 129 -52.92 -14.40 -12.75
C GLY H 129 -51.94 -14.15 -11.63
N CYS H 130 -51.15 -13.09 -11.78
CA CYS H 130 -50.12 -12.79 -10.81
C CYS H 130 -50.68 -11.91 -9.69
N LEU H 131 -51.57 -10.99 -10.06
CA LEU H 131 -52.29 -10.18 -9.09
C LEU H 131 -53.79 -10.38 -9.26
N GLY H 132 -54.52 -10.43 -8.15
CA GLY H 132 -55.96 -10.69 -8.19
C GLY H 132 -56.84 -9.50 -7.93
N SER H 133 -57.99 -9.73 -7.32
CA SER H 133 -58.97 -8.67 -7.08
C SER H 133 -58.64 -7.85 -5.84
N GLY H 134 -57.95 -8.47 -4.89
CA GLY H 134 -57.54 -7.79 -3.66
C GLY H 134 -56.16 -7.15 -3.78
N ARG H 135 -55.85 -6.64 -4.97
CA ARG H 135 -54.55 -6.05 -5.23
C ARG H 135 -54.58 -4.54 -5.01
N TRP H 136 -53.41 -3.97 -4.76
CA TRP H 136 -53.24 -2.53 -4.67
C TRP H 136 -51.79 -2.13 -4.98
N PRO H 137 -51.58 -0.87 -5.41
CA PRO H 137 -50.33 -0.31 -5.93
C PRO H 137 -49.04 -1.00 -5.49
N GLY H 138 -48.87 -1.22 -4.19
CA GLY H 138 -47.62 -1.76 -3.65
C GLY H 138 -47.30 -3.20 -4.02
N ARG H 139 -48.23 -4.10 -3.78
CA ARG H 139 -48.01 -5.55 -3.93
C ARG H 139 -47.63 -5.95 -5.36
N LEU H 140 -47.00 -7.12 -5.49
CA LEU H 140 -46.65 -7.64 -6.81
C LEU H 140 -46.87 -9.15 -6.93
N LEU H 141 -47.48 -9.74 -5.91
CA LEU H 141 -47.87 -11.15 -5.95
C LEU H 141 -48.93 -11.43 -4.89
N GLY H 142 -50.08 -11.94 -5.31
CA GLY H 142 -51.19 -12.21 -4.39
C GLY H 142 -50.99 -13.50 -3.62
N SER H 143 -51.89 -13.77 -2.67
CA SER H 143 -51.75 -14.96 -1.82
C SER H 143 -51.95 -16.27 -2.59
N VAL H 144 -52.78 -16.24 -3.63
CA VAL H 144 -53.05 -17.44 -4.42
C VAL H 144 -51.86 -17.81 -5.31
N SER H 145 -51.40 -16.84 -6.10
CA SER H 145 -50.24 -17.06 -6.96
C SER H 145 -49.02 -17.42 -6.13
N SER H 146 -48.84 -16.74 -4.99
CA SER H 146 -47.72 -16.99 -4.10
C SER H 146 -47.75 -18.41 -3.51
N GLY H 147 -48.91 -18.82 -3.00
CA GLY H 147 -49.05 -20.14 -2.38
C GLY H 147 -48.92 -21.24 -3.40
N LEU H 148 -49.42 -20.97 -4.59
CA LEU H 148 -49.38 -21.93 -5.69
C LEU H 148 -47.93 -22.11 -6.13
N LEU H 149 -47.20 -21.00 -6.16
CA LEU H 149 -45.80 -20.98 -6.55
C LEU H 149 -44.93 -21.79 -5.58
N ARG H 150 -45.44 -21.97 -4.36
CA ARG H 150 -44.68 -22.63 -3.30
C ARG H 150 -45.12 -24.06 -3.02
N HIS H 151 -46.31 -24.43 -3.47
CA HIS H 151 -46.89 -25.72 -3.07
C HIS H 151 -47.41 -26.60 -4.21
N ALA H 152 -47.68 -25.99 -5.36
CA ALA H 152 -48.26 -26.71 -6.49
C ALA H 152 -47.49 -27.98 -6.84
N HIS H 153 -48.21 -29.02 -7.26
CA HIS H 153 -47.59 -30.29 -7.64
C HIS H 153 -47.37 -30.39 -9.14
N CYS H 154 -47.41 -29.25 -9.83
CA CYS H 154 -47.12 -29.19 -11.24
C CYS H 154 -46.62 -27.79 -11.60
N PRO H 155 -45.97 -27.63 -12.76
CA PRO H 155 -45.52 -26.32 -13.22
C PRO H 155 -46.62 -25.28 -13.05
N VAL H 156 -46.24 -24.08 -12.64
CA VAL H 156 -47.20 -22.99 -12.43
C VAL H 156 -46.94 -21.86 -13.41
N VAL H 157 -47.97 -21.45 -14.14
CA VAL H 157 -47.81 -20.36 -15.09
C VAL H 157 -48.36 -19.06 -14.50
N ILE H 158 -47.50 -18.06 -14.39
CA ILE H 158 -47.87 -16.75 -13.87
C ILE H 158 -48.09 -15.77 -15.01
N ILE H 159 -49.29 -15.17 -15.07
CA ILE H 159 -49.64 -14.22 -16.12
C ILE H 159 -49.82 -12.82 -15.55
N HIS H 160 -49.42 -11.81 -16.31
CA HIS H 160 -49.59 -10.42 -15.90
C HIS H 160 -50.58 -9.74 -16.83
N ASP H 161 -51.33 -8.78 -16.30
CA ASP H 161 -52.37 -8.12 -17.10
C ASP H 161 -51.79 -7.23 -18.21
N GLU H 162 -50.49 -7.35 -18.45
CA GLU H 162 -49.85 -6.60 -19.52
C GLU H 162 -49.21 -7.53 -20.54
N ASP H 163 -49.28 -8.84 -20.26
CA ASP H 163 -48.71 -9.85 -21.15
C ASP H 163 -49.41 -9.88 -22.51
N SER H 164 -48.62 -10.08 -23.57
CA SER H 164 -49.17 -10.24 -24.91
C SER H 164 -49.57 -11.69 -25.13
N VAL H 165 -50.85 -11.92 -25.41
CA VAL H 165 -51.35 -13.26 -25.64
C VAL H 165 -52.23 -13.33 -26.88
N MET H 166 -52.92 -12.23 -27.19
CA MET H 166 -53.83 -12.20 -28.32
C MET H 166 -53.14 -12.18 -29.70
N PRO H 167 -52.17 -11.27 -29.88
CA PRO H 167 -51.47 -11.17 -31.17
C PRO H 167 -50.96 -12.52 -31.69
N HIS H 168 -51.24 -12.81 -32.96
CA HIS H 168 -50.78 -14.04 -33.59
C HIS H 168 -50.56 -13.82 -35.09
N PRO H 169 -49.54 -14.47 -35.67
CA PRO H 169 -48.63 -15.41 -35.01
C PRO H 169 -47.63 -14.72 -34.08
N GLN H 170 -47.03 -15.47 -33.18
CA GLN H 170 -46.05 -14.92 -32.25
C GLN H 170 -44.63 -15.34 -32.63
N GLN H 171 -43.80 -14.35 -32.94
CA GLN H 171 -42.45 -14.60 -33.45
C GLN H 171 -41.40 -14.67 -32.34
N ALA H 172 -41.70 -14.04 -31.20
CA ALA H 172 -40.76 -14.01 -30.07
C ALA H 172 -40.44 -15.41 -29.55
N PRO H 173 -39.15 -15.68 -29.28
CA PRO H 173 -38.69 -16.98 -28.82
C PRO H 173 -39.01 -17.28 -27.35
N VAL H 174 -38.69 -18.51 -26.94
CA VAL H 174 -38.89 -18.94 -25.56
C VAL H 174 -37.59 -18.85 -24.77
N LEU H 175 -37.61 -18.05 -23.71
CA LEU H 175 -36.43 -17.84 -22.87
C LEU H 175 -36.44 -18.78 -21.68
N VAL H 176 -35.32 -19.44 -21.43
CA VAL H 176 -35.20 -20.35 -20.28
C VAL H 176 -33.89 -20.13 -19.51
N GLY H 177 -33.99 -20.14 -18.18
CA GLY H 177 -32.82 -20.03 -17.33
C GLY H 177 -32.37 -21.39 -16.83
N VAL H 178 -31.14 -21.77 -17.17
CA VAL H 178 -30.59 -23.05 -16.73
C VAL H 178 -29.50 -22.82 -15.70
N ASP H 179 -29.36 -23.75 -14.76
CA ASP H 179 -28.30 -23.64 -13.76
C ASP H 179 -27.75 -25.01 -13.35
N GLY H 180 -28.22 -26.06 -14.01
CA GLY H 180 -27.68 -27.40 -13.81
C GLY H 180 -28.43 -28.25 -12.80
N SER H 181 -29.25 -27.63 -11.97
CA SER H 181 -30.00 -28.35 -10.95
C SER H 181 -31.09 -29.23 -11.55
N SER H 182 -31.58 -30.18 -10.76
CA SER H 182 -32.64 -31.08 -11.24
C SER H 182 -33.90 -30.30 -11.58
N ALA H 183 -34.23 -29.31 -10.76
CA ALA H 183 -35.39 -28.46 -10.99
C ALA H 183 -35.21 -27.66 -12.27
N SER H 184 -33.96 -27.44 -12.66
CA SER H 184 -33.66 -26.69 -13.87
C SER H 184 -33.80 -27.56 -15.11
N GLU H 185 -33.57 -28.86 -14.94
CA GLU H 185 -33.75 -29.82 -16.04
C GLU H 185 -35.22 -29.88 -16.44
N LEU H 186 -36.09 -29.96 -15.45
CA LEU H 186 -37.52 -29.95 -15.69
C LEU H 186 -37.88 -28.70 -16.48
N ALA H 187 -37.38 -27.55 -16.04
CA ALA H 187 -37.65 -26.29 -16.71
C ALA H 187 -37.21 -26.34 -18.17
N THR H 188 -36.06 -26.97 -18.43
CA THR H 188 -35.54 -27.09 -19.78
C THR H 188 -36.49 -27.90 -20.65
N ALA H 189 -36.88 -29.08 -20.17
CA ALA H 189 -37.83 -29.93 -20.88
C ALA H 189 -39.07 -29.15 -21.29
N ILE H 190 -39.66 -28.44 -20.34
CA ILE H 190 -40.82 -27.60 -20.60
C ILE H 190 -40.53 -26.57 -21.68
N ALA H 191 -39.36 -25.92 -21.58
CA ALA H 191 -38.98 -24.87 -22.51
C ALA H 191 -38.90 -25.37 -23.95
N PHE H 192 -38.31 -26.53 -24.16
CA PHE H 192 -38.20 -27.12 -25.49
C PHE H 192 -39.55 -27.61 -25.99
N ASP H 193 -40.23 -28.39 -25.15
CA ASP H 193 -41.57 -28.86 -25.44
C ASP H 193 -42.44 -27.71 -25.92
N GLU H 194 -42.46 -26.64 -25.14
CA GLU H 194 -43.27 -25.47 -25.44
C GLU H 194 -42.80 -24.74 -26.70
N ALA H 195 -41.49 -24.83 -26.97
CA ALA H 195 -40.89 -24.10 -28.09
C ALA H 195 -41.21 -24.75 -29.44
N SER H 196 -41.08 -26.07 -29.52
CA SER H 196 -41.37 -26.77 -30.76
C SER H 196 -42.85 -26.69 -31.11
N ARG H 197 -43.70 -26.89 -30.11
CA ARG H 197 -45.15 -26.83 -30.30
C ARG H 197 -45.61 -25.49 -30.85
N ARG H 198 -44.99 -24.41 -30.37
CA ARG H 198 -45.29 -23.08 -30.87
C ARG H 198 -44.54 -22.79 -32.17
N ASN H 199 -43.61 -23.68 -32.50
CA ASN H 199 -42.75 -23.51 -33.66
C ASN H 199 -41.96 -22.20 -33.62
N VAL H 200 -41.27 -21.97 -32.51
CA VAL H 200 -40.43 -20.79 -32.36
C VAL H 200 -39.05 -21.18 -31.84
N ASP H 201 -38.17 -20.20 -31.70
CA ASP H 201 -36.80 -20.44 -31.24
C ASP H 201 -36.69 -20.45 -29.72
N LEU H 202 -35.54 -20.93 -29.23
CA LEU H 202 -35.30 -21.02 -27.80
C LEU H 202 -34.00 -20.29 -27.42
N VAL H 203 -34.07 -19.50 -26.35
CA VAL H 203 -32.90 -18.82 -25.83
C VAL H 203 -32.53 -19.38 -24.46
N ALA H 204 -31.45 -20.14 -24.39
CA ALA H 204 -30.98 -20.65 -23.12
C ALA H 204 -30.01 -19.65 -22.50
N LEU H 205 -30.24 -19.30 -21.23
CA LEU H 205 -29.40 -18.34 -20.53
C LEU H 205 -28.85 -18.90 -19.24
N HIS H 206 -27.55 -18.73 -19.03
CA HIS H 206 -26.92 -19.16 -17.79
C HIS H 206 -26.05 -18.04 -17.22
N ALA H 207 -26.29 -17.72 -15.95
CA ALA H 207 -25.42 -16.80 -15.23
C ALA H 207 -24.35 -17.64 -14.55
N TRP H 208 -23.10 -17.38 -14.91
CA TRP H 208 -21.96 -18.11 -14.36
C TRP H 208 -22.02 -18.14 -12.83
N SER H 209 -22.27 -16.99 -12.23
CA SER H 209 -22.34 -16.88 -10.77
C SER H 209 -23.75 -16.55 -10.28
N ASP H 210 -24.20 -17.26 -9.25
CA ASP H 210 -25.46 -16.94 -8.59
C ASP H 210 -25.29 -15.67 -7.76
N VAL H 211 -24.09 -15.47 -7.26
CA VAL H 211 -23.77 -14.34 -6.41
C VAL H 211 -23.38 -13.14 -7.25
N ASP H 212 -23.75 -11.95 -6.78
CA ASP H 212 -23.38 -10.71 -7.44
C ASP H 212 -21.89 -10.43 -7.24
N VAL H 213 -21.13 -10.41 -8.33
CA VAL H 213 -19.68 -10.26 -8.25
C VAL H 213 -19.20 -8.97 -8.89
N SER H 214 -20.07 -7.97 -8.94
CA SER H 214 -19.78 -6.72 -9.64
C SER H 214 -18.91 -5.74 -8.85
N GLU H 215 -18.07 -6.27 -7.95
CA GLU H 215 -17.09 -5.47 -7.24
C GLU H 215 -15.93 -6.36 -6.79
N TRP H 216 -16.02 -7.63 -7.15
CA TRP H 216 -14.95 -8.59 -6.95
C TRP H 216 -13.73 -8.14 -7.76
N PRO H 217 -12.52 -8.33 -7.22
CA PRO H 217 -11.31 -7.81 -7.86
C PRO H 217 -10.73 -8.73 -8.93
N GLY H 218 -10.19 -9.88 -8.52
CA GLY H 218 -9.51 -10.78 -9.46
C GLY H 218 -10.43 -11.65 -10.29
N ILE H 219 -11.21 -11.03 -11.17
CA ILE H 219 -12.08 -11.76 -12.08
C ILE H 219 -11.79 -11.42 -13.54
N ASP H 220 -11.36 -12.42 -14.30
CA ASP H 220 -11.11 -12.26 -15.72
C ASP H 220 -12.32 -12.79 -16.48
N TRP H 221 -13.27 -11.90 -16.78
CA TRP H 221 -14.54 -12.32 -17.38
C TRP H 221 -14.40 -12.83 -18.82
N PRO H 222 -13.88 -12.00 -19.73
CA PRO H 222 -13.75 -12.40 -21.14
C PRO H 222 -13.23 -13.82 -21.33
N ALA H 223 -12.28 -14.22 -20.49
CA ALA H 223 -11.72 -15.57 -20.56
C ALA H 223 -12.69 -16.60 -19.98
N THR H 224 -13.30 -16.25 -18.85
CA THR H 224 -14.21 -17.14 -18.15
C THR H 224 -15.50 -17.35 -18.94
N GLN H 225 -15.93 -16.30 -19.64
CA GLN H 225 -17.14 -16.37 -20.46
C GLN H 225 -16.99 -17.44 -21.54
N SER H 226 -15.84 -17.46 -22.19
CA SER H 226 -15.57 -18.41 -23.28
C SER H 226 -15.57 -19.86 -22.80
N MET H 227 -15.06 -20.08 -21.59
CA MET H 227 -15.04 -21.43 -21.02
C MET H 227 -16.43 -21.89 -20.63
N ALA H 228 -17.26 -20.95 -20.19
CA ALA H 228 -18.63 -21.27 -19.78
C ALA H 228 -19.52 -21.56 -20.98
N GLU H 229 -19.42 -20.72 -22.00
CA GLU H 229 -20.22 -20.87 -23.22
C GLU H 229 -20.10 -22.28 -23.82
N GLN H 230 -18.98 -22.93 -23.58
CA GLN H 230 -18.74 -24.26 -24.10
C GLN H 230 -19.47 -25.31 -23.26
N VAL H 231 -19.34 -25.21 -21.94
CA VAL H 231 -20.01 -26.15 -21.04
C VAL H 231 -21.52 -26.11 -21.26
N LEU H 232 -22.05 -24.91 -21.50
CA LEU H 232 -23.47 -24.73 -21.79
C LEU H 232 -23.84 -25.59 -23.00
N ALA H 233 -23.04 -25.47 -24.05
CA ALA H 233 -23.29 -26.18 -25.32
C ALA H 233 -23.22 -27.70 -25.15
N GLU H 234 -22.40 -28.17 -24.22
CA GLU H 234 -22.26 -29.60 -23.98
C GLU H 234 -23.47 -30.17 -23.24
N ARG H 235 -24.06 -29.36 -22.37
CA ARG H 235 -25.24 -29.79 -21.61
C ARG H 235 -26.51 -29.62 -22.43
N LEU H 236 -26.46 -28.78 -23.45
CA LEU H 236 -27.59 -28.58 -24.35
C LEU H 236 -27.52 -29.46 -25.59
N ALA H 237 -26.52 -30.33 -25.64
CA ALA H 237 -26.33 -31.24 -26.77
C ALA H 237 -27.50 -32.23 -26.90
N GLY H 238 -27.73 -32.99 -25.84
CA GLY H 238 -28.83 -33.96 -25.81
C GLY H 238 -30.17 -33.34 -26.12
N TRP H 239 -30.32 -32.06 -25.80
CA TRP H 239 -31.57 -31.35 -26.07
C TRP H 239 -31.67 -30.93 -27.53
N GLN H 240 -30.57 -30.45 -28.09
CA GLN H 240 -30.52 -30.07 -29.51
C GLN H 240 -30.70 -31.32 -30.37
N GLU H 241 -30.15 -32.43 -29.90
CA GLU H 241 -30.29 -33.72 -30.57
C GLU H 241 -31.74 -34.17 -30.57
N ARG H 242 -32.41 -34.03 -29.43
CA ARG H 242 -33.79 -34.49 -29.26
C ARG H 242 -34.80 -33.57 -29.94
N TYR H 243 -34.44 -32.30 -30.10
CA TYR H 243 -35.31 -31.32 -30.75
C TYR H 243 -34.60 -30.61 -31.90
N PRO H 244 -34.38 -31.32 -33.01
CA PRO H 244 -33.64 -30.78 -34.16
C PRO H 244 -34.36 -29.62 -34.84
N ASN H 245 -35.68 -29.55 -34.68
CA ASN H 245 -36.49 -28.55 -35.37
C ASN H 245 -36.42 -27.14 -34.75
N VAL H 246 -35.92 -27.05 -33.53
CA VAL H 246 -35.88 -25.76 -32.82
C VAL H 246 -34.45 -25.21 -32.68
N ALA H 247 -34.26 -23.95 -33.05
CA ALA H 247 -32.94 -23.33 -33.09
C ALA H 247 -32.51 -22.70 -31.77
N ILE H 248 -31.49 -23.30 -31.14
CA ILE H 248 -30.99 -22.83 -29.86
C ILE H 248 -30.07 -21.62 -29.98
N THR H 249 -30.27 -20.63 -29.11
CA THR H 249 -29.36 -19.51 -28.99
C THR H 249 -28.82 -19.44 -27.56
N ARG H 250 -27.54 -19.79 -27.40
CA ARG H 250 -26.92 -19.83 -26.08
C ARG H 250 -26.37 -18.47 -25.65
N VAL H 251 -26.62 -18.10 -24.40
CA VAL H 251 -26.13 -16.85 -23.85
C VAL H 251 -25.59 -17.06 -22.43
N VAL H 252 -24.34 -16.68 -22.21
CA VAL H 252 -23.76 -16.75 -20.88
C VAL H 252 -23.48 -15.36 -20.34
N VAL H 253 -24.05 -15.06 -19.17
CA VAL H 253 -23.78 -13.80 -18.50
C VAL H 253 -23.02 -14.06 -17.21
N ARG H 254 -22.48 -13.00 -16.61
CA ARG H 254 -21.59 -13.14 -15.47
C ARG H 254 -22.34 -13.54 -14.20
N ASP H 255 -23.33 -12.73 -13.83
CA ASP H 255 -24.09 -12.95 -12.61
C ASP H 255 -25.48 -12.33 -12.73
N GLN H 256 -26.22 -12.34 -11.63
CA GLN H 256 -27.56 -11.74 -11.58
C GLN H 256 -28.53 -12.37 -12.57
N PRO H 257 -28.80 -13.67 -12.42
CA PRO H 257 -29.68 -14.35 -13.37
C PRO H 257 -31.10 -13.79 -13.36
N ALA H 258 -31.63 -13.50 -12.18
CA ALA H 258 -32.99 -12.97 -12.06
C ALA H 258 -33.14 -11.70 -12.89
N ARG H 259 -32.31 -10.71 -12.61
CA ARG H 259 -32.41 -9.43 -13.29
C ARG H 259 -32.11 -9.55 -14.79
N GLN H 260 -31.22 -10.49 -15.14
CA GLN H 260 -30.93 -10.76 -16.54
C GLN H 260 -32.15 -11.32 -17.27
N LEU H 261 -32.77 -12.33 -16.67
CA LEU H 261 -33.97 -12.96 -17.25
C LEU H 261 -35.13 -11.96 -17.37
N VAL H 262 -35.35 -11.18 -16.30
CA VAL H 262 -36.42 -10.20 -16.30
C VAL H 262 -36.29 -9.18 -17.42
N GLN H 263 -35.06 -8.81 -17.75
CA GLN H 263 -34.83 -7.80 -18.78
C GLN H 263 -34.95 -8.40 -20.19
N ARG H 264 -34.46 -9.61 -20.36
CA ARG H 264 -34.50 -10.27 -21.66
C ARG H 264 -35.88 -10.83 -22.00
N SER H 265 -36.75 -10.88 -20.99
CA SER H 265 -38.11 -11.40 -21.19
C SER H 265 -38.94 -10.46 -22.05
N GLU H 266 -38.40 -9.26 -22.31
CA GLU H 266 -39.06 -8.29 -23.17
C GLU H 266 -38.96 -8.68 -24.65
N GLU H 267 -38.07 -9.60 -24.97
CA GLU H 267 -37.88 -10.06 -26.34
C GLU H 267 -38.33 -11.50 -26.49
N ALA H 268 -38.97 -12.03 -25.45
CA ALA H 268 -39.49 -13.39 -25.48
C ALA H 268 -41.00 -13.39 -25.30
N GLN H 269 -41.66 -14.46 -25.72
CA GLN H 269 -43.10 -14.59 -25.53
C GLN H 269 -43.41 -15.42 -24.29
N LEU H 270 -42.40 -16.15 -23.82
CA LEU H 270 -42.54 -17.02 -22.66
C LEU H 270 -41.20 -17.23 -21.97
N VAL H 271 -41.18 -17.12 -20.64
CA VAL H 271 -39.98 -17.38 -19.85
C VAL H 271 -40.20 -18.61 -18.98
N VAL H 272 -39.21 -19.49 -18.93
CA VAL H 272 -39.30 -20.69 -18.11
C VAL H 272 -38.13 -20.83 -17.14
N VAL H 273 -38.44 -21.07 -15.86
CA VAL H 273 -37.43 -21.29 -14.84
C VAL H 273 -37.91 -22.37 -13.89
N GLY H 274 -36.98 -23.00 -13.18
CA GLY H 274 -37.33 -23.96 -12.15
C GLY H 274 -37.83 -23.26 -10.90
N SER H 275 -38.29 -24.04 -9.92
CA SER H 275 -38.74 -23.46 -8.65
C SER H 275 -37.59 -23.49 -7.65
N ARG H 276 -36.55 -24.24 -7.99
CA ARG H 276 -35.35 -24.35 -7.17
C ARG H 276 -34.10 -24.37 -8.04
N GLY H 277 -32.93 -24.29 -7.43
CA GLY H 277 -31.68 -24.29 -8.18
C GLY H 277 -30.50 -24.84 -7.42
N ARG H 278 -29.30 -24.37 -7.78
CA ARG H 278 -28.06 -24.79 -7.13
C ARG H 278 -28.02 -24.38 -5.66
N GLY H 279 -28.57 -23.21 -5.37
CA GLY H 279 -28.47 -22.63 -4.04
C GLY H 279 -29.60 -22.99 -3.10
N GLY H 280 -30.15 -21.98 -2.43
CA GLY H 280 -31.24 -22.18 -1.50
C GLY H 280 -30.80 -22.81 -0.18
N TYR H 281 -31.77 -23.30 0.57
CA TYR H 281 -31.52 -23.90 1.88
C TYR H 281 -32.66 -24.84 2.24
N ALA H 282 -32.49 -25.56 3.35
CA ALA H 282 -33.50 -26.51 3.80
C ALA H 282 -34.78 -25.78 4.15
N GLY H 283 -35.90 -26.24 3.59
CA GLY H 283 -37.20 -25.68 3.92
C GLY H 283 -37.67 -24.62 2.94
N MET H 284 -36.78 -24.15 2.08
CA MET H 284 -37.15 -23.18 1.06
C MET H 284 -38.13 -23.83 0.07
N LEU H 285 -39.22 -23.13 -0.22
CA LEU H 285 -40.24 -23.69 -1.10
C LEU H 285 -40.09 -23.18 -2.53
N VAL H 286 -39.73 -21.92 -2.68
CA VAL H 286 -39.43 -21.36 -3.99
C VAL H 286 -38.17 -20.49 -3.93
N GLY H 287 -37.30 -20.64 -4.92
CA GLY H 287 -36.04 -19.90 -4.98
C GLY H 287 -36.28 -18.43 -5.31
N SER H 288 -35.27 -17.60 -5.04
CA SER H 288 -35.41 -16.17 -5.21
C SER H 288 -35.41 -15.75 -6.67
N VAL H 289 -34.71 -16.51 -7.51
CA VAL H 289 -34.69 -16.22 -8.93
C VAL H 289 -36.07 -16.57 -9.51
N GLY H 290 -36.55 -17.76 -9.15
CA GLY H 290 -37.87 -18.19 -9.57
C GLY H 290 -38.93 -17.18 -9.18
N GLU H 291 -38.94 -16.82 -7.89
CA GLU H 291 -39.91 -15.86 -7.39
C GLU H 291 -39.81 -14.50 -8.08
N THR H 292 -38.59 -13.99 -8.19
CA THR H 292 -38.37 -12.66 -8.74
C THR H 292 -38.71 -12.58 -10.23
N VAL H 293 -38.36 -13.62 -10.98
CA VAL H 293 -38.70 -13.65 -12.41
C VAL H 293 -40.22 -13.69 -12.57
N ALA H 294 -40.87 -14.52 -11.76
CA ALA H 294 -42.34 -14.60 -11.76
C ALA H 294 -42.98 -13.25 -11.47
N GLN H 295 -42.43 -12.50 -10.54
CA GLN H 295 -42.98 -11.21 -10.15
C GLN H 295 -42.76 -10.12 -11.20
N LEU H 296 -41.52 -9.99 -11.67
CA LEU H 296 -41.13 -8.81 -12.46
C LEU H 296 -41.08 -9.00 -13.97
N ALA H 297 -41.07 -10.26 -14.43
CA ALA H 297 -40.96 -10.53 -15.86
C ALA H 297 -42.06 -9.84 -16.66
N ARG H 298 -41.76 -9.52 -17.92
CA ARG H 298 -42.70 -8.78 -18.76
C ARG H 298 -43.59 -9.69 -19.61
N THR H 299 -43.42 -11.00 -19.47
CA THR H 299 -44.24 -11.97 -20.20
C THR H 299 -44.66 -13.13 -19.30
N PRO H 300 -45.50 -14.03 -19.83
CA PRO H 300 -45.86 -15.23 -19.09
C PRO H 300 -44.65 -15.98 -18.57
N VAL H 301 -44.73 -16.46 -17.34
CA VAL H 301 -43.63 -17.17 -16.70
C VAL H 301 -44.07 -18.56 -16.23
N ILE H 302 -43.33 -19.58 -16.61
CA ILE H 302 -43.59 -20.92 -16.13
C ILE H 302 -42.54 -21.32 -15.09
N VAL H 303 -42.99 -21.52 -13.86
CA VAL H 303 -42.10 -21.95 -12.79
C VAL H 303 -42.24 -23.46 -12.59
N ALA H 304 -41.21 -24.20 -13.00
CA ALA H 304 -41.28 -25.66 -13.01
C ALA H 304 -41.25 -26.28 -11.61
N ARG H 305 -42.31 -27.02 -11.28
CA ARG H 305 -42.37 -27.74 -10.02
C ARG H 305 -42.58 -29.23 -10.26
N GLU H 306 -41.84 -30.06 -9.52
CA GLU H 306 -41.94 -31.52 -9.66
C GLU H 306 -42.76 -32.14 -8.53
#